data_2EAC
#
_entry.id   2EAC
#
_cell.length_a   90.668
_cell.length_b   111.702
_cell.length_c   98.346
_cell.angle_alpha   90.00
_cell.angle_beta   95.31
_cell.angle_gamma   90.00
#
_symmetry.space_group_name_H-M   'P 1 21 1'
#
loop_
_entity.id
_entity.type
_entity.pdbx_description
1 polymer Alpha-fucosidase
2 non-polymer 'CALCIUM ION'
3 non-polymer (2S,3R,4S,5R)-2-METHYLPIPERIDINE-3,4,5-TRIOL
4 water water
#
_entity_poly.entity_id   1
_entity_poly.type   'polypeptide(L)'
_entity_poly.pdbx_seq_one_letter_code
;MVIASVEDGGDGDTSKDDWLWYKQPASQTDATATAGGNYGNPDNNRWQQTTLPFGNGKIGGTVWGEVSRERVTFNEETLW
TGGPGSSTSYNGGNNETKGQNGATLRALNKQLANGAETVNPGNLTGGENAAEQGNYLNWGDIYLDYGFNDTTVTEYRRDL
NLSKGKADVTFKHDGVTYTREYFASNPDNVMVARLTASKAGKLNFNVSMPTNTNYSKTGETTTVKGDTLTVKGALGNNGL
LYNSQIKVVLDNGEGTLSEGSDGASLKVSDAKAVTLYIAAATDYKQKYPSYRTGETAAEVNTRVAKVVQDAANKGYTAVK
KAHIDDHSAIYDRVKIDLGQSGHSSDGAVATDALLKAYQRGSATTAQKRELETLVYKYGRYLTIGSSRENSQLPSNLQGI
WSVTAGDNAHGNTPWGSDFHMNVNLQMNYWPTYSANMGELAEPLIEYVEGLVKPGRVTAKVYAGAETTNPETTPIGEGEG
YMAHTENTAYGWTAPGQSFSWGWSPAAVPWILQNVYEAYEYSGDPALLDRVYALLKEESHFYVNYMLHKAGSSSGDRLTT
GVAYSPEQGPLGTDGNTYESSLVWQMLNDAIEAAKAKGDPDGLVGNTTDCSADNWAKNDSGNFTDANANRSWSCAKSLLK
PIEVGDSGQIKEWYFEGALGKKKDGSTISGYQADNQHRHMSHLLGLFPGDLITIDNSEYMDAAKTSLRYRCFKGNVLQSN
TGWAIGQRINSWARTGDGNTTYQLVELQLKNAMYANLFDYHAPFQIDGNFGNTSGVDEMLLQSNSTFTDTAGKKYVNYTN
ILPALPDAWAGGSVSGLVARGNFTVGTTWKNGKATEVRLTSNKGKQAAVKITAGGAQNYEVKNGDTAVNAKVVTNADGAS
LLVFDTTAGTTYTITKKAS
;
_entity_poly.pdbx_strand_id   A,B
#
# COMPACT_ATOMS: atom_id res chain seq x y z
N ASP A 11 40.17 9.94 -41.40
CA ASP A 11 38.71 9.53 -41.41
C ASP A 11 38.08 9.38 -42.79
N GLY A 12 38.51 10.22 -43.72
CA GLY A 12 38.01 10.10 -45.08
C GLY A 12 36.64 10.73 -45.17
N ASP A 13 35.81 10.20 -46.06
CA ASP A 13 34.50 10.79 -46.29
C ASP A 13 33.54 10.27 -45.21
N THR A 14 33.16 11.16 -44.27
CA THR A 14 32.25 10.83 -43.15
C THR A 14 30.87 11.46 -43.35
N SER A 15 30.65 12.06 -44.52
CA SER A 15 29.36 12.72 -44.83
C SER A 15 28.18 11.76 -44.80
N LYS A 16 28.43 10.47 -45.01
CA LYS A 16 27.34 9.46 -44.98
C LYS A 16 27.17 8.73 -43.62
N ASP A 17 28.01 9.08 -42.65
CA ASP A 17 27.96 8.48 -41.33
C ASP A 17 26.84 9.02 -40.47
N ASP A 18 26.40 8.25 -39.47
CA ASP A 18 25.38 8.77 -38.54
C ASP A 18 26.07 9.44 -37.35
N TRP A 19 25.71 10.69 -37.07
CA TRP A 19 26.28 11.48 -35.98
C TRP A 19 25.25 12.07 -35.06
N LEU A 20 25.54 11.96 -33.76
CA LEU A 20 25.01 12.92 -32.78
C LEU A 20 26.07 13.99 -32.70
N TRP A 21 25.66 15.25 -32.74
CA TRP A 21 26.63 16.35 -32.77
C TRP A 21 26.11 17.62 -32.11
N TYR A 22 27.05 18.39 -31.54
CA TYR A 22 26.73 19.51 -30.64
C TYR A 22 27.71 20.65 -30.90
N LYS A 23 27.24 21.88 -30.82
CA LYS A 23 28.10 23.02 -31.05
C LYS A 23 28.74 23.56 -29.78
N GLN A 24 28.70 22.81 -28.68
CA GLN A 24 29.25 23.29 -27.42
C GLN A 24 29.55 22.09 -26.50
N PRO A 25 30.49 22.28 -25.56
CA PRO A 25 30.80 21.19 -24.59
C PRO A 25 29.60 20.75 -23.76
N ALA A 26 29.73 19.60 -23.11
CA ALA A 26 28.66 19.13 -22.22
C ALA A 26 28.27 20.18 -21.20
N SER A 27 29.24 20.91 -20.65
CA SER A 27 28.93 21.88 -19.59
C SER A 27 27.99 23.04 -20.06
N GLN A 28 27.93 23.28 -21.38
CA GLN A 28 27.06 24.31 -21.96
C GLN A 28 25.86 23.72 -22.70
N THR A 29 25.68 22.40 -22.57
CA THR A 29 24.56 21.70 -23.25
C THR A 29 23.36 21.67 -22.30
N ASP A 30 22.16 21.83 -22.83
CA ASP A 30 20.93 21.80 -22.05
C ASP A 30 20.79 20.50 -21.20
N ALA A 31 20.72 20.69 -19.88
CA ALA A 31 20.53 19.58 -18.97
C ALA A 31 19.31 19.87 -18.08
N THR A 32 18.28 20.48 -18.68
CA THR A 32 17.13 21.02 -17.93
C THR A 32 15.99 20.04 -17.79
N ALA A 33 16.11 18.82 -18.36
CA ALA A 33 15.07 17.83 -18.25
C ALA A 33 15.06 17.22 -16.83
N THR A 34 13.98 16.55 -16.46
CA THR A 34 13.85 15.98 -15.11
C THR A 34 15.08 15.14 -14.77
N ALA A 35 15.70 15.46 -13.64
CA ALA A 35 16.91 14.80 -13.18
C ALA A 35 16.67 13.37 -12.69
N GLY A 36 15.66 13.21 -11.83
CA GLY A 36 15.35 11.95 -11.20
C GLY A 36 16.14 11.68 -9.93
N GLY A 37 15.78 10.61 -9.23
CA GLY A 37 16.45 10.14 -8.03
C GLY A 37 17.93 9.93 -8.25
N ASN A 38 18.72 10.27 -7.20
CA ASN A 38 20.18 10.18 -7.15
C ASN A 38 20.96 11.20 -7.99
N TYR A 39 20.25 12.09 -8.66
CA TYR A 39 20.95 13.06 -9.47
C TYR A 39 20.71 14.50 -9.00
N GLY A 40 20.68 14.68 -7.68
CA GLY A 40 20.50 15.98 -7.08
C GLY A 40 21.74 16.82 -7.28
N ASN A 41 22.89 16.18 -7.36
CA ASN A 41 24.15 16.90 -7.64
C ASN A 41 24.16 17.35 -9.11
N PRO A 42 24.23 18.69 -9.38
CA PRO A 42 24.21 19.23 -10.74
C PRO A 42 25.22 18.62 -11.72
N ASP A 43 26.39 18.24 -11.21
CA ASP A 43 27.43 17.66 -12.07
C ASP A 43 27.08 16.28 -12.60
N ASN A 44 26.52 15.44 -11.73
CA ASN A 44 26.04 14.10 -12.09
C ASN A 44 24.86 14.18 -13.06
N ASN A 45 23.92 15.09 -12.78
CA ASN A 45 22.84 15.33 -13.72
C ASN A 45 23.33 15.78 -15.10
N ARG A 46 24.33 16.66 -15.12
CA ARG A 46 24.90 17.08 -16.38
C ARG A 46 25.50 15.88 -17.11
N TRP A 47 26.16 15.00 -16.37
CA TRP A 47 26.75 13.79 -16.97
C TRP A 47 25.69 13.02 -17.75
N GLN A 48 24.59 12.67 -17.10
CA GLN A 48 23.61 11.76 -17.73
C GLN A 48 22.89 12.44 -18.90
N GLN A 49 22.80 13.77 -18.91
CA GLN A 49 21.99 14.42 -19.97
C GLN A 49 22.78 14.79 -21.22
N THR A 50 24.11 14.91 -21.11
CA THR A 50 24.89 15.64 -22.11
C THR A 50 26.13 14.95 -22.68
N THR A 51 26.63 13.90 -22.01
CA THR A 51 27.86 13.24 -22.44
C THR A 51 27.58 12.13 -23.46
N LEU A 52 28.62 11.72 -24.18
CA LEU A 52 28.47 10.83 -25.33
C LEU A 52 29.22 9.54 -25.09
N PRO A 53 28.50 8.41 -25.15
CA PRO A 53 29.06 7.12 -24.70
C PRO A 53 29.72 6.30 -25.81
N PHE A 54 30.75 5.54 -25.44
CA PHE A 54 31.33 4.57 -26.34
C PHE A 54 31.87 3.44 -25.47
N GLY A 55 32.10 2.26 -26.03
CA GLY A 55 32.62 1.17 -25.27
C GLY A 55 32.95 -0.03 -26.13
N ASN A 56 33.52 -1.09 -25.53
CA ASN A 56 33.84 -2.31 -26.31
C ASN A 56 33.18 -3.55 -25.71
N GLY A 57 32.08 -3.30 -24.99
CA GLY A 57 31.37 -4.31 -24.25
C GLY A 57 31.90 -4.56 -22.85
N LYS A 58 33.11 -4.06 -22.58
CA LYS A 58 33.81 -4.27 -21.29
C LYS A 58 34.24 -2.96 -20.63
N ILE A 59 35.05 -2.14 -21.31
CA ILE A 59 35.30 -0.78 -20.82
C ILE A 59 34.49 0.24 -21.61
N GLY A 60 34.22 1.39 -20.99
CA GLY A 60 33.43 2.42 -21.66
C GLY A 60 33.81 3.79 -21.20
N GLY A 61 33.53 4.75 -22.06
CA GLY A 61 33.79 6.12 -21.72
C GLY A 61 32.56 6.95 -22.05
N THR A 62 32.47 8.12 -21.40
CA THR A 62 31.43 9.12 -21.70
C THR A 62 32.15 10.45 -21.76
N VAL A 63 32.16 11.04 -22.96
CA VAL A 63 32.99 12.21 -23.29
C VAL A 63 32.27 13.55 -23.02
N TRP A 64 32.92 14.43 -22.29
CA TRP A 64 32.30 15.74 -22.01
C TRP A 64 32.63 16.73 -23.13
N GLY A 65 33.82 16.62 -23.69
CA GLY A 65 34.29 17.53 -24.74
C GLY A 65 34.58 18.91 -24.18
N GLU A 66 35.09 19.00 -22.93
CA GLU A 66 35.40 20.31 -22.35
C GLU A 66 36.67 20.88 -23.02
N VAL A 67 36.70 22.21 -23.14
CA VAL A 67 37.79 22.94 -23.82
C VAL A 67 39.14 22.74 -23.10
N SER A 68 39.24 23.16 -21.84
CA SER A 68 40.51 23.12 -21.11
C SER A 68 40.66 21.85 -20.28
N ARG A 69 39.75 21.64 -19.33
CA ARG A 69 39.84 20.47 -18.49
C ARG A 69 38.93 19.39 -19.08
N GLU A 70 39.45 18.67 -20.07
CA GLU A 70 38.68 17.65 -20.75
C GLU A 70 38.41 16.49 -19.81
N ARG A 71 37.29 15.79 -20.01
CA ARG A 71 36.88 14.73 -19.06
C ARG A 71 36.25 13.57 -19.81
N VAL A 72 36.74 12.36 -19.56
CA VAL A 72 36.06 11.15 -20.01
C VAL A 72 35.69 10.31 -18.80
N THR A 73 34.42 10.29 -18.43
CA THR A 73 33.96 9.41 -17.34
C THR A 73 34.17 7.94 -17.75
N PHE A 74 34.83 7.16 -16.88
CA PHE A 74 35.35 5.81 -17.21
C PHE A 74 34.60 4.67 -16.47
N ASN A 75 34.32 3.54 -17.19
CA ASN A 75 33.69 2.37 -16.62
C ASN A 75 34.40 1.11 -17.09
N GLU A 76 34.38 0.09 -16.23
CA GLU A 76 34.61 -1.32 -16.65
C GLU A 76 33.48 -2.15 -16.06
N GLU A 77 32.93 -3.05 -16.89
CA GLU A 77 31.69 -3.78 -16.63
C GLU A 77 31.65 -4.61 -15.36
N THR A 78 32.83 -5.01 -14.85
CA THR A 78 32.84 -5.96 -13.71
C THR A 78 33.17 -5.25 -12.37
N LEU A 79 33.20 -3.91 -12.35
CA LEU A 79 33.51 -3.21 -11.08
C LEU A 79 32.20 -3.18 -10.26
N TRP A 80 31.98 -4.28 -9.56
CA TRP A 80 30.78 -4.54 -8.80
C TRP A 80 31.13 -4.79 -7.34
N THR A 81 30.53 -4.01 -6.43
CA THR A 81 30.62 -4.35 -5.00
C THR A 81 29.64 -5.47 -4.68
N GLY A 82 29.71 -6.03 -3.47
CA GLY A 82 28.81 -7.11 -3.11
C GLY A 82 29.49 -8.45 -3.33
N GLY A 83 28.74 -9.52 -3.02
CA GLY A 83 29.15 -10.88 -3.35
C GLY A 83 30.09 -11.46 -2.33
N PRO A 84 30.74 -12.60 -2.69
CA PRO A 84 31.63 -13.26 -1.71
C PRO A 84 32.76 -12.34 -1.25
N GLY A 85 33.04 -12.32 0.06
CA GLY A 85 34.06 -11.40 0.61
C GLY A 85 33.47 -10.10 1.13
N SER A 86 32.20 -9.81 0.83
CA SER A 86 31.53 -8.61 1.39
C SER A 86 31.01 -8.88 2.85
N SER A 87 30.98 -10.16 3.22
CA SER A 87 30.68 -10.67 4.56
C SER A 87 31.35 -12.03 4.67
N THR A 88 31.34 -12.61 5.87
CA THR A 88 31.88 -13.95 6.10
C THR A 88 30.85 -15.05 5.85
N SER A 89 29.66 -14.63 5.44
CA SER A 89 28.53 -15.55 5.27
C SER A 89 27.71 -15.34 3.98
N TYR A 90 28.29 -14.71 2.98
CA TYR A 90 27.56 -14.47 1.72
C TYR A 90 26.96 -15.77 1.15
N ASN A 91 25.63 -15.77 0.93
CA ASN A 91 24.95 -16.94 0.39
C ASN A 91 23.88 -16.46 -0.59
N GLY A 92 24.21 -15.50 -1.45
CA GLY A 92 23.29 -15.08 -2.52
C GLY A 92 22.04 -14.35 -2.05
N GLY A 93 22.07 -13.90 -0.80
CA GLY A 93 20.94 -13.24 -0.17
C GLY A 93 19.92 -14.19 0.42
N ASN A 94 20.15 -15.50 0.29
CA ASN A 94 19.16 -16.49 0.72
C ASN A 94 18.95 -16.53 2.23
N ASN A 95 17.68 -16.47 2.66
CA ASN A 95 17.35 -16.55 4.09
C ASN A 95 16.61 -17.84 4.44
N GLU A 96 17.33 -18.75 5.04
CA GLU A 96 16.82 -20.07 5.41
C GLU A 96 15.71 -20.06 6.43
N THR A 97 15.73 -19.09 7.35
CA THR A 97 14.67 -18.98 8.35
C THR A 97 13.37 -18.47 7.70
N LYS A 98 13.52 -17.74 6.60
CA LYS A 98 12.38 -17.22 5.82
C LYS A 98 11.82 -18.31 4.93
N GLY A 99 12.69 -18.98 4.16
CA GLY A 99 12.26 -19.97 3.17
C GLY A 99 11.78 -21.26 3.81
N GLN A 100 12.49 -21.72 4.86
CA GLN A 100 12.18 -22.97 5.55
C GLN A 100 12.06 -24.14 4.57
N ASN A 101 13.02 -24.22 3.64
CA ASN A 101 13.08 -25.33 2.66
C ASN A 101 11.75 -25.53 1.94
N GLY A 102 11.06 -24.42 1.66
CA GLY A 102 9.79 -24.48 0.90
C GLY A 102 8.51 -24.54 1.70
N ALA A 103 8.60 -24.68 3.02
CA ALA A 103 7.42 -24.78 3.91
C ALA A 103 6.66 -23.47 4.01
N THR A 104 7.39 -22.34 3.99
CA THR A 104 6.73 -21.05 4.04
C THR A 104 5.82 -20.81 2.81
N LEU A 105 6.39 -20.96 1.61
CA LEU A 105 5.61 -20.94 0.39
C LEU A 105 4.43 -21.99 0.35
N ARG A 106 4.70 -23.24 0.73
CA ARG A 106 3.68 -24.30 0.73
C ARG A 106 2.47 -23.94 1.60
N ALA A 107 2.72 -23.35 2.76
CA ALA A 107 1.68 -22.94 3.71
C ALA A 107 0.85 -21.83 3.10
N LEU A 108 1.54 -20.85 2.48
CA LEU A 108 0.84 -19.75 1.80
C LEU A 108 -0.04 -20.22 0.64
N ASN A 109 0.51 -21.09 -0.21
CA ASN A 109 -0.28 -21.71 -1.29
C ASN A 109 -1.45 -22.54 -0.81
N LYS A 110 -1.29 -23.25 0.30
CA LYS A 110 -2.41 -23.97 0.88
C LYS A 110 -3.53 -23.01 1.31
N GLN A 111 -3.18 -21.86 1.88
CA GLN A 111 -4.21 -20.89 2.23
C GLN A 111 -4.97 -20.40 1.01
N LEU A 112 -4.25 -20.28 -0.12
CA LEU A 112 -4.87 -19.82 -1.37
C LEU A 112 -5.81 -20.87 -1.96
N ALA A 113 -5.31 -22.11 -2.03
CA ALA A 113 -6.02 -23.25 -2.55
C ALA A 113 -7.33 -23.46 -1.77
N ASN A 114 -7.29 -23.17 -0.47
CA ASN A 114 -8.49 -23.28 0.38
C ASN A 114 -9.48 -22.12 0.26
N GLY A 115 -9.22 -21.22 -0.69
CA GLY A 115 -10.19 -20.16 -0.99
C GLY A 115 -9.83 -18.72 -0.64
N ALA A 116 -8.65 -18.48 -0.05
CA ALA A 116 -8.26 -17.09 0.22
C ALA A 116 -8.05 -16.31 -1.10
N GLU A 117 -8.43 -15.05 -1.10
CA GLU A 117 -8.16 -14.18 -2.21
C GLU A 117 -6.75 -13.63 -2.20
N THR A 118 -6.29 -13.24 -1.01
CA THR A 118 -4.92 -12.80 -0.80
C THR A 118 -4.37 -13.47 0.46
N VAL A 119 -3.05 -13.52 0.55
CA VAL A 119 -2.35 -14.03 1.72
C VAL A 119 -1.27 -13.00 2.03
N ASN A 120 -0.64 -13.09 3.20
CA ASN A 120 0.48 -12.19 3.55
C ASN A 120 1.79 -12.89 3.24
N PRO A 121 2.47 -12.45 2.15
CA PRO A 121 3.70 -13.08 1.70
C PRO A 121 4.96 -12.45 2.30
N GLY A 122 4.76 -11.69 3.39
CA GLY A 122 5.80 -10.89 4.03
C GLY A 122 7.03 -11.66 4.46
N ASN A 123 6.88 -12.94 4.74
CA ASN A 123 8.01 -13.80 5.08
C ASN A 123 8.79 -14.35 3.85
N LEU A 124 8.33 -14.09 2.64
CA LEU A 124 9.02 -14.63 1.45
C LEU A 124 10.03 -13.62 0.94
N THR A 125 11.03 -13.36 1.77
CA THR A 125 12.02 -12.32 1.55
C THR A 125 13.43 -12.87 1.72
N GLY A 126 14.39 -12.08 1.29
CA GLY A 126 15.80 -12.38 1.48
C GLY A 126 16.57 -11.10 1.22
N GLY A 127 17.89 -11.19 1.06
CA GLY A 127 18.64 -10.03 0.59
C GLY A 127 18.66 -8.80 1.47
N GLU A 128 18.81 -8.99 2.78
CA GLU A 128 18.73 -7.88 3.74
C GLU A 128 20.01 -7.03 3.83
N ASN A 129 21.18 -7.61 3.59
CA ASN A 129 22.44 -6.90 3.73
C ASN A 129 22.79 -6.20 2.41
N ALA A 130 22.64 -4.87 2.37
CA ALA A 130 22.94 -4.06 1.20
C ALA A 130 24.42 -4.08 0.82
N ALA A 131 25.29 -4.36 1.78
CA ALA A 131 26.71 -4.52 1.47
C ALA A 131 26.98 -5.84 0.70
N GLU A 132 26.16 -6.86 0.95
CA GLU A 132 26.28 -8.13 0.23
C GLU A 132 25.65 -8.02 -1.16
N GLN A 133 24.53 -7.31 -1.26
CA GLN A 133 23.89 -7.19 -2.56
C GLN A 133 24.86 -6.44 -3.46
N GLY A 134 25.34 -5.30 -2.98
CA GLY A 134 26.29 -4.49 -3.73
C GLY A 134 25.62 -3.82 -4.90
N ASN A 135 26.43 -3.25 -5.78
CA ASN A 135 25.95 -2.52 -6.95
C ASN A 135 27.06 -2.28 -7.96
N TYR A 136 26.69 -1.77 -9.13
CA TYR A 136 27.67 -1.41 -10.14
C TYR A 136 28.28 -0.05 -9.81
N LEU A 137 29.61 0.08 -9.95
CA LEU A 137 30.30 1.32 -9.59
C LEU A 137 30.76 2.05 -10.82
N ASN A 138 30.61 3.38 -10.83
CA ASN A 138 31.45 4.20 -11.72
C ASN A 138 32.90 3.96 -11.29
N TRP A 139 33.77 3.68 -12.26
CA TRP A 139 35.16 3.38 -11.94
C TRP A 139 35.84 4.69 -11.53
N GLY A 140 35.71 5.70 -12.39
CA GLY A 140 36.33 7.01 -12.19
C GLY A 140 36.22 7.87 -13.42
N ASP A 141 37.26 8.67 -13.67
CA ASP A 141 37.30 9.56 -14.83
C ASP A 141 38.72 9.65 -15.32
N ILE A 142 38.86 9.97 -16.60
CA ILE A 142 40.15 10.37 -17.19
C ILE A 142 40.06 11.87 -17.36
N TYR A 143 41.02 12.60 -16.81
CA TYR A 143 41.09 14.04 -17.02
C TYR A 143 42.28 14.40 -17.90
N LEU A 144 42.06 15.22 -18.92
CA LEU A 144 43.14 15.68 -19.80
C LEU A 144 43.11 17.18 -19.67
N ASP A 145 43.97 17.72 -18.81
CA ASP A 145 43.87 19.12 -18.42
C ASP A 145 44.85 19.95 -19.24
N TYR A 146 44.32 20.77 -20.14
CA TYR A 146 45.12 21.52 -21.11
C TYR A 146 45.63 22.83 -20.49
N GLY A 147 45.04 23.22 -19.38
CA GLY A 147 45.48 24.39 -18.62
C GLY A 147 45.44 25.68 -19.42
N PHE A 148 44.44 25.83 -20.28
CA PHE A 148 44.20 27.09 -20.99
C PHE A 148 43.80 28.18 -19.98
N ASN A 149 44.23 29.43 -20.23
CA ASN A 149 43.86 30.59 -19.40
C ASN A 149 42.39 31.03 -19.48
N ASP A 150 41.78 30.86 -20.65
CA ASP A 150 40.35 30.99 -20.83
C ASP A 150 39.81 29.89 -21.79
N THR A 151 38.50 29.71 -21.84
CA THR A 151 37.93 28.65 -22.65
C THR A 151 37.27 29.23 -23.89
N THR A 152 37.73 30.42 -24.28
CA THR A 152 37.23 31.08 -25.46
C THR A 152 37.73 30.32 -26.69
N VAL A 153 36.78 29.92 -27.53
CA VAL A 153 37.11 29.15 -28.70
C VAL A 153 36.18 29.54 -29.86
N THR A 154 36.57 29.16 -31.07
CA THR A 154 35.68 29.19 -32.22
C THR A 154 35.74 27.81 -32.87
N GLU A 155 34.88 27.54 -33.85
CA GLU A 155 34.92 26.29 -34.63
C GLU A 155 34.78 25.01 -33.78
N TYR A 156 34.06 25.12 -32.66
CA TYR A 156 33.84 24.03 -31.74
C TYR A 156 32.79 23.05 -32.30
N ARG A 157 33.16 21.79 -32.37
CA ARG A 157 32.16 20.73 -32.53
C ARG A 157 32.57 19.54 -31.67
N ARG A 158 31.58 18.89 -31.03
CA ARG A 158 31.79 17.51 -30.52
C ARG A 158 30.78 16.60 -31.18
N ASP A 159 31.18 15.37 -31.47
CA ASP A 159 30.23 14.40 -32.02
C ASP A 159 30.46 12.98 -31.55
N LEU A 160 29.47 12.16 -31.81
CA LEU A 160 29.59 10.72 -31.73
C LEU A 160 29.22 10.13 -33.06
N ASN A 161 30.19 9.47 -33.67
CA ASN A 161 30.03 8.85 -34.97
C ASN A 161 29.59 7.42 -34.70
N LEU A 162 28.28 7.18 -34.82
CA LEU A 162 27.69 5.86 -34.58
C LEU A 162 28.22 4.84 -35.58
N SER A 163 28.54 5.29 -36.79
CA SER A 163 28.96 4.41 -37.88
C SER A 163 30.38 3.88 -37.69
N LYS A 164 31.27 4.74 -37.17
CA LYS A 164 32.66 4.37 -36.96
C LYS A 164 32.97 4.05 -35.50
N GLY A 165 32.01 4.32 -34.61
CA GLY A 165 32.11 3.83 -33.24
C GLY A 165 33.16 4.64 -32.51
N LYS A 166 33.11 5.96 -32.69
CA LYS A 166 34.04 6.88 -32.07
C LYS A 166 33.45 8.23 -31.73
N ALA A 167 34.03 8.88 -30.72
CA ALA A 167 33.62 10.24 -30.31
C ALA A 167 34.73 11.22 -30.71
N ASP A 168 34.35 12.42 -31.14
CA ASP A 168 35.32 13.36 -31.69
C ASP A 168 35.08 14.69 -31.03
N VAL A 169 36.16 15.47 -30.91
CA VAL A 169 36.09 16.86 -30.39
C VAL A 169 37.05 17.70 -31.24
N THR A 170 36.61 18.88 -31.65
CA THR A 170 37.46 19.84 -32.33
C THR A 170 37.07 21.27 -31.91
N PHE A 171 38.06 22.15 -31.76
CA PHE A 171 37.84 23.58 -31.56
C PHE A 171 39.11 24.34 -31.96
N LYS A 172 39.01 25.65 -32.07
CA LYS A 172 40.16 26.48 -32.33
C LYS A 172 40.38 27.37 -31.12
N HIS A 173 41.55 27.29 -30.53
CA HIS A 173 41.87 28.12 -29.36
C HIS A 173 43.19 28.88 -29.62
N ASP A 174 43.15 30.21 -29.46
CA ASP A 174 44.32 31.09 -29.75
C ASP A 174 45.05 30.71 -31.04
N GLY A 175 44.33 30.64 -32.15
CA GLY A 175 44.92 30.32 -33.46
C GLY A 175 45.27 28.87 -33.75
N VAL A 176 45.10 27.99 -32.77
CA VAL A 176 45.50 26.60 -32.93
C VAL A 176 44.25 25.69 -32.89
N THR A 177 44.23 24.71 -33.79
CA THR A 177 43.15 23.75 -33.83
C THR A 177 43.55 22.52 -33.05
N TYR A 178 42.76 22.22 -32.02
CA TYR A 178 42.90 21.01 -31.20
C TYR A 178 41.83 19.99 -31.59
N THR A 179 42.24 18.75 -31.80
CA THR A 179 41.25 17.72 -31.98
C THR A 179 41.44 16.57 -30.98
N ARG A 180 40.35 15.87 -30.70
CA ARG A 180 40.37 14.68 -29.88
C ARG A 180 39.51 13.58 -30.56
N GLU A 181 39.95 12.34 -30.40
CA GLU A 181 39.18 11.22 -30.88
C GLU A 181 39.27 10.11 -29.86
N TYR A 182 38.15 9.46 -29.58
CA TYR A 182 38.10 8.43 -28.55
C TYR A 182 37.34 7.21 -29.06
N PHE A 183 37.86 6.03 -28.83
CA PHE A 183 37.10 4.82 -29.14
C PHE A 183 37.59 3.70 -28.25
N ALA A 184 36.80 2.63 -28.13
CA ALA A 184 37.24 1.48 -27.36
C ALA A 184 37.16 0.25 -28.24
N SER A 185 38.32 -0.34 -28.51
CA SER A 185 38.40 -1.46 -29.44
C SER A 185 38.04 -2.78 -28.80
N ASN A 186 37.15 -3.54 -29.43
CA ASN A 186 36.92 -4.89 -28.97
C ASN A 186 38.08 -5.84 -29.37
N PRO A 187 38.50 -5.87 -30.68
CA PRO A 187 39.61 -6.79 -31.05
C PRO A 187 40.90 -6.62 -30.25
N ASP A 188 41.25 -5.38 -29.90
CA ASP A 188 42.47 -5.12 -29.15
C ASP A 188 42.20 -4.77 -27.68
N ASN A 189 40.93 -4.81 -27.29
CA ASN A 189 40.54 -4.74 -25.89
C ASN A 189 41.09 -3.50 -25.20
N VAL A 190 41.03 -2.37 -25.89
CA VAL A 190 41.77 -1.19 -25.40
C VAL A 190 40.98 0.06 -25.76
N MET A 191 41.08 1.06 -24.91
CA MET A 191 40.50 2.36 -25.18
C MET A 191 41.62 3.28 -25.71
N VAL A 192 41.27 4.12 -26.70
CA VAL A 192 42.27 4.88 -27.44
C VAL A 192 41.85 6.33 -27.42
N ALA A 193 42.78 7.22 -27.06
CA ALA A 193 42.54 8.65 -27.19
C ALA A 193 43.61 9.24 -28.09
N ARG A 194 43.21 9.81 -29.22
CA ARG A 194 44.16 10.39 -30.17
C ARG A 194 44.00 11.89 -30.08
N LEU A 195 45.06 12.57 -29.66
CA LEU A 195 44.98 13.98 -29.34
C LEU A 195 46.00 14.69 -30.21
N THR A 196 45.59 15.81 -30.78
CA THR A 196 46.30 16.50 -31.81
C THR A 196 46.25 18.01 -31.55
N ALA A 197 47.34 18.72 -31.88
CA ALA A 197 47.30 20.17 -32.06
C ALA A 197 47.77 20.51 -33.48
N SER A 198 47.26 21.61 -34.05
CA SER A 198 47.60 21.95 -35.45
C SER A 198 49.01 22.56 -35.65
N LYS A 199 49.66 23.01 -34.58
CA LYS A 199 51.02 23.60 -34.65
C LYS A 199 51.91 22.83 -33.69
N ALA A 200 53.13 22.47 -34.14
CA ALA A 200 54.08 21.76 -33.29
C ALA A 200 54.36 22.56 -32.02
N GLY A 201 54.52 21.84 -30.91
CA GLY A 201 54.74 22.48 -29.62
C GLY A 201 53.49 22.88 -28.88
N LYS A 202 52.33 22.91 -29.55
CA LYS A 202 51.13 23.45 -28.91
C LYS A 202 50.25 22.45 -28.15
N LEU A 203 50.60 21.16 -28.21
CA LEU A 203 49.88 20.18 -27.42
C LEU A 203 50.55 20.03 -26.04
N ASN A 204 49.90 20.58 -25.02
CA ASN A 204 50.39 20.52 -23.62
C ASN A 204 49.21 20.14 -22.78
N PHE A 205 49.33 19.08 -22.01
CA PHE A 205 48.22 18.70 -21.10
C PHE A 205 48.72 17.76 -20.02
N ASN A 206 47.98 17.68 -18.93
CA ASN A 206 48.26 16.73 -17.87
C ASN A 206 47.18 15.64 -17.92
N VAL A 207 47.58 14.38 -17.88
CA VAL A 207 46.64 13.26 -17.82
C VAL A 207 46.66 12.55 -16.48
N SER A 208 45.46 12.36 -15.93
CA SER A 208 45.30 11.68 -14.68
C SER A 208 44.04 10.82 -14.80
N MET A 209 43.92 9.84 -13.92
CA MET A 209 42.79 8.94 -13.92
C MET A 209 42.28 8.69 -12.48
N PRO A 210 41.70 9.74 -11.83
CA PRO A 210 41.20 9.49 -10.46
C PRO A 210 40.03 8.47 -10.43
N THR A 211 40.11 7.51 -9.52
CA THR A 211 38.93 6.68 -9.16
C THR A 211 37.84 7.49 -8.47
N ASN A 212 36.59 7.04 -8.61
CA ASN A 212 35.48 7.72 -8.00
C ASN A 212 35.77 7.78 -6.50
N THR A 213 35.50 8.94 -5.89
CA THR A 213 35.88 9.18 -4.47
C THR A 213 34.89 8.59 -3.47
N ASN A 214 33.80 7.99 -3.97
CA ASN A 214 32.68 7.65 -3.08
C ASN A 214 32.58 6.18 -2.67
N TYR A 215 33.30 5.28 -3.35
CA TYR A 215 33.41 3.92 -2.88
C TYR A 215 34.63 3.69 -2.01
N SER A 216 34.53 2.78 -1.02
CA SER A 216 35.67 2.52 -0.11
C SER A 216 36.76 1.74 -0.81
N LYS A 217 38.01 1.97 -0.43
CA LYS A 217 39.13 1.33 -1.11
C LYS A 217 40.17 0.84 -0.11
N THR A 218 40.91 -0.19 -0.51
CA THR A 218 41.96 -0.77 0.27
C THR A 218 43.26 -0.73 -0.54
N GLY A 219 44.28 -0.05 -0.02
CA GLY A 219 45.63 -0.13 -0.62
C GLY A 219 45.78 0.43 -2.04
N GLU A 220 44.98 1.42 -2.38
CA GLU A 220 45.02 1.94 -3.72
C GLU A 220 46.30 2.74 -3.84
N THR A 221 47.03 2.55 -4.95
CA THR A 221 48.12 3.45 -5.30
C THR A 221 47.97 3.97 -6.74
N THR A 222 48.50 5.17 -6.98
CA THR A 222 48.62 5.75 -8.30
C THR A 222 50.10 6.02 -8.48
N THR A 223 50.71 5.40 -9.49
CA THR A 223 52.14 5.57 -9.73
C THR A 223 52.43 5.76 -11.24
N VAL A 224 53.56 6.40 -11.52
CA VAL A 224 54.06 6.60 -12.87
C VAL A 224 55.42 5.85 -13.04
N LYS A 225 55.52 5.04 -14.08
CA LYS A 225 56.79 4.47 -14.49
C LYS A 225 56.91 4.68 -15.98
N GLY A 226 57.86 5.54 -16.37
CA GLY A 226 58.12 5.81 -17.78
C GLY A 226 56.90 6.44 -18.41
N ASP A 227 56.40 5.81 -19.46
CA ASP A 227 55.28 6.38 -20.22
C ASP A 227 53.88 6.01 -19.70
N THR A 228 53.80 5.38 -18.53
CA THR A 228 52.56 4.72 -18.08
C THR A 228 52.17 5.08 -16.65
N LEU A 229 50.91 5.46 -16.51
CA LEU A 229 50.24 5.81 -15.26
C LEU A 229 49.36 4.62 -14.86
N THR A 230 49.52 4.13 -13.64
CA THR A 230 48.78 2.98 -13.12
C THR A 230 48.05 3.33 -11.86
N VAL A 231 46.75 3.05 -11.84
CA VAL A 231 45.96 3.13 -10.63
C VAL A 231 45.53 1.69 -10.30
N LYS A 232 45.78 1.23 -9.07
CA LYS A 232 45.39 -0.11 -8.68
C LYS A 232 45.07 -0.17 -7.21
N GLY A 233 44.13 -1.03 -6.86
CA GLY A 233 43.69 -1.22 -5.48
C GLY A 233 42.76 -2.41 -5.39
N ALA A 234 42.05 -2.49 -4.26
CA ALA A 234 41.04 -3.49 -4.01
C ALA A 234 39.87 -2.70 -3.49
N LEU A 235 38.66 -3.08 -3.88
CA LEU A 235 37.44 -2.47 -3.36
C LEU A 235 37.38 -2.75 -1.87
N GLY A 236 37.09 -1.73 -1.07
CA GLY A 236 37.01 -1.95 0.36
C GLY A 236 35.82 -2.81 0.73
N ASN A 237 34.76 -2.78 -0.08
CA ASN A 237 33.58 -3.62 0.21
C ASN A 237 33.82 -5.16 0.10
N ASN A 238 34.59 -5.63 -0.89
CA ASN A 238 34.68 -7.07 -1.11
C ASN A 238 36.05 -7.62 -1.51
N GLY A 239 37.08 -6.77 -1.51
CA GLY A 239 38.42 -7.22 -1.91
C GLY A 239 38.61 -7.36 -3.41
N LEU A 240 37.60 -7.03 -4.21
CA LEU A 240 37.77 -7.12 -5.68
C LEU A 240 38.97 -6.29 -6.08
N LEU A 241 39.91 -6.91 -6.82
CA LEU A 241 41.11 -6.25 -7.36
C LEU A 241 40.78 -5.46 -8.60
N TYR A 242 41.31 -4.25 -8.69
CA TYR A 242 41.14 -3.46 -9.88
C TYR A 242 42.45 -2.77 -10.27
N ASN A 243 42.62 -2.57 -11.58
CA ASN A 243 43.87 -2.02 -12.11
C ASN A 243 43.54 -1.29 -13.41
N SER A 244 43.87 -0.01 -13.51
CA SER A 244 43.77 0.65 -14.81
C SER A 244 45.10 1.28 -15.15
N GLN A 245 45.37 1.37 -16.45
CA GLN A 245 46.63 1.92 -16.95
C GLN A 245 46.45 2.83 -18.16
N ILE A 246 47.16 3.95 -18.16
CA ILE A 246 47.22 4.83 -19.33
C ILE A 246 48.66 4.90 -19.81
N LYS A 247 48.89 4.43 -21.03
CA LYS A 247 50.21 4.48 -21.68
C LYS A 247 50.15 5.59 -22.71
N VAL A 248 51.08 6.55 -22.58
CA VAL A 248 51.07 7.78 -23.37
C VAL A 248 52.20 7.68 -24.39
N VAL A 249 51.84 7.63 -25.67
CA VAL A 249 52.80 7.35 -26.75
C VAL A 249 52.86 8.61 -27.61
N LEU A 250 53.97 9.35 -27.47
CA LEU A 250 54.21 10.54 -28.30
C LEU A 250 54.54 10.09 -29.72
N ASP A 251 54.04 10.83 -30.71
CA ASP A 251 54.47 10.61 -32.10
C ASP A 251 55.98 10.81 -32.27
N ASN A 252 56.59 9.89 -33.01
CA ASN A 252 58.03 9.88 -33.32
C ASN A 252 58.72 11.25 -33.42
N GLY A 255 57.80 15.69 -29.05
CA GLY A 255 57.46 16.35 -27.78
C GLY A 255 58.11 15.78 -26.53
N THR A 256 57.58 16.18 -25.37
CA THR A 256 58.16 15.81 -24.06
C THR A 256 57.17 15.09 -23.13
N LEU A 257 57.60 14.04 -22.47
CA LEU A 257 56.80 13.35 -21.46
C LEU A 257 57.43 13.32 -20.06
N SER A 258 56.78 13.93 -19.07
CA SER A 258 57.27 13.92 -17.70
C SER A 258 56.23 13.53 -16.66
N GLU A 259 56.71 13.00 -15.55
CA GLU A 259 55.88 12.70 -14.41
C GLU A 259 55.31 14.01 -13.89
N GLY A 260 54.00 14.01 -13.65
CA GLY A 260 53.31 15.19 -13.14
C GLY A 260 53.88 15.49 -11.78
N SER A 261 53.83 16.77 -11.41
CA SER A 261 54.43 17.22 -10.16
C SER A 261 53.73 16.57 -8.96
N ASP A 262 52.43 16.30 -9.08
CA ASP A 262 51.68 15.55 -8.05
C ASP A 262 52.08 14.07 -7.91
N GLY A 263 52.91 13.56 -8.81
CA GLY A 263 53.33 12.16 -8.77
C GLY A 263 52.20 11.19 -9.10
N ALA A 264 51.06 11.74 -9.56
CA ALA A 264 49.82 10.99 -9.80
C ALA A 264 49.25 11.26 -11.19
N SER A 265 50.11 11.76 -12.07
CA SER A 265 49.71 12.18 -13.41
C SER A 265 50.92 12.17 -14.32
N LEU A 266 50.68 12.23 -15.62
CA LEU A 266 51.73 12.39 -16.63
C LEU A 266 51.50 13.70 -17.35
N LYS A 267 52.62 14.31 -17.73
CA LYS A 267 52.65 15.63 -18.35
C LYS A 267 53.23 15.52 -19.74
N VAL A 268 52.41 15.91 -20.71
CA VAL A 268 52.84 15.97 -22.09
C VAL A 268 53.08 17.42 -22.36
N SER A 269 54.27 17.75 -22.82
CA SER A 269 54.54 19.16 -23.18
C SER A 269 55.23 19.31 -24.51
N ASP A 270 54.97 20.45 -25.12
CA ASP A 270 55.64 20.82 -26.36
C ASP A 270 55.50 19.74 -27.43
N ALA A 271 54.31 19.17 -27.53
CA ALA A 271 54.09 18.08 -28.46
C ALA A 271 53.19 18.54 -29.61
N LYS A 272 52.89 17.65 -30.54
CA LYS A 272 51.92 17.96 -31.59
C LYS A 272 50.79 16.92 -31.65
N ALA A 273 51.13 15.63 -31.51
CA ALA A 273 50.13 14.55 -31.46
C ALA A 273 50.62 13.39 -30.60
N VAL A 274 49.68 12.76 -29.88
CA VAL A 274 49.94 11.66 -28.98
C VAL A 274 48.76 10.70 -29.05
N THR A 275 49.05 9.43 -28.76
CA THR A 275 48.03 8.40 -28.62
C THR A 275 48.16 7.91 -27.20
N LEU A 276 47.01 7.80 -26.53
CA LEU A 276 46.91 7.25 -25.19
C LEU A 276 46.28 5.92 -25.38
N TYR A 277 46.88 4.88 -24.81
CA TYR A 277 46.24 3.55 -24.76
C TYR A 277 45.76 3.34 -23.34
N ILE A 278 44.44 3.14 -23.20
CA ILE A 278 43.85 2.92 -21.85
C ILE A 278 43.27 1.52 -21.70
N ALA A 279 43.69 0.80 -20.64
CA ALA A 279 43.12 -0.51 -20.35
C ALA A 279 42.75 -0.60 -18.86
N ALA A 280 41.83 -1.51 -18.53
CA ALA A 280 41.45 -1.73 -17.14
C ALA A 280 40.90 -3.13 -17.01
N ALA A 281 40.98 -3.69 -15.79
CA ALA A 281 40.43 -5.01 -15.54
C ALA A 281 40.33 -5.17 -14.04
N THR A 282 39.49 -6.12 -13.62
CA THR A 282 39.43 -6.60 -12.25
C THR A 282 39.74 -8.12 -12.24
N ASP A 283 39.77 -8.72 -11.05
CA ASP A 283 39.81 -10.22 -10.96
C ASP A 283 38.45 -10.90 -10.83
N TYR A 284 37.37 -10.20 -11.20
CA TYR A 284 36.03 -10.78 -11.28
C TYR A 284 36.06 -12.00 -12.18
N LYS A 285 35.24 -13.00 -11.85
CA LYS A 285 34.92 -14.05 -12.80
C LYS A 285 33.52 -14.54 -12.52
N GLN A 286 32.73 -14.75 -13.56
CA GLN A 286 31.41 -15.31 -13.36
C GLN A 286 31.57 -16.83 -13.16
N LYS A 287 31.82 -17.19 -11.91
CA LYS A 287 32.15 -18.55 -11.52
C LYS A 287 31.75 -18.71 -10.09
N TYR A 288 30.69 -19.48 -9.88
CA TYR A 288 30.12 -19.69 -8.58
C TYR A 288 31.02 -20.72 -7.86
N PRO A 289 31.22 -20.60 -6.55
CA PRO A 289 30.80 -19.57 -5.60
C PRO A 289 31.77 -18.41 -5.35
N SER A 290 33.01 -18.50 -5.83
CA SER A 290 34.02 -17.53 -5.45
C SER A 290 33.99 -16.23 -6.29
N TYR A 291 33.55 -16.33 -7.55
CA TYR A 291 33.44 -15.16 -8.46
C TYR A 291 34.77 -14.40 -8.62
N ARG A 292 35.90 -15.13 -8.64
CA ARG A 292 37.23 -14.51 -8.84
C ARG A 292 38.04 -15.38 -9.81
N THR A 293 38.97 -14.76 -10.53
CA THR A 293 39.89 -15.51 -11.41
C THR A 293 40.91 -16.33 -10.62
N GLY A 294 41.22 -15.89 -9.39
CA GLY A 294 42.34 -16.45 -8.64
C GLY A 294 43.67 -15.71 -8.86
N GLU A 295 43.69 -14.73 -9.75
CA GLU A 295 44.88 -13.94 -9.94
C GLU A 295 45.21 -13.15 -8.71
N THR A 296 46.50 -12.87 -8.56
CA THR A 296 46.99 -11.96 -7.54
C THR A 296 46.94 -10.56 -8.14
N ALA A 297 47.16 -9.55 -7.31
CA ALA A 297 47.20 -8.18 -7.80
C ALA A 297 48.33 -7.99 -8.83
N ALA A 298 49.48 -8.61 -8.58
CA ALA A 298 50.61 -8.58 -9.56
C ALA A 298 50.24 -9.19 -10.91
N GLU A 299 49.46 -10.27 -10.85
CA GLU A 299 49.00 -10.91 -12.08
C GLU A 299 48.03 -10.02 -12.89
N VAL A 300 47.07 -9.38 -12.22
CA VAL A 300 46.14 -8.48 -12.92
C VAL A 300 46.94 -7.33 -13.53
N ASN A 301 47.96 -6.88 -12.79
CA ASN A 301 48.79 -5.77 -13.21
C ASN A 301 49.52 -6.08 -14.51
N THR A 302 50.11 -7.27 -14.52
CA THR A 302 50.85 -7.76 -15.66
C THR A 302 49.91 -7.92 -16.84
N ARG A 303 48.71 -8.42 -16.59
CA ARG A 303 47.73 -8.65 -17.64
C ARG A 303 47.36 -7.31 -18.32
N VAL A 304 47.05 -6.31 -17.50
CA VAL A 304 46.64 -4.99 -18.00
C VAL A 304 47.76 -4.26 -18.76
N ALA A 305 48.98 -4.28 -18.21
CA ALA A 305 50.17 -3.75 -18.89
C ALA A 305 50.36 -4.38 -20.27
N LYS A 306 50.24 -5.70 -20.37
CA LYS A 306 50.33 -6.34 -21.68
C LYS A 306 49.28 -5.84 -22.68
N VAL A 307 48.07 -5.52 -22.22
CA VAL A 307 47.02 -4.97 -23.12
C VAL A 307 47.51 -3.68 -23.79
N VAL A 308 47.94 -2.73 -22.99
CA VAL A 308 48.38 -1.43 -23.53
C VAL A 308 49.66 -1.60 -24.36
N GLN A 309 50.53 -2.54 -23.98
CA GLN A 309 51.79 -2.78 -24.68
C GLN A 309 51.55 -3.38 -26.05
N ASP A 310 50.76 -4.45 -26.09
CA ASP A 310 50.34 -5.05 -27.36
C ASP A 310 49.67 -4.05 -28.33
N ALA A 311 48.74 -3.27 -27.82
CA ALA A 311 48.11 -2.19 -28.57
C ALA A 311 49.13 -1.19 -29.13
N ALA A 312 50.00 -0.67 -28.27
CA ALA A 312 51.04 0.28 -28.74
C ALA A 312 51.93 -0.35 -29.81
N ASN A 313 52.26 -1.64 -29.62
CA ASN A 313 53.10 -2.40 -30.58
C ASN A 313 52.47 -2.45 -31.96
N LYS A 314 51.14 -2.72 -32.00
CA LYS A 314 50.34 -2.63 -33.26
C LYS A 314 50.29 -1.21 -33.82
N GLY A 315 50.21 -0.21 -32.95
CA GLY A 315 50.17 1.20 -33.36
C GLY A 315 48.80 1.76 -33.68
N TYR A 316 48.69 3.08 -33.64
CA TYR A 316 47.40 3.77 -33.77
C TYR A 316 46.60 3.39 -35.02
N THR A 317 47.26 3.49 -36.16
CA THR A 317 46.63 3.20 -37.45
C THR A 317 45.99 1.81 -37.50
N ALA A 318 46.76 0.79 -37.15
CA ALA A 318 46.28 -0.59 -37.25
C ALA A 318 45.17 -0.89 -36.20
N VAL A 319 45.33 -0.36 -35.00
CA VAL A 319 44.31 -0.49 -33.94
C VAL A 319 42.99 0.19 -34.36
N LYS A 320 43.09 1.43 -34.81
CA LYS A 320 41.93 2.15 -35.32
C LYS A 320 41.26 1.39 -36.47
N LYS A 321 42.04 0.90 -37.44
CA LYS A 321 41.43 0.16 -38.58
C LYS A 321 40.68 -1.11 -38.12
N ALA A 322 41.32 -1.91 -37.27
CA ALA A 322 40.68 -3.15 -36.75
C ALA A 322 39.40 -2.85 -35.96
N HIS A 323 39.41 -1.72 -35.23
CA HIS A 323 38.24 -1.25 -34.47
C HIS A 323 37.07 -0.87 -35.39
N ILE A 324 37.35 -0.02 -36.37
CA ILE A 324 36.27 0.46 -37.24
C ILE A 324 35.71 -0.70 -38.07
N ASP A 325 36.59 -1.62 -38.49
CA ASP A 325 36.17 -2.82 -39.25
C ASP A 325 35.24 -3.66 -38.36
N ASP A 326 35.66 -3.86 -37.10
CA ASP A 326 34.88 -4.66 -36.14
C ASP A 326 33.54 -4.00 -35.83
N HIS A 327 33.56 -2.70 -35.49
CA HIS A 327 32.36 -1.99 -35.14
C HIS A 327 31.36 -1.97 -36.28
N SER A 328 31.83 -1.53 -37.45
CA SER A 328 30.97 -1.32 -38.60
C SER A 328 30.44 -2.63 -39.17
N ALA A 329 31.13 -3.74 -38.95
CA ALA A 329 30.66 -5.01 -39.46
C ALA A 329 29.31 -5.34 -38.82
N ILE A 330 29.15 -5.00 -37.54
CA ILE A 330 27.86 -5.14 -36.87
C ILE A 330 26.94 -3.94 -37.15
N TYR A 331 27.45 -2.72 -37.03
CA TYR A 331 26.63 -1.54 -37.08
C TYR A 331 25.94 -1.39 -38.45
N ASP A 332 26.71 -1.68 -39.50
CA ASP A 332 26.21 -1.54 -40.87
C ASP A 332 25.31 -2.66 -41.38
N ARG A 333 25.01 -3.67 -40.54
CA ARG A 333 24.08 -4.75 -40.95
C ARG A 333 22.66 -4.25 -41.30
N VAL A 334 22.29 -3.14 -40.70
CA VAL A 334 20.94 -2.63 -40.82
C VAL A 334 21.00 -1.19 -41.36
N LYS A 335 20.20 -0.91 -42.39
CA LYS A 335 20.05 0.46 -42.90
C LYS A 335 18.57 0.79 -42.86
N ILE A 336 18.24 2.04 -42.53
CA ILE A 336 16.87 2.51 -42.53
C ILE A 336 16.75 3.91 -43.14
N ASP A 337 15.83 4.08 -44.08
CA ASP A 337 15.62 5.38 -44.68
C ASP A 337 14.11 5.71 -44.66
N LEU A 338 13.78 6.64 -43.78
CA LEU A 338 12.44 7.18 -43.68
C LEU A 338 12.35 8.59 -44.26
N GLY A 339 13.39 9.00 -45.00
CA GLY A 339 13.46 10.36 -45.59
C GLY A 339 14.15 11.39 -44.70
N GLN A 340 14.90 10.90 -43.71
CA GLN A 340 15.58 11.78 -42.74
C GLN A 340 16.60 12.71 -43.39
N SER A 341 16.85 13.87 -42.76
CA SER A 341 18.07 14.62 -42.96
C SER A 341 19.18 13.97 -42.06
N GLY A 342 20.42 14.42 -42.21
CA GLY A 342 21.54 14.01 -41.34
C GLY A 342 22.51 15.17 -41.18
N HIS A 343 23.67 14.93 -40.56
CA HIS A 343 24.59 16.00 -40.19
C HIS A 343 25.21 16.76 -41.38
N SER A 344 25.19 16.15 -42.57
CA SER A 344 25.73 16.80 -43.76
C SER A 344 24.67 17.42 -44.66
N SER A 345 23.43 17.51 -44.16
CA SER A 345 22.32 18.10 -44.88
C SER A 345 22.46 19.62 -44.93
N ASP A 346 21.99 20.25 -46.02
CA ASP A 346 21.89 21.73 -46.00
C ASP A 346 21.02 22.10 -44.81
N GLY A 347 21.46 23.07 -44.03
CA GLY A 347 20.70 23.50 -42.87
C GLY A 347 20.60 22.45 -41.77
N ALA A 348 21.58 21.54 -41.71
CA ALA A 348 21.63 20.54 -40.64
C ALA A 348 21.67 21.18 -39.27
N VAL A 349 20.91 20.61 -38.34
CA VAL A 349 20.86 21.13 -36.98
C VAL A 349 21.54 20.16 -35.99
N ALA A 350 22.09 20.72 -34.92
CA ALA A 350 22.78 19.93 -33.92
C ALA A 350 21.73 19.05 -33.22
N THR A 351 22.18 17.97 -32.58
CA THR A 351 21.23 16.99 -32.04
C THR A 351 20.41 17.55 -30.89
N ASP A 352 21.03 18.33 -29.99
CA ASP A 352 20.24 19.06 -28.98
C ASP A 352 19.19 20.01 -29.60
N ALA A 353 19.60 20.78 -30.62
CA ALA A 353 18.66 21.64 -31.33
C ALA A 353 17.56 20.81 -32.07
N LEU A 354 17.94 19.68 -32.67
CA LEU A 354 16.94 18.77 -33.26
C LEU A 354 15.90 18.28 -32.25
N LEU A 355 16.38 17.84 -31.09
CA LEU A 355 15.51 17.42 -30.03
C LEU A 355 14.54 18.52 -29.59
N LYS A 356 15.07 19.71 -29.30
CA LYS A 356 14.25 20.84 -28.87
C LYS A 356 13.16 21.16 -29.91
N ALA A 357 13.54 21.26 -31.19
CA ALA A 357 12.55 21.52 -32.28
C ALA A 357 11.47 20.46 -32.33
N TYR A 358 11.87 19.20 -32.20
CA TYR A 358 10.94 18.10 -32.09
C TYR A 358 9.99 18.26 -30.91
N GLN A 359 10.52 18.56 -29.73
CA GLN A 359 9.67 18.75 -28.55
C GLN A 359 8.71 19.94 -28.66
N ARG A 360 9.16 21.02 -29.27
CA ARG A 360 8.30 22.21 -29.37
C ARG A 360 7.34 22.11 -30.55
N GLY A 361 7.51 21.09 -31.39
CA GLY A 361 6.66 20.87 -32.55
C GLY A 361 7.03 21.76 -33.72
N SER A 362 8.24 22.28 -33.74
CA SER A 362 8.70 23.03 -34.90
C SER A 362 9.59 22.23 -35.90
N ALA A 363 9.78 20.93 -35.65
CA ALA A 363 10.69 20.15 -36.51
C ALA A 363 10.01 19.92 -37.85
N THR A 364 10.75 20.00 -38.95
CA THR A 364 10.23 19.64 -40.25
C THR A 364 10.12 18.12 -40.35
N THR A 365 9.48 17.63 -41.40
CA THR A 365 9.28 16.19 -41.59
C THR A 365 10.62 15.49 -41.62
N ALA A 366 11.56 16.04 -42.38
CA ALA A 366 12.89 15.45 -42.55
C ALA A 366 13.60 15.40 -41.19
N GLN A 367 13.40 16.45 -40.39
CA GLN A 367 13.98 16.55 -39.04
C GLN A 367 13.33 15.59 -38.06
N LYS A 368 12.01 15.42 -38.16
CA LYS A 368 11.32 14.40 -37.37
C LYS A 368 11.85 12.99 -37.70
N ARG A 369 11.98 12.68 -38.99
CA ARG A 369 12.58 11.41 -39.43
C ARG A 369 14.07 11.26 -39.04
N GLU A 370 14.81 12.35 -38.96
CA GLU A 370 16.18 12.28 -38.47
C GLU A 370 16.22 11.86 -37.00
N LEU A 371 15.48 12.53 -36.13
CA LEU A 371 15.52 12.13 -34.71
C LEU A 371 15.02 10.71 -34.54
N GLU A 372 13.94 10.35 -35.22
CA GLU A 372 13.33 9.02 -35.13
C GLU A 372 14.31 7.92 -35.53
N THR A 373 14.99 8.14 -36.67
CA THR A 373 15.97 7.17 -37.14
C THR A 373 17.28 7.19 -36.34
N LEU A 374 17.68 8.35 -35.84
CA LEU A 374 18.86 8.41 -34.95
C LEU A 374 18.66 7.66 -33.64
N VAL A 375 17.50 7.83 -33.00
CA VAL A 375 17.17 7.12 -31.75
C VAL A 375 17.17 5.61 -32.00
N TYR A 376 16.49 5.18 -33.08
CA TYR A 376 16.50 3.79 -33.51
C TYR A 376 17.94 3.29 -33.59
N LYS A 377 18.78 4.01 -34.34
CA LYS A 377 20.15 3.60 -34.62
C LYS A 377 21.02 3.54 -33.34
N TYR A 378 20.78 4.50 -32.45
CA TYR A 378 21.48 4.58 -31.17
C TYR A 378 21.27 3.34 -30.29
N GLY A 379 20.06 2.75 -30.30
CA GLY A 379 19.80 1.48 -29.62
C GLY A 379 20.65 0.33 -30.14
N ARG A 380 20.87 0.29 -31.44
CA ARG A 380 21.82 -0.65 -32.01
C ARG A 380 23.28 -0.29 -31.59
N TYR A 381 23.69 0.96 -31.79
CA TYR A 381 25.01 1.42 -31.36
C TYR A 381 25.27 1.04 -29.90
N LEU A 382 24.29 1.33 -29.03
CA LEU A 382 24.46 1.12 -27.57
C LEU A 382 24.60 -0.36 -27.21
N THR A 383 23.98 -1.25 -27.98
CA THR A 383 24.16 -2.69 -27.80
C THR A 383 25.64 -3.08 -28.09
N ILE A 384 26.19 -2.54 -29.17
CA ILE A 384 27.59 -2.82 -29.53
C ILE A 384 28.51 -2.29 -28.43
N GLY A 385 28.26 -1.08 -27.90
CA GLY A 385 29.14 -0.53 -26.87
C GLY A 385 29.07 -1.23 -25.52
N SER A 386 27.94 -1.86 -25.18
CA SER A 386 27.77 -2.46 -23.83
C SER A 386 27.68 -3.96 -23.76
N SER A 387 27.56 -4.63 -24.89
CA SER A 387 27.20 -6.06 -24.86
C SER A 387 27.83 -6.81 -26.02
N ARG A 388 29.07 -7.23 -25.87
CA ARG A 388 29.74 -7.94 -26.94
C ARG A 388 29.79 -9.44 -26.65
N GLU A 389 30.03 -10.24 -27.69
CA GLU A 389 30.11 -11.69 -27.53
C GLU A 389 31.06 -12.11 -26.42
N ASN A 390 32.13 -11.34 -26.20
CA ASN A 390 33.08 -11.63 -25.14
C ASN A 390 32.98 -10.73 -23.88
N SER A 391 31.87 -10.00 -23.72
CA SER A 391 31.65 -9.28 -22.49
C SER A 391 31.50 -10.34 -21.40
N GLN A 392 31.98 -10.05 -20.19
CA GLN A 392 31.74 -10.96 -19.09
C GLN A 392 30.32 -10.92 -18.56
N LEU A 393 29.65 -9.78 -18.73
CA LEU A 393 28.28 -9.56 -18.20
C LEU A 393 27.38 -8.93 -19.25
N PRO A 394 26.06 -9.15 -19.15
CA PRO A 394 25.17 -8.48 -20.11
C PRO A 394 25.09 -6.97 -19.79
N SER A 395 24.41 -6.21 -20.64
CA SER A 395 24.10 -4.83 -20.33
C SER A 395 23.27 -4.73 -19.03
N ASN A 396 23.64 -3.79 -18.15
CA ASN A 396 22.89 -3.61 -16.91
C ASN A 396 21.90 -2.44 -17.10
N LEU A 397 21.35 -1.86 -16.04
CA LEU A 397 20.31 -0.79 -16.20
C LEU A 397 20.82 0.43 -16.94
N GLN A 398 22.15 0.58 -17.00
CA GLN A 398 22.79 1.73 -17.64
C GLN A 398 23.75 1.32 -18.75
N GLY A 399 23.61 0.08 -19.23
CA GLY A 399 24.51 -0.50 -20.24
C GLY A 399 25.80 -0.92 -19.59
N ILE A 400 26.81 -0.09 -19.76
CA ILE A 400 28.05 -0.11 -18.97
C ILE A 400 28.40 1.29 -18.45
N TRP A 401 27.54 2.29 -18.67
CA TRP A 401 27.90 3.69 -18.41
C TRP A 401 27.28 4.28 -17.14
N SER A 402 28.13 4.75 -16.25
CA SER A 402 27.68 5.39 -15.02
C SER A 402 28.68 6.46 -14.56
N VAL A 403 28.17 7.45 -13.83
CA VAL A 403 29.00 8.44 -13.09
C VAL A 403 28.90 8.29 -11.55
N THR A 404 27.88 7.58 -11.08
CA THR A 404 27.61 7.49 -9.61
C THR A 404 28.31 6.26 -9.03
N ALA A 405 28.72 6.35 -7.77
CA ALA A 405 29.37 5.21 -7.09
C ALA A 405 29.11 5.28 -5.59
N GLY A 406 28.91 4.11 -5.00
CA GLY A 406 28.75 3.93 -3.55
C GLY A 406 29.00 2.47 -3.28
N ASP A 407 29.23 2.12 -2.02
CA ASP A 407 29.50 0.69 -1.68
C ASP A 407 28.26 -0.20 -1.72
N ASN A 408 27.12 0.31 -1.26
CA ASN A 408 25.99 -0.56 -0.95
C ASN A 408 24.85 -0.44 -1.94
N ALA A 409 24.04 -1.50 -2.04
CA ALA A 409 22.82 -1.46 -2.84
C ALA A 409 21.91 -0.32 -2.34
N HIS A 410 21.06 0.17 -3.26
CA HIS A 410 20.03 1.17 -2.95
C HIS A 410 20.71 2.38 -2.31
N GLY A 411 21.87 2.76 -2.88
CA GLY A 411 22.71 3.84 -2.32
C GLY A 411 22.76 5.06 -3.22
N ASN A 412 23.96 5.37 -3.70
CA ASN A 412 24.27 6.52 -4.56
C ASN A 412 23.91 6.30 -6.05
N THR A 413 23.66 5.05 -6.45
CA THR A 413 23.32 4.71 -7.86
C THR A 413 21.89 4.19 -7.92
N PRO A 414 21.04 4.74 -8.83
CA PRO A 414 19.61 4.35 -8.80
C PRO A 414 19.44 2.88 -9.14
N TRP A 415 18.73 2.16 -8.26
CA TRP A 415 18.51 0.71 -8.40
C TRP A 415 19.81 -0.08 -8.65
N GLY A 416 20.92 0.48 -8.18
CA GLY A 416 22.21 -0.18 -8.21
C GLY A 416 22.79 -0.33 -9.61
N SER A 417 22.17 0.30 -10.61
CA SER A 417 22.46 0.09 -12.05
C SER A 417 22.65 -1.42 -12.33
N ASP A 418 21.73 -2.20 -11.77
CA ASP A 418 21.83 -3.66 -11.63
C ASP A 418 21.22 -4.42 -12.82
N PHE A 419 20.99 -5.72 -12.64
CA PHE A 419 20.28 -6.57 -13.64
C PHE A 419 18.88 -6.81 -13.10
N HIS A 420 17.93 -6.10 -13.70
CA HIS A 420 16.60 -5.99 -13.16
C HIS A 420 15.66 -6.79 -14.06
N MET A 421 15.15 -7.91 -13.54
CA MET A 421 14.60 -8.94 -14.40
C MET A 421 13.08 -9.00 -14.32
N ASN A 422 12.43 -7.90 -13.94
CA ASN A 422 10.98 -7.85 -14.03
C ASN A 422 10.47 -6.96 -15.15
N VAL A 423 11.37 -6.66 -16.11
CA VAL A 423 11.08 -6.02 -17.43
C VAL A 423 12.37 -5.43 -18.04
N ASN A 424 13.28 -4.93 -17.19
CA ASN A 424 14.30 -4.06 -17.73
C ASN A 424 15.39 -4.79 -18.50
N LEU A 425 15.91 -5.85 -17.90
CA LEU A 425 16.95 -6.68 -18.54
C LEU A 425 16.38 -7.34 -19.78
N GLN A 426 15.11 -7.71 -19.74
CA GLN A 426 14.44 -8.28 -20.92
C GLN A 426 14.42 -7.25 -22.02
N MET A 427 14.05 -6.01 -21.68
CA MET A 427 13.97 -4.93 -22.69
C MET A 427 15.31 -4.65 -23.31
N ASN A 428 16.38 -4.75 -22.53
CA ASN A 428 17.75 -4.66 -23.08
C ASN A 428 17.99 -5.63 -24.23
N TYR A 429 17.35 -6.79 -24.20
CA TYR A 429 17.61 -7.77 -25.25
C TYR A 429 16.43 -8.01 -26.19
N TRP A 430 15.50 -7.04 -26.22
CA TRP A 430 14.43 -7.10 -27.22
C TRP A 430 14.84 -6.80 -28.67
N PRO A 431 15.76 -5.84 -28.92
CA PRO A 431 16.10 -5.63 -30.34
C PRO A 431 17.28 -6.46 -30.84
N THR A 432 17.91 -7.23 -29.94
CA THR A 432 19.17 -7.84 -30.23
C THR A 432 19.13 -8.79 -31.44
N TYR A 433 18.06 -9.57 -31.59
CA TYR A 433 17.99 -10.47 -32.77
C TYR A 433 17.40 -9.82 -34.02
N SER A 434 16.20 -9.24 -33.86
CA SER A 434 15.49 -8.60 -34.98
C SER A 434 16.31 -7.50 -35.65
N ALA A 435 17.15 -6.81 -34.87
CA ALA A 435 18.03 -5.76 -35.42
C ALA A 435 19.41 -6.30 -35.78
N ASN A 436 19.52 -7.62 -36.00
CA ASN A 436 20.72 -8.21 -36.60
C ASN A 436 21.98 -8.05 -35.72
N MET A 437 21.85 -8.38 -34.44
CA MET A 437 22.99 -8.35 -33.52
C MET A 437 22.98 -9.59 -32.63
N GLY A 438 22.57 -10.72 -33.21
CA GLY A 438 22.32 -11.95 -32.48
C GLY A 438 23.46 -12.46 -31.63
N GLU A 439 24.68 -12.31 -32.12
CA GLU A 439 25.86 -12.75 -31.34
C GLU A 439 26.04 -11.94 -30.06
N LEU A 440 25.47 -10.73 -30.03
CA LEU A 440 25.61 -9.82 -28.88
C LEU A 440 24.73 -10.25 -27.69
N ALA A 441 23.88 -11.27 -27.93
CA ALA A 441 23.04 -11.86 -26.86
C ALA A 441 23.83 -12.85 -26.02
N GLU A 442 25.01 -13.25 -26.49
CA GLU A 442 25.78 -14.29 -25.81
C GLU A 442 26.01 -14.04 -24.31
N PRO A 443 26.44 -12.83 -23.92
CA PRO A 443 26.57 -12.60 -22.47
C PRO A 443 25.27 -12.76 -21.65
N LEU A 444 24.11 -12.48 -22.24
CA LEU A 444 22.83 -12.79 -21.59
C LEU A 444 22.63 -14.29 -21.40
N ILE A 445 22.91 -15.09 -22.44
CA ILE A 445 22.77 -16.53 -22.31
C ILE A 445 23.69 -17.06 -21.24
N GLU A 446 24.96 -16.66 -21.25
CA GLU A 446 25.88 -17.10 -20.20
C GLU A 446 25.45 -16.62 -18.81
N TYR A 447 24.93 -15.40 -18.74
CA TYR A 447 24.46 -14.84 -17.47
C TYR A 447 23.34 -15.67 -16.87
N VAL A 448 22.38 -16.03 -17.70
CA VAL A 448 21.25 -16.85 -17.25
C VAL A 448 21.73 -18.26 -16.90
N GLU A 449 22.60 -18.85 -17.70
CA GLU A 449 23.23 -20.09 -17.28
C GLU A 449 23.91 -19.91 -15.92
N GLY A 450 24.52 -18.74 -15.71
CA GLY A 450 25.23 -18.41 -14.46
C GLY A 450 24.35 -18.33 -13.23
N LEU A 451 23.05 -18.14 -13.46
CA LEU A 451 22.03 -18.15 -12.40
C LEU A 451 21.67 -19.55 -11.93
N VAL A 452 21.97 -20.59 -12.71
CA VAL A 452 21.52 -21.94 -12.34
C VAL A 452 22.15 -22.42 -11.01
N LYS A 453 23.46 -22.35 -10.85
CA LYS A 453 24.03 -22.85 -9.56
C LYS A 453 23.55 -22.04 -8.33
N PRO A 454 23.71 -20.70 -8.32
CA PRO A 454 23.15 -20.03 -7.14
C PRO A 454 21.62 -20.15 -6.99
N GLY A 455 20.90 -20.19 -8.12
CA GLY A 455 19.45 -20.30 -8.09
C GLY A 455 18.91 -21.64 -7.60
N ARG A 456 19.69 -22.71 -7.75
CA ARG A 456 19.36 -24.01 -7.10
C ARG A 456 19.38 -23.91 -5.55
N VAL A 457 20.25 -23.06 -5.03
CA VAL A 457 20.25 -22.74 -3.58
C VAL A 457 18.95 -22.01 -3.23
N THR A 458 18.61 -20.94 -3.96
CA THR A 458 17.32 -20.26 -3.76
C THR A 458 16.11 -21.23 -3.96
N ALA A 459 16.17 -22.07 -5.00
CA ALA A 459 15.08 -23.02 -5.25
C ALA A 459 14.91 -23.94 -4.04
N LYS A 460 16.01 -24.39 -3.47
CA LYS A 460 15.94 -25.31 -2.35
C LYS A 460 15.36 -24.61 -1.09
N VAL A 461 15.89 -23.43 -0.80
CA VAL A 461 15.47 -22.65 0.37
C VAL A 461 14.01 -22.26 0.33
N TYR A 462 13.55 -21.73 -0.80
CA TYR A 462 12.21 -21.13 -0.89
C TYR A 462 11.12 -22.02 -1.48
N ALA A 463 11.51 -23.07 -2.21
CA ALA A 463 10.50 -23.92 -2.84
C ALA A 463 10.72 -25.41 -2.50
N GLY A 464 11.73 -25.74 -1.67
CA GLY A 464 12.04 -27.15 -1.34
C GLY A 464 12.54 -28.01 -2.51
N ALA A 465 13.07 -27.35 -3.56
CA ALA A 465 13.63 -28.06 -4.70
C ALA A 465 15.15 -28.24 -4.58
N GLU A 466 15.59 -29.39 -4.09
CA GLU A 466 17.00 -29.60 -3.84
C GLU A 466 17.68 -30.42 -4.91
N THR A 467 18.69 -29.85 -5.55
CA THR A 467 19.46 -30.59 -6.52
C THR A 467 20.62 -31.20 -5.70
N THR A 468 20.76 -32.52 -5.79
CA THR A 468 21.89 -33.21 -5.22
C THR A 468 23.05 -33.19 -6.22
N ASN A 469 24.27 -33.24 -5.68
CA ASN A 469 25.47 -33.02 -6.48
C ASN A 469 25.35 -31.71 -7.31
N PRO A 470 25.02 -30.57 -6.66
CA PRO A 470 24.71 -29.33 -7.40
C PRO A 470 25.85 -28.76 -8.24
N GLU A 471 27.06 -29.31 -8.08
CA GLU A 471 28.25 -28.80 -8.73
C GLU A 471 28.54 -29.58 -10.00
N THR A 472 28.20 -30.86 -9.99
CA THR A 472 28.44 -31.71 -11.14
C THR A 472 27.14 -32.01 -11.93
N THR A 473 25.99 -31.61 -11.40
CA THR A 473 24.73 -31.92 -12.09
C THR A 473 24.54 -30.90 -13.22
N PRO A 474 24.61 -31.35 -14.48
CA PRO A 474 24.44 -30.41 -15.60
C PRO A 474 23.12 -29.61 -15.57
N ILE A 475 23.16 -28.41 -16.16
CA ILE A 475 21.97 -27.60 -16.40
C ILE A 475 21.00 -28.49 -17.18
N GLY A 476 19.73 -28.54 -16.76
CA GLY A 476 18.75 -29.41 -17.42
C GLY A 476 18.44 -30.63 -16.58
N GLU A 477 19.40 -31.00 -15.72
CA GLU A 477 19.27 -32.23 -14.93
C GLU A 477 19.02 -31.99 -13.45
N GLY A 478 18.93 -30.73 -13.03
CA GLY A 478 18.65 -30.39 -11.66
C GLY A 478 17.19 -30.31 -11.36
N GLU A 479 16.86 -30.02 -10.09
CA GLU A 479 15.47 -29.83 -9.68
C GLU A 479 14.89 -28.45 -9.94
N GLY A 480 15.68 -27.51 -10.43
CA GLY A 480 15.16 -26.14 -10.60
C GLY A 480 16.07 -25.07 -10.06
N TYR A 481 16.06 -23.91 -10.73
CA TYR A 481 16.84 -22.77 -10.26
C TYR A 481 15.84 -21.60 -10.18
N MET A 482 15.96 -20.77 -9.17
CA MET A 482 14.97 -19.70 -8.92
C MET A 482 15.74 -18.41 -8.72
N ALA A 483 15.26 -17.35 -9.34
CA ALA A 483 15.83 -16.04 -9.14
C ALA A 483 14.67 -15.10 -9.21
N HIS A 484 14.89 -13.85 -8.77
CA HIS A 484 13.81 -12.90 -8.67
C HIS A 484 14.14 -11.60 -9.46
N THR A 485 13.60 -10.47 -9.03
CA THR A 485 13.78 -9.23 -9.75
C THR A 485 15.19 -8.67 -9.74
N GLU A 486 15.72 -8.37 -8.55
CA GLU A 486 17.02 -7.75 -8.41
C GLU A 486 18.16 -8.77 -8.42
N ASN A 487 19.03 -8.62 -9.42
CA ASN A 487 20.13 -9.53 -9.65
C ASN A 487 21.43 -8.75 -9.79
N THR A 488 22.58 -9.42 -9.62
CA THR A 488 23.87 -8.77 -9.57
C THR A 488 24.90 -9.58 -10.33
N ALA A 489 26.19 -9.20 -10.18
CA ALA A 489 27.29 -9.98 -10.74
C ALA A 489 27.57 -11.31 -9.98
N TYR A 490 26.91 -11.51 -8.84
CA TYR A 490 27.35 -12.52 -7.89
C TYR A 490 26.25 -13.48 -7.45
N GLY A 491 25.32 -13.83 -8.35
CA GLY A 491 24.32 -14.90 -8.04
C GLY A 491 23.42 -14.51 -6.90
N TRP A 492 23.00 -13.25 -6.91
CA TRP A 492 22.07 -12.73 -5.90
C TRP A 492 20.66 -13.08 -6.38
N THR A 493 20.33 -14.36 -6.26
CA THR A 493 19.13 -14.92 -6.84
C THR A 493 18.02 -14.97 -5.79
N ALA A 494 18.34 -14.62 -4.55
CA ALA A 494 17.31 -14.56 -3.48
C ALA A 494 16.21 -13.55 -3.80
N PRO A 495 15.01 -13.71 -3.20
CA PRO A 495 14.02 -12.63 -3.29
C PRO A 495 14.49 -11.40 -2.49
N GLY A 496 13.91 -10.24 -2.78
CA GLY A 496 14.26 -8.99 -2.13
C GLY A 496 13.75 -8.87 -0.69
N GLN A 497 14.21 -7.83 0.00
CA GLN A 497 13.86 -7.69 1.41
C GLN A 497 12.41 -7.22 1.59
N SER A 498 11.79 -6.81 0.48
CA SER A 498 10.37 -6.51 0.46
C SER A 498 9.65 -7.21 -0.72
N PHE A 499 8.58 -7.94 -0.40
CA PHE A 499 7.80 -8.73 -1.40
C PHE A 499 7.25 -7.94 -2.60
N SER A 500 6.78 -6.72 -2.35
CA SER A 500 6.14 -5.81 -3.33
C SER A 500 7.07 -5.15 -4.35
N TRP A 501 8.08 -5.92 -4.75
CA TRP A 501 9.08 -5.56 -5.75
C TRP A 501 10.11 -6.69 -5.77
N GLY A 502 10.33 -7.28 -4.60
CA GLY A 502 11.37 -8.29 -4.35
C GLY A 502 11.06 -9.74 -4.74
N TRP A 503 9.83 -10.20 -4.55
CA TRP A 503 9.48 -11.57 -4.92
C TRP A 503 8.85 -11.59 -6.30
N SER A 504 9.48 -12.35 -7.19
CA SER A 504 9.04 -12.45 -8.56
C SER A 504 9.74 -13.60 -9.27
N PRO A 505 9.42 -14.86 -8.92
CA PRO A 505 10.19 -15.96 -9.51
C PRO A 505 9.92 -16.15 -11.01
N ALA A 506 8.84 -15.58 -11.55
CA ALA A 506 8.56 -15.68 -13.00
C ALA A 506 9.56 -14.88 -13.84
N ALA A 507 10.38 -14.06 -13.18
CA ALA A 507 11.54 -13.39 -13.83
C ALA A 507 12.39 -14.36 -14.65
N VAL A 508 12.58 -15.56 -14.11
CA VAL A 508 13.40 -16.54 -14.82
C VAL A 508 12.71 -17.04 -16.10
N PRO A 509 11.48 -17.63 -15.98
CA PRO A 509 10.70 -17.85 -17.21
C PRO A 509 10.78 -16.71 -18.23
N TRP A 510 10.67 -15.45 -17.80
CA TRP A 510 10.60 -14.37 -18.73
C TRP A 510 11.94 -14.14 -19.38
N ILE A 511 13.03 -14.05 -18.63
CA ILE A 511 14.34 -13.90 -19.29
C ILE A 511 14.70 -15.09 -20.21
N LEU A 512 14.11 -16.27 -19.94
CA LEU A 512 14.27 -17.43 -20.84
C LEU A 512 13.58 -17.25 -22.20
N GLN A 513 12.61 -16.35 -22.30
CA GLN A 513 12.18 -15.92 -23.66
C GLN A 513 13.31 -15.26 -24.45
N ASN A 514 13.98 -14.26 -23.86
CA ASN A 514 15.12 -13.63 -24.56
C ASN A 514 16.16 -14.66 -25.00
N VAL A 515 16.45 -15.64 -24.13
CA VAL A 515 17.42 -16.69 -24.39
C VAL A 515 16.95 -17.67 -25.49
N TYR A 516 15.74 -18.19 -25.35
CA TYR A 516 15.15 -19.05 -26.36
C TYR A 516 15.12 -18.40 -27.74
N GLU A 517 14.85 -17.09 -27.78
CA GLU A 517 14.86 -16.35 -29.05
C GLU A 517 16.21 -16.41 -29.81
N ALA A 518 17.32 -16.59 -29.10
CA ALA A 518 18.65 -16.77 -29.74
C ALA A 518 18.62 -17.98 -30.69
N TYR A 519 17.94 -19.05 -30.27
CA TYR A 519 17.70 -20.20 -31.14
C TYR A 519 16.54 -19.95 -32.12
N GLU A 520 15.47 -19.29 -31.66
CA GLU A 520 14.34 -19.05 -32.55
C GLU A 520 14.77 -18.29 -33.80
N TYR A 521 15.67 -17.30 -33.63
CA TYR A 521 16.15 -16.48 -34.77
C TYR A 521 17.33 -17.09 -35.57
N SER A 522 18.07 -18.04 -34.99
CA SER A 522 19.23 -18.60 -35.65
C SER A 522 19.02 -20.02 -36.19
N GLY A 523 18.20 -20.82 -35.54
CA GLY A 523 18.18 -22.26 -35.82
C GLY A 523 19.51 -22.98 -35.56
N ASP A 524 20.38 -22.39 -34.76
CA ASP A 524 21.71 -22.99 -34.42
C ASP A 524 21.54 -24.17 -33.44
N PRO A 525 21.95 -25.39 -33.84
CA PRO A 525 21.77 -26.53 -32.95
C PRO A 525 22.60 -26.46 -31.67
N ALA A 526 23.71 -25.72 -31.63
CA ALA A 526 24.46 -25.56 -30.37
C ALA A 526 23.65 -24.71 -29.36
N LEU A 527 22.96 -23.70 -29.89
CA LEU A 527 22.02 -22.88 -29.11
C LEU A 527 20.80 -23.70 -28.71
N LEU A 528 20.25 -24.49 -29.64
CA LEU A 528 19.13 -25.37 -29.31
C LEU A 528 19.40 -26.18 -28.06
N ASP A 529 20.60 -26.73 -27.96
CA ASP A 529 20.91 -27.61 -26.81
C ASP A 529 21.02 -26.74 -25.55
N ARG A 530 21.64 -25.57 -25.67
CA ARG A 530 21.81 -24.70 -24.50
C ARG A 530 20.45 -24.22 -23.95
N VAL A 531 19.55 -23.82 -24.85
CA VAL A 531 18.27 -23.27 -24.44
C VAL A 531 17.32 -24.38 -23.99
N TYR A 532 17.38 -25.53 -24.68
CA TYR A 532 16.68 -26.73 -24.21
C TYR A 532 17.07 -27.09 -22.77
N ALA A 533 18.37 -27.22 -22.49
CA ALA A 533 18.78 -27.48 -21.10
C ALA A 533 18.16 -26.51 -20.06
N LEU A 534 18.21 -25.20 -20.33
CA LEU A 534 17.62 -24.23 -19.40
C LEU A 534 16.13 -24.36 -19.22
N LEU A 535 15.40 -24.58 -20.32
CA LEU A 535 13.95 -24.60 -20.29
C LEU A 535 13.46 -25.87 -19.63
N LYS A 536 14.22 -26.93 -19.82
CA LYS A 536 13.83 -28.23 -19.34
C LYS A 536 13.85 -28.19 -17.82
N GLU A 537 14.90 -27.62 -17.25
CA GLU A 537 15.03 -27.61 -15.80
C GLU A 537 14.11 -26.56 -15.16
N GLU A 538 13.94 -25.41 -15.80
CA GLU A 538 12.95 -24.43 -15.25
C GLU A 538 11.50 -24.90 -15.41
N SER A 539 11.19 -25.62 -16.48
CA SER A 539 9.86 -26.23 -16.61
C SER A 539 9.58 -27.29 -15.56
N HIS A 540 10.51 -28.22 -15.39
CA HIS A 540 10.48 -29.20 -14.28
C HIS A 540 10.24 -28.51 -12.93
N PHE A 541 11.03 -27.46 -12.67
CA PHE A 541 10.86 -26.66 -11.46
C PHE A 541 9.44 -26.17 -11.25
N TYR A 542 8.89 -25.51 -12.26
CA TYR A 542 7.54 -24.99 -12.16
C TYR A 542 6.48 -26.11 -12.09
N VAL A 543 6.61 -27.14 -12.93
CA VAL A 543 5.61 -28.21 -12.92
C VAL A 543 5.59 -28.95 -11.56
N ASN A 544 6.77 -29.21 -11.00
CA ASN A 544 6.94 -30.04 -9.78
C ASN A 544 6.89 -29.29 -8.47
N TYR A 545 7.31 -28.02 -8.47
CA TYR A 545 7.36 -27.22 -7.24
C TYR A 545 6.51 -25.97 -7.20
N MET A 546 6.10 -25.42 -8.34
CA MET A 546 5.44 -24.10 -8.30
C MET A 546 3.93 -24.09 -8.59
N LEU A 547 3.47 -24.94 -9.50
CA LEU A 547 2.08 -24.91 -9.91
C LEU A 547 1.20 -25.69 -8.93
N HIS A 548 -0.04 -25.25 -8.80
CA HIS A 548 -1.01 -25.97 -8.00
C HIS A 548 -2.37 -25.62 -8.58
N LYS A 549 -3.37 -26.45 -8.29
CA LYS A 549 -4.76 -26.16 -8.62
C LYS A 549 -5.20 -24.91 -7.87
N ALA A 550 -5.79 -23.95 -8.56
CA ALA A 550 -6.18 -22.71 -7.91
C ALA A 550 -7.30 -22.97 -6.91
N GLY A 551 -7.35 -22.08 -5.90
CA GLY A 551 -8.51 -21.92 -5.06
C GLY A 551 -9.62 -21.20 -5.81
N SER A 552 -10.74 -21.02 -5.12
CA SER A 552 -11.92 -20.45 -5.74
C SER A 552 -11.70 -19.02 -6.25
N SER A 553 -10.77 -18.27 -5.64
CA SER A 553 -10.55 -16.89 -6.12
C SER A 553 -10.07 -16.77 -7.57
N SER A 554 -9.44 -17.81 -8.09
CA SER A 554 -8.86 -17.76 -9.44
C SER A 554 -9.49 -18.80 -10.40
N GLY A 555 -10.63 -19.35 -10.00
CA GLY A 555 -11.42 -20.20 -10.91
C GLY A 555 -10.82 -21.55 -11.12
N ASP A 556 -11.09 -22.14 -12.28
CA ASP A 556 -10.74 -23.52 -12.57
C ASP A 556 -9.51 -23.61 -13.46
N ARG A 557 -8.35 -23.89 -12.86
CA ARG A 557 -7.07 -23.79 -13.56
C ARG A 557 -5.89 -24.09 -12.64
N LEU A 558 -4.75 -24.44 -13.25
CA LEU A 558 -3.47 -24.39 -12.52
C LEU A 558 -3.02 -22.93 -12.42
N THR A 559 -2.59 -22.52 -11.24
CA THR A 559 -1.92 -21.23 -11.13
C THR A 559 -0.55 -21.41 -10.48
N THR A 560 0.21 -20.32 -10.39
CA THR A 560 1.57 -20.35 -9.82
C THR A 560 1.58 -20.05 -8.33
N GLY A 561 0.41 -19.82 -7.73
CA GLY A 561 0.36 -19.67 -6.28
C GLY A 561 0.66 -18.23 -5.92
N VAL A 562 1.14 -17.99 -4.70
CA VAL A 562 1.30 -16.60 -4.19
C VAL A 562 2.07 -15.69 -5.18
N ALA A 563 1.42 -14.60 -5.61
CA ALA A 563 1.97 -13.76 -6.67
C ALA A 563 1.71 -12.27 -6.47
N TYR A 564 2.59 -11.45 -7.03
CA TYR A 564 2.44 -10.03 -7.09
C TYR A 564 2.60 -9.64 -8.55
N SER A 565 1.72 -8.78 -9.05
CA SER A 565 1.82 -8.30 -10.43
C SER A 565 2.72 -7.06 -10.44
N PRO A 566 3.91 -7.17 -11.07
CA PRO A 566 4.73 -5.96 -11.05
C PRO A 566 4.01 -4.74 -11.66
N GLU A 567 4.04 -3.58 -11.00
CA GLU A 567 4.33 -3.42 -9.59
C GLU A 567 3.14 -2.65 -8.98
N GLN A 568 1.98 -3.30 -8.95
CA GLN A 568 0.76 -2.67 -8.43
C GLN A 568 -0.22 -3.74 -7.92
N GLY A 569 -1.31 -3.29 -7.30
CA GLY A 569 -2.34 -4.19 -6.88
C GLY A 569 -2.01 -4.92 -5.60
N PRO A 570 -2.80 -5.95 -5.27
CA PRO A 570 -2.71 -6.76 -4.05
C PRO A 570 -1.47 -7.65 -3.97
N LEU A 571 -0.96 -7.79 -2.74
CA LEU A 571 0.17 -8.67 -2.48
C LEU A 571 -0.37 -10.07 -2.26
N GLY A 572 0.25 -11.04 -2.94
CA GLY A 572 -0.04 -12.43 -2.70
C GLY A 572 -1.42 -12.92 -3.09
N THR A 573 -1.75 -12.85 -4.38
CA THR A 573 -2.99 -13.42 -4.95
C THR A 573 -2.74 -14.86 -5.40
N ASP A 574 -3.80 -15.59 -5.76
CA ASP A 574 -3.68 -16.98 -6.21
C ASP A 574 -3.32 -16.95 -7.71
N GLY A 575 -2.02 -16.77 -8.01
CA GLY A 575 -1.59 -16.58 -9.39
C GLY A 575 -2.03 -15.23 -9.89
N ASN A 576 -1.66 -14.95 -11.14
CA ASN A 576 -2.05 -13.72 -11.84
C ASN A 576 -1.73 -13.86 -13.33
N THR A 577 -2.22 -12.93 -14.15
CA THR A 577 -2.05 -13.08 -15.60
C THR A 577 -0.57 -13.06 -15.99
N TYR A 578 0.20 -12.18 -15.32
CA TYR A 578 1.67 -12.08 -15.49
C TYR A 578 2.37 -13.45 -15.46
N GLU A 579 2.30 -14.10 -14.30
CA GLU A 579 2.93 -15.37 -14.09
C GLU A 579 2.38 -16.50 -14.97
N SER A 580 1.08 -16.56 -15.14
CA SER A 580 0.48 -17.58 -16.01
C SER A 580 0.87 -17.43 -17.49
N SER A 581 0.81 -16.21 -18.01
CA SER A 581 1.25 -15.90 -19.39
C SER A 581 2.71 -16.31 -19.63
N LEU A 582 3.56 -16.00 -18.65
CA LEU A 582 5.00 -16.34 -18.67
C LEU A 582 5.27 -17.84 -18.60
N VAL A 583 4.51 -18.55 -17.78
CA VAL A 583 4.77 -19.96 -17.59
C VAL A 583 4.22 -20.70 -18.81
N TRP A 584 3.11 -20.21 -19.33
CA TRP A 584 2.57 -20.71 -20.60
C TRP A 584 3.62 -20.61 -21.73
N GLN A 585 4.19 -19.41 -21.88
CA GLN A 585 5.20 -19.18 -22.90
C GLN A 585 6.39 -20.10 -22.69
N MET A 586 6.82 -20.23 -21.44
CA MET A 586 7.96 -21.13 -21.18
C MET A 586 7.72 -22.60 -21.57
N LEU A 587 6.54 -23.09 -21.21
CA LEU A 587 6.16 -24.48 -21.51
C LEU A 587 5.99 -24.57 -23.00
N ASN A 588 5.42 -23.52 -23.61
CA ASN A 588 5.33 -23.48 -25.06
C ASN A 588 6.68 -23.67 -25.71
N ASP A 589 7.64 -22.88 -25.24
CA ASP A 589 8.99 -22.85 -25.79
C ASP A 589 9.76 -24.15 -25.47
N ALA A 590 9.59 -24.64 -24.25
CA ALA A 590 10.20 -25.91 -23.84
C ALA A 590 9.73 -27.06 -24.74
N ILE A 591 8.43 -27.11 -25.03
CA ILE A 591 7.87 -28.11 -25.95
C ILE A 591 8.41 -27.98 -27.39
N GLU A 592 8.47 -26.75 -27.91
CA GLU A 592 9.09 -26.50 -29.21
C GLU A 592 10.56 -26.96 -29.23
N ALA A 593 11.31 -26.64 -28.17
CA ALA A 593 12.70 -27.05 -28.09
C ALA A 593 12.80 -28.56 -28.06
N ALA A 594 11.93 -29.23 -27.31
CA ALA A 594 11.98 -30.70 -27.20
C ALA A 594 11.69 -31.36 -28.55
N LYS A 595 10.64 -30.88 -29.22
CA LYS A 595 10.29 -31.35 -30.56
C LYS A 595 11.46 -31.29 -31.54
N ALA A 596 12.10 -30.13 -31.61
CA ALA A 596 13.27 -29.96 -32.44
C ALA A 596 14.38 -30.96 -32.13
N LYS A 597 14.43 -31.51 -30.93
CA LYS A 597 15.46 -32.50 -30.56
C LYS A 597 14.94 -33.94 -30.68
N GLY A 598 13.67 -34.08 -31.07
CA GLY A 598 13.03 -35.38 -31.22
C GLY A 598 12.52 -35.89 -29.89
N ASP A 599 12.23 -34.95 -28.97
CA ASP A 599 11.78 -35.27 -27.58
C ASP A 599 12.52 -36.45 -26.90
N PRO A 600 13.86 -36.37 -26.82
CA PRO A 600 14.66 -37.49 -26.29
C PRO A 600 14.27 -37.87 -24.85
N ASP A 601 13.77 -36.91 -24.08
CA ASP A 601 13.45 -37.11 -22.68
C ASP A 601 12.01 -37.55 -22.43
N GLY A 602 11.19 -37.59 -23.49
CA GLY A 602 9.76 -37.90 -23.37
C GLY A 602 9.00 -36.92 -22.46
N LEU A 603 9.29 -35.63 -22.59
CA LEU A 603 8.68 -34.66 -21.67
C LEU A 603 7.48 -33.88 -22.23
N VAL A 604 7.30 -33.90 -23.55
CA VAL A 604 6.17 -33.17 -24.18
C VAL A 604 4.81 -33.70 -23.69
N GLY A 605 4.68 -35.02 -23.60
CA GLY A 605 3.44 -35.66 -23.20
C GLY A 605 2.30 -35.28 -24.10
N ASN A 606 1.11 -35.23 -23.51
CA ASN A 606 -0.15 -34.99 -24.23
C ASN A 606 -1.22 -34.45 -23.25
N THR A 607 -2.45 -34.28 -23.69
CA THR A 607 -3.50 -33.79 -22.78
C THR A 607 -4.50 -34.91 -22.37
N THR A 608 -4.01 -36.14 -22.37
CA THR A 608 -4.83 -37.31 -22.07
C THR A 608 -4.83 -37.50 -20.54
N ASP A 609 -6.03 -37.69 -19.98
CA ASP A 609 -6.23 -37.83 -18.53
C ASP A 609 -5.55 -36.67 -17.81
N CYS A 610 -5.83 -35.47 -18.33
CA CYS A 610 -5.18 -34.25 -17.91
C CYS A 610 -6.13 -33.41 -17.07
N SER A 611 -5.73 -33.10 -15.84
CA SER A 611 -6.61 -32.37 -14.92
C SER A 611 -5.73 -31.66 -13.92
N ALA A 612 -6.21 -30.53 -13.42
CA ALA A 612 -5.54 -29.81 -12.34
C ALA A 612 -5.46 -30.66 -11.04
N ASP A 613 -6.37 -31.63 -10.89
CA ASP A 613 -6.29 -32.62 -9.80
C ASP A 613 -5.03 -33.52 -9.86
N ASN A 614 -4.40 -33.61 -11.02
CA ASN A 614 -3.12 -34.34 -11.14
C ASN A 614 -1.97 -33.79 -10.27
N TRP A 615 -2.13 -32.56 -9.80
CA TRP A 615 -1.11 -31.85 -8.99
C TRP A 615 -1.34 -31.95 -7.47
N ALA A 616 -2.34 -32.73 -7.04
CA ALA A 616 -2.59 -32.93 -5.60
C ALA A 616 -1.31 -33.40 -4.93
N LYS A 617 -0.99 -32.79 -3.78
CA LYS A 617 0.19 -33.14 -2.99
C LYS A 617 -0.20 -33.47 -1.53
N ASN A 618 0.58 -34.32 -0.87
CA ASN A 618 0.39 -34.54 0.55
C ASN A 618 1.02 -33.42 1.40
N ASP A 619 0.82 -33.50 2.72
CA ASP A 619 1.32 -32.51 3.69
C ASP A 619 2.81 -32.22 3.54
N SER A 620 3.57 -33.22 3.11
CA SER A 620 5.03 -33.10 2.94
C SER A 620 5.46 -32.54 1.57
N GLY A 621 4.47 -32.22 0.71
CA GLY A 621 4.70 -31.54 -0.56
C GLY A 621 5.04 -32.47 -1.72
N ASN A 622 4.76 -33.76 -1.57
CA ASN A 622 4.98 -34.72 -2.65
C ASN A 622 3.68 -35.09 -3.33
N PHE A 623 3.76 -35.31 -4.64
CA PHE A 623 2.59 -35.69 -5.41
C PHE A 623 2.00 -36.98 -4.83
N THR A 624 0.70 -36.89 -4.64
CA THR A 624 -0.16 -37.96 -4.19
C THR A 624 -0.20 -39.12 -5.20
N ASP A 625 -0.28 -38.80 -6.49
CA ASP A 625 -0.31 -39.81 -7.56
C ASP A 625 0.95 -39.70 -8.41
N ALA A 626 1.89 -40.62 -8.19
CA ALA A 626 3.17 -40.59 -8.89
C ALA A 626 3.02 -40.75 -10.38
N ASN A 627 1.93 -41.37 -10.83
CA ASN A 627 1.76 -41.74 -12.24
C ASN A 627 0.83 -40.83 -13.07
N ALA A 628 0.34 -39.77 -12.46
CA ALA A 628 -0.62 -38.92 -13.13
C ALA A 628 0.09 -38.07 -14.20
N ASN A 629 -0.70 -37.61 -15.19
CA ASN A 629 -0.19 -36.81 -16.29
C ASN A 629 0.11 -35.42 -15.76
N ARG A 630 1.40 -35.10 -15.63
CA ARG A 630 1.81 -33.72 -15.32
C ARG A 630 2.80 -33.27 -16.38
N SER A 631 2.63 -33.76 -17.61
CA SER A 631 3.55 -33.46 -18.73
C SER A 631 3.48 -32.00 -19.08
N TRP A 632 4.46 -31.52 -19.84
CA TRP A 632 4.43 -30.09 -20.26
C TRP A 632 3.17 -29.73 -21.03
N SER A 633 2.70 -30.63 -21.92
CA SER A 633 1.50 -30.32 -22.69
C SER A 633 0.30 -30.20 -21.79
N CYS A 634 0.20 -31.11 -20.84
CA CYS A 634 -0.92 -31.06 -19.90
C CYS A 634 -0.90 -29.77 -19.07
N ALA A 635 0.23 -29.47 -18.46
CA ALA A 635 0.34 -28.29 -17.60
C ALA A 635 -0.01 -27.02 -18.40
N LYS A 636 0.58 -26.90 -19.58
CA LYS A 636 0.32 -25.74 -20.44
C LYS A 636 -1.18 -25.54 -20.70
N SER A 637 -1.89 -26.64 -20.97
CA SER A 637 -3.33 -26.59 -21.30
C SER A 637 -4.22 -26.21 -20.11
N LEU A 638 -3.69 -26.31 -18.89
CA LEU A 638 -4.50 -26.04 -17.69
C LEU A 638 -4.35 -24.63 -17.14
N LEU A 639 -3.42 -23.86 -17.72
CA LEU A 639 -3.17 -22.50 -17.21
C LEU A 639 -4.24 -21.50 -17.57
N LYS A 640 -4.79 -21.61 -18.79
CA LYS A 640 -5.80 -20.67 -19.29
C LYS A 640 -5.47 -19.24 -18.91
N PRO A 641 -4.32 -18.73 -19.39
CA PRO A 641 -3.81 -17.46 -18.85
C PRO A 641 -4.69 -16.23 -19.01
N ILE A 642 -5.53 -16.23 -20.06
CA ILE A 642 -6.25 -15.03 -20.49
C ILE A 642 -7.75 -15.11 -20.24
N GLU A 643 -8.27 -14.10 -19.56
CA GLU A 643 -9.71 -13.86 -19.39
C GLU A 643 -10.04 -12.40 -19.62
N VAL A 644 -11.22 -12.15 -20.21
CA VAL A 644 -11.70 -10.79 -20.49
C VAL A 644 -12.61 -10.36 -19.36
N GLY A 645 -12.41 -9.13 -18.87
CA GLY A 645 -13.18 -8.63 -17.75
C GLY A 645 -14.41 -7.85 -18.16
N ASP A 646 -14.98 -7.15 -17.20
CA ASP A 646 -16.27 -6.52 -17.36
C ASP A 646 -16.18 -5.26 -18.19
N SER A 647 -14.97 -4.70 -18.29
CA SER A 647 -14.74 -3.52 -19.11
C SER A 647 -14.24 -3.87 -20.52
N GLY A 648 -14.30 -5.15 -20.86
CA GLY A 648 -13.75 -5.64 -22.12
C GLY A 648 -12.23 -5.76 -22.09
N GLN A 649 -11.63 -5.71 -20.88
CA GLN A 649 -10.15 -5.67 -20.74
C GLN A 649 -9.56 -7.07 -20.50
N ILE A 650 -8.25 -7.26 -20.76
CA ILE A 650 -7.57 -8.48 -20.30
C ILE A 650 -7.48 -8.33 -18.77
N LYS A 651 -7.91 -9.33 -18.01
CA LYS A 651 -7.82 -9.21 -16.55
C LYS A 651 -6.35 -9.33 -16.15
N GLU A 652 -5.92 -8.52 -15.18
CA GLU A 652 -4.58 -8.57 -14.62
C GLU A 652 -4.53 -9.56 -13.44
N TRP A 653 -5.68 -9.73 -12.76
CA TRP A 653 -5.84 -10.73 -11.69
C TRP A 653 -7.10 -11.58 -11.98
N TYR A 654 -7.11 -12.86 -11.60
CA TYR A 654 -8.30 -13.66 -11.95
C TYR A 654 -9.57 -13.32 -11.19
N PHE A 655 -9.44 -12.64 -10.04
CA PHE A 655 -10.64 -12.16 -9.33
C PHE A 655 -11.16 -10.84 -9.87
N GLU A 656 -10.54 -10.34 -10.94
CA GLU A 656 -10.87 -9.03 -11.50
C GLU A 656 -12.30 -9.03 -12.06
N GLY A 657 -13.00 -7.91 -11.88
CA GLY A 657 -14.29 -7.66 -12.53
C GLY A 657 -14.15 -6.67 -13.68
N ALA A 658 -14.64 -5.45 -13.46
CA ALA A 658 -14.33 -4.31 -14.30
C ALA A 658 -12.87 -3.93 -14.08
N LEU A 659 -12.37 -3.00 -14.89
CA LEU A 659 -10.99 -2.58 -14.80
C LEU A 659 -10.71 -1.92 -13.43
N GLY A 660 -9.68 -2.43 -12.73
CA GLY A 660 -9.28 -1.87 -11.45
C GLY A 660 -10.22 -2.25 -10.33
N LYS A 661 -11.20 -3.11 -10.62
CA LYS A 661 -12.19 -3.51 -9.63
C LYS A 661 -12.35 -5.02 -9.50
N LYS A 662 -12.87 -5.44 -8.34
CA LYS A 662 -13.20 -6.84 -8.07
C LYS A 662 -14.63 -7.13 -8.57
N LYS A 663 -14.99 -8.41 -8.65
CA LYS A 663 -16.30 -8.82 -9.19
C LYS A 663 -17.51 -8.17 -8.50
N ASP A 664 -17.36 -7.87 -7.21
CA ASP A 664 -18.40 -7.18 -6.42
C ASP A 664 -18.31 -5.65 -6.47
N GLY A 665 -17.62 -5.11 -7.47
CA GLY A 665 -17.57 -3.64 -7.68
C GLY A 665 -16.58 -2.90 -6.80
N SER A 666 -16.04 -3.60 -5.80
CA SER A 666 -15.01 -2.99 -4.96
C SER A 666 -13.69 -2.86 -5.70
N THR A 667 -13.02 -1.73 -5.52
CA THR A 667 -11.70 -1.52 -6.08
C THR A 667 -10.67 -2.63 -5.70
N ILE A 668 -9.68 -2.80 -6.56
CA ILE A 668 -8.57 -3.70 -6.31
C ILE A 668 -7.53 -2.91 -5.53
N SER A 669 -7.22 -3.34 -4.31
CA SER A 669 -6.33 -2.55 -3.44
C SER A 669 -4.98 -2.33 -4.11
N GLY A 670 -4.52 -1.10 -4.19
CA GLY A 670 -3.18 -0.87 -4.77
C GLY A 670 -3.12 -0.78 -6.29
N TYR A 671 -4.24 -0.93 -6.96
CA TYR A 671 -4.35 -0.60 -8.39
C TYR A 671 -4.08 0.89 -8.55
N GLN A 672 -3.20 1.23 -9.50
CA GLN A 672 -2.89 2.63 -9.76
C GLN A 672 -4.14 3.29 -10.36
N ALA A 673 -4.82 4.10 -9.55
CA ALA A 673 -6.17 4.65 -9.83
C ALA A 673 -6.34 5.40 -11.14
N ASP A 674 -5.36 6.19 -11.55
CA ASP A 674 -5.46 6.79 -12.89
C ASP A 674 -5.19 5.57 -13.75
N ASN A 675 -5.34 5.52 -15.04
CA ASN A 675 -5.12 4.06 -15.42
C ASN A 675 -3.70 3.69 -15.95
N GLN A 676 -2.74 4.47 -15.49
CA GLN A 676 -1.50 4.69 -16.22
C GLN A 676 -0.35 3.93 -15.67
N HIS A 677 -0.65 2.83 -14.97
CA HIS A 677 0.45 2.09 -14.33
C HIS A 677 1.56 1.79 -15.33
N ARG A 678 2.80 2.03 -14.94
CA ARG A 678 3.89 1.93 -15.89
C ARG A 678 4.06 0.51 -16.44
N HIS A 679 3.97 -0.49 -15.57
CA HIS A 679 4.04 -1.91 -15.97
C HIS A 679 2.73 -2.32 -16.65
N MET A 680 2.82 -3.26 -17.58
CA MET A 680 1.63 -3.88 -18.16
C MET A 680 1.86 -5.39 -18.09
N SER A 681 1.96 -5.89 -16.87
CA SER A 681 2.54 -7.19 -16.62
C SER A 681 1.59 -8.25 -17.15
N HIS A 682 0.35 -7.85 -17.37
CA HIS A 682 -0.68 -8.79 -17.80
C HIS A 682 -0.81 -8.92 -19.33
N LEU A 683 -0.05 -8.13 -20.07
CA LEU A 683 -0.09 -8.10 -21.53
C LEU A 683 1.16 -8.73 -22.20
N LEU A 684 1.96 -9.44 -21.40
CA LEU A 684 3.18 -10.08 -21.91
C LEU A 684 2.88 -11.16 -22.94
N GLY A 685 1.67 -11.73 -22.86
CA GLY A 685 1.15 -12.68 -23.90
C GLY A 685 0.99 -12.03 -25.26
N LEU A 686 0.72 -10.72 -25.27
CA LEU A 686 0.71 -9.97 -26.52
C LEU A 686 2.11 -9.55 -26.98
N PHE A 687 2.90 -9.02 -26.07
CA PHE A 687 4.31 -8.70 -26.32
C PHE A 687 5.12 -8.89 -25.05
N PRO A 688 6.24 -9.66 -25.09
CA PRO A 688 6.90 -10.28 -26.27
C PRO A 688 6.38 -11.62 -26.74
N GLY A 689 5.40 -12.17 -26.03
CA GLY A 689 4.98 -13.56 -26.31
C GLY A 689 4.09 -13.75 -27.53
N ASP A 690 3.57 -14.97 -27.62
CA ASP A 690 2.92 -15.50 -28.80
C ASP A 690 1.52 -15.97 -28.41
N LEU A 691 1.07 -15.58 -27.22
CA LEU A 691 -0.23 -15.98 -26.73
C LEU A 691 -1.39 -15.19 -27.40
N ILE A 692 -1.23 -13.88 -27.56
CA ILE A 692 -2.24 -13.05 -28.24
C ILE A 692 -1.57 -12.48 -29.48
N THR A 693 -2.08 -12.84 -30.64
CA THR A 693 -1.49 -12.44 -31.89
C THR A 693 -2.54 -12.03 -32.91
N ILE A 694 -2.09 -11.38 -33.98
CA ILE A 694 -2.99 -10.95 -35.07
C ILE A 694 -3.74 -12.15 -35.70
N ASP A 695 -3.16 -13.34 -35.59
CA ASP A 695 -3.79 -14.56 -36.09
C ASP A 695 -4.67 -15.24 -35.03
N ASN A 696 -4.12 -15.38 -33.83
CA ASN A 696 -4.84 -16.03 -32.73
C ASN A 696 -5.40 -14.85 -31.95
N SER A 697 -6.45 -14.25 -32.51
CA SER A 697 -6.90 -12.92 -32.13
C SER A 697 -8.21 -12.89 -31.34
N GLU A 698 -8.57 -14.02 -30.73
CA GLU A 698 -9.75 -14.05 -29.86
C GLU A 698 -9.66 -12.89 -28.84
N TYR A 699 -8.47 -12.68 -28.29
CA TYR A 699 -8.29 -11.65 -27.23
C TYR A 699 -7.59 -10.35 -27.66
N MET A 700 -7.43 -10.13 -28.98
CA MET A 700 -6.79 -8.91 -29.48
C MET A 700 -7.59 -7.63 -29.14
N ASP A 701 -8.91 -7.65 -29.32
CA ASP A 701 -9.75 -6.51 -28.94
C ASP A 701 -9.62 -6.19 -27.45
N ALA A 702 -9.54 -7.22 -26.61
CA ALA A 702 -9.39 -7.01 -25.18
C ALA A 702 -7.99 -6.49 -24.85
N ALA A 703 -6.96 -7.03 -25.54
CA ALA A 703 -5.60 -6.47 -25.44
C ALA A 703 -5.58 -4.98 -25.80
N LYS A 704 -6.15 -4.62 -26.96
CA LYS A 704 -6.24 -3.19 -27.34
C LYS A 704 -6.99 -2.35 -26.32
N THR A 705 -8.09 -2.88 -25.78
CA THR A 705 -8.80 -2.15 -24.74
C THR A 705 -7.88 -1.87 -23.54
N SER A 706 -7.19 -2.92 -23.10
CA SER A 706 -6.28 -2.83 -21.96
C SER A 706 -5.22 -1.78 -22.27
N LEU A 707 -4.65 -1.83 -23.48
CA LEU A 707 -3.64 -0.87 -23.89
C LEU A 707 -4.18 0.57 -23.88
N ARG A 708 -5.40 0.78 -24.38
CA ARG A 708 -6.00 2.13 -24.44
C ARG A 708 -6.08 2.72 -23.04
N TYR A 709 -6.63 1.94 -22.10
CA TYR A 709 -6.68 2.38 -20.71
C TYR A 709 -5.30 2.70 -20.11
N ARG A 710 -4.29 1.87 -20.43
CA ARG A 710 -2.91 2.10 -19.97
C ARG A 710 -2.20 3.31 -20.61
N CYS A 711 -2.72 3.87 -21.69
CA CYS A 711 -1.97 4.95 -22.40
C CYS A 711 -2.72 6.26 -22.56
N PHE A 712 -4.06 6.18 -22.45
CA PHE A 712 -4.99 7.29 -22.79
C PHE A 712 -5.95 7.66 -21.64
N LYS A 713 -6.24 8.95 -21.51
CA LYS A 713 -7.38 9.40 -20.70
C LYS A 713 -8.35 10.05 -21.67
N GLY A 714 -9.40 9.31 -22.04
CA GLY A 714 -10.23 9.70 -23.16
C GLY A 714 -9.41 9.65 -24.43
N ASN A 715 -9.31 10.77 -25.14
CA ASN A 715 -8.58 10.80 -26.39
C ASN A 715 -7.20 11.38 -26.19
N VAL A 716 -6.84 11.67 -24.95
CA VAL A 716 -5.56 12.36 -24.65
C VAL A 716 -4.53 11.32 -24.20
N LEU A 717 -3.48 11.15 -25.03
CA LEU A 717 -2.39 10.21 -24.74
C LEU A 717 -1.59 10.68 -23.54
N GLN A 718 -1.27 9.76 -22.64
CA GLN A 718 -0.57 10.13 -21.41
C GLN A 718 0.91 9.77 -21.54
N SER A 719 1.77 10.50 -20.84
CA SER A 719 3.19 10.18 -20.80
C SER A 719 3.47 9.10 -19.77
N ASN A 720 4.71 8.64 -19.73
CA ASN A 720 5.13 7.59 -18.76
C ASN A 720 6.68 7.52 -18.71
N THR A 721 7.25 6.62 -17.93
CA THR A 721 8.72 6.44 -17.91
C THR A 721 9.16 5.99 -19.32
N GLY A 722 10.39 6.29 -19.70
CA GLY A 722 10.90 5.87 -21.00
C GLY A 722 10.71 4.39 -21.32
N TRP A 723 10.97 3.52 -20.35
CA TRP A 723 10.81 2.08 -20.58
C TRP A 723 9.32 1.69 -20.73
N ALA A 724 8.46 2.35 -19.95
CA ALA A 724 7.03 2.08 -19.99
C ALA A 724 6.50 2.48 -21.35
N ILE A 725 7.00 3.59 -21.89
CA ILE A 725 6.65 3.98 -23.25
C ILE A 725 7.27 2.98 -24.25
N GLY A 726 8.49 2.51 -23.97
CA GLY A 726 9.14 1.52 -24.87
C GLY A 726 8.36 0.21 -24.95
N GLN A 727 7.89 -0.29 -23.80
CA GLN A 727 6.99 -1.47 -23.82
C GLN A 727 5.69 -1.19 -24.58
N ARG A 728 5.14 0.01 -24.41
CA ARG A 728 3.91 0.36 -25.11
C ARG A 728 4.09 0.41 -26.61
N ILE A 729 5.27 0.84 -27.09
CA ILE A 729 5.52 0.94 -28.53
C ILE A 729 5.47 -0.48 -29.14
N ASN A 730 6.22 -1.40 -28.52
CA ASN A 730 6.23 -2.80 -28.90
C ASN A 730 4.87 -3.52 -28.82
N SER A 731 4.12 -3.25 -27.75
CA SER A 731 2.81 -3.86 -27.56
C SER A 731 1.81 -3.36 -28.62
N TRP A 732 1.78 -2.05 -28.88
CA TRP A 732 0.92 -1.51 -29.92
C TRP A 732 1.33 -2.06 -31.28
N ALA A 733 2.62 -2.25 -31.51
CA ALA A 733 3.08 -2.78 -32.81
C ALA A 733 2.49 -4.17 -33.04
N ARG A 734 2.45 -5.00 -32.01
CA ARG A 734 1.93 -6.37 -32.14
C ARG A 734 0.42 -6.40 -32.52
N THR A 735 -0.30 -5.33 -32.18
CA THR A 735 -1.73 -5.21 -32.49
C THR A 735 -1.96 -4.90 -33.98
N GLY A 736 -0.95 -4.39 -34.68
CA GLY A 736 -1.13 -3.96 -36.07
C GLY A 736 -1.51 -2.51 -36.25
N ASP A 737 -1.79 -1.83 -35.15
CA ASP A 737 -2.22 -0.43 -35.25
C ASP A 737 -0.96 0.46 -35.32
N GLY A 738 -0.47 0.66 -36.54
CA GLY A 738 0.76 1.43 -36.73
C GLY A 738 0.62 2.90 -36.37
N ASN A 739 -0.57 3.48 -36.58
CA ASN A 739 -0.81 4.90 -36.19
C ASN A 739 -0.68 5.19 -34.68
N THR A 740 -1.25 4.32 -33.86
CA THR A 740 -1.16 4.50 -32.41
C THR A 740 0.27 4.21 -31.97
N THR A 741 0.85 3.13 -32.52
CA THR A 741 2.23 2.79 -32.19
C THR A 741 3.13 4.02 -32.38
N TYR A 742 2.97 4.71 -33.50
CA TYR A 742 3.76 5.86 -33.82
C TYR A 742 3.50 7.06 -32.85
N GLN A 743 2.27 7.17 -32.34
CA GLN A 743 2.01 8.20 -31.34
C GLN A 743 2.92 7.95 -30.14
N LEU A 744 3.14 6.68 -29.80
CA LEU A 744 4.03 6.30 -28.68
C LEU A 744 5.52 6.54 -28.94
N VAL A 745 6.00 6.21 -30.14
CA VAL A 745 7.34 6.61 -30.60
C VAL A 745 7.57 8.13 -30.38
N GLU A 746 6.68 8.92 -30.96
CA GLU A 746 6.73 10.36 -30.82
C GLU A 746 6.71 10.81 -29.35
N LEU A 747 5.81 10.22 -28.55
CA LEU A 747 5.74 10.51 -27.11
C LEU A 747 7.07 10.21 -26.40
N GLN A 748 7.69 9.08 -26.75
CA GLN A 748 8.99 8.74 -26.18
C GLN A 748 10.09 9.77 -26.50
N LEU A 749 10.15 10.22 -27.74
CA LEU A 749 11.18 11.16 -28.13
C LEU A 749 10.99 12.52 -27.49
N LYS A 750 9.73 12.92 -27.31
CA LYS A 750 9.40 14.21 -26.68
C LYS A 750 9.60 14.20 -25.17
N ASN A 751 9.33 13.07 -24.52
CA ASN A 751 9.24 13.06 -23.05
C ASN A 751 10.25 12.16 -22.31
N ALA A 752 11.11 11.47 -23.04
CA ALA A 752 11.90 10.45 -22.35
C ALA A 752 13.32 10.30 -22.87
N MET A 753 13.80 11.34 -23.58
CA MET A 753 15.13 11.39 -24.16
C MET A 753 15.87 12.67 -23.75
N TYR A 754 17.07 12.51 -23.18
CA TYR A 754 17.91 13.65 -22.89
C TYR A 754 18.56 14.19 -24.16
N ALA A 755 19.31 15.29 -24.03
CA ALA A 755 20.01 15.89 -25.18
C ALA A 755 21.03 14.98 -25.87
N ASN A 756 21.62 14.04 -25.12
CA ASN A 756 22.54 13.00 -25.61
C ASN A 756 21.80 11.75 -26.10
N LEU A 757 20.49 11.84 -26.08
CA LEU A 757 19.63 10.77 -26.58
C LEU A 757 19.61 9.54 -25.66
N PHE A 758 20.07 9.72 -24.42
CA PHE A 758 19.87 8.73 -23.41
C PHE A 758 18.40 8.68 -23.06
N ASP A 759 17.85 7.46 -22.99
CA ASP A 759 16.50 7.27 -22.47
C ASP A 759 16.45 7.60 -20.97
N TYR A 760 15.35 8.16 -20.49
CA TYR A 760 15.22 8.41 -19.07
C TYR A 760 13.91 7.98 -18.43
N HIS A 761 14.02 7.65 -17.17
CA HIS A 761 12.91 7.18 -16.39
C HIS A 761 12.06 8.33 -15.77
N ALA A 762 12.60 9.42 -15.20
CA ALA A 762 14.01 9.71 -14.91
C ALA A 762 14.49 8.95 -13.66
N PRO A 763 15.83 8.81 -13.50
CA PRO A 763 16.96 9.27 -14.31
C PRO A 763 17.24 8.41 -15.56
N PHE A 764 18.41 8.63 -16.18
CA PHE A 764 18.91 7.80 -17.29
C PHE A 764 18.74 6.33 -16.97
N GLN A 765 18.02 5.64 -17.85
CA GLN A 765 17.86 4.19 -17.82
C GLN A 765 17.95 3.76 -19.26
N ILE A 766 18.84 2.84 -19.57
CA ILE A 766 19.07 2.45 -20.97
C ILE A 766 17.97 1.57 -21.55
N ASP A 767 17.20 0.90 -20.69
CA ASP A 767 16.14 0.02 -21.17
C ASP A 767 15.35 0.65 -22.34
N GLY A 768 14.90 1.90 -22.18
CA GLY A 768 13.98 2.52 -23.17
C GLY A 768 14.64 2.80 -24.50
N ASN A 769 15.97 2.96 -24.48
CA ASN A 769 16.72 3.05 -25.74
C ASN A 769 16.63 1.75 -26.53
N PHE A 770 16.74 0.62 -25.84
CA PHE A 770 16.70 -0.68 -26.54
C PHE A 770 15.22 -1.02 -26.89
N GLY A 771 14.30 -0.59 -26.04
CA GLY A 771 12.85 -0.76 -26.32
C GLY A 771 12.40 0.00 -27.57
N ASN A 772 13.00 1.15 -27.83
CA ASN A 772 12.71 1.94 -29.01
C ASN A 772 13.14 1.20 -30.28
N THR A 773 14.38 0.74 -30.30
CA THR A 773 14.89 -0.06 -31.45
C THR A 773 13.98 -1.25 -31.76
N SER A 774 13.66 -2.04 -30.72
CA SER A 774 12.75 -3.17 -30.83
C SER A 774 11.37 -2.75 -31.38
N GLY A 775 10.82 -1.65 -30.84
CA GLY A 775 9.47 -1.18 -31.19
C GLY A 775 9.37 -0.79 -32.66
N VAL A 776 10.42 -0.16 -33.18
CA VAL A 776 10.51 0.18 -34.60
C VAL A 776 10.64 -1.07 -35.45
N ASP A 777 11.48 -2.03 -35.04
CA ASP A 777 11.58 -3.28 -35.78
C ASP A 777 10.22 -3.93 -35.93
N GLU A 778 9.47 -3.97 -34.81
CA GLU A 778 8.15 -4.64 -34.75
C GLU A 778 7.10 -3.93 -35.61
N MET A 779 7.29 -2.64 -35.84
CA MET A 779 6.45 -1.92 -36.82
C MET A 779 6.68 -2.42 -38.24
N LEU A 780 7.93 -2.68 -38.57
CA LEU A 780 8.33 -2.99 -39.94
C LEU A 780 8.38 -4.49 -40.25
N LEU A 781 8.57 -5.30 -39.21
CA LEU A 781 8.67 -6.75 -39.38
C LEU A 781 8.24 -7.46 -38.11
N GLN A 782 7.35 -8.47 -38.24
CA GLN A 782 7.10 -9.37 -37.14
C GLN A 782 7.33 -10.80 -37.61
N SER A 783 7.68 -11.69 -36.69
CA SER A 783 7.95 -13.07 -37.09
C SER A 783 7.64 -14.09 -36.01
N ASN A 784 6.81 -13.69 -35.04
CA ASN A 784 6.49 -14.49 -33.86
C ASN A 784 5.20 -15.26 -33.93
N SER A 785 4.37 -14.93 -34.90
CA SER A 785 3.00 -15.47 -34.89
C SER A 785 2.86 -16.80 -35.67
N THR A 786 1.71 -17.47 -35.53
CA THR A 786 1.44 -18.70 -36.28
C THR A 786 0.20 -18.47 -37.15
N PHE A 787 0.34 -18.71 -38.46
CA PHE A 787 -0.76 -18.58 -39.44
C PHE A 787 -1.43 -19.95 -39.57
N THR A 788 -2.76 -19.97 -39.69
CA THR A 788 -3.51 -21.23 -39.93
C THR A 788 -4.36 -21.04 -41.16
N ASP A 789 -4.10 -21.80 -42.23
CA ASP A 789 -4.90 -21.59 -43.42
C ASP A 789 -6.27 -22.26 -43.28
N THR A 790 -7.14 -22.08 -44.26
CA THR A 790 -8.50 -22.61 -44.14
C THR A 790 -8.52 -24.14 -44.21
N ALA A 791 -7.42 -24.75 -44.68
CA ALA A 791 -7.26 -26.22 -44.69
C ALA A 791 -6.81 -26.78 -43.33
N GLY A 792 -6.49 -25.88 -42.39
CA GLY A 792 -6.00 -26.28 -41.08
C GLY A 792 -4.50 -26.33 -41.00
N LYS A 793 -3.80 -26.00 -42.07
CA LYS A 793 -2.33 -26.13 -42.06
C LYS A 793 -1.71 -24.93 -41.31
N LYS A 794 -0.67 -25.22 -40.52
CA LYS A 794 -0.01 -24.26 -39.65
C LYS A 794 1.31 -23.76 -40.22
N TYR A 795 1.57 -22.46 -40.10
CA TYR A 795 2.84 -21.84 -40.53
C TYR A 795 3.39 -21.05 -39.33
N VAL A 796 4.29 -21.69 -38.61
CA VAL A 796 4.77 -21.15 -37.36
C VAL A 796 5.91 -20.18 -37.63
N ASN A 797 5.83 -19.00 -37.02
CA ASN A 797 6.90 -18.02 -37.15
C ASN A 797 7.06 -17.52 -38.57
N TYR A 798 5.93 -17.25 -39.21
CA TYR A 798 5.94 -16.71 -40.56
C TYR A 798 6.45 -15.27 -40.55
N THR A 799 6.99 -14.87 -41.69
CA THR A 799 7.62 -13.58 -41.85
C THR A 799 6.50 -12.58 -42.19
N ASN A 800 6.32 -11.56 -41.35
CA ASN A 800 5.23 -10.60 -41.52
C ASN A 800 5.80 -9.23 -41.88
N ILE A 801 5.63 -8.85 -43.14
CA ILE A 801 6.19 -7.60 -43.66
C ILE A 801 5.27 -6.42 -43.35
N LEU A 802 5.85 -5.38 -42.71
CA LEU A 802 5.14 -4.11 -42.45
C LEU A 802 3.79 -4.30 -41.73
N PRO A 803 3.84 -4.96 -40.57
CA PRO A 803 2.65 -5.30 -39.82
C PRO A 803 1.98 -4.12 -39.06
N ALA A 804 2.73 -3.07 -38.75
CA ALA A 804 2.19 -1.93 -38.01
C ALA A 804 2.82 -0.66 -38.57
N LEU A 805 2.64 -0.43 -39.87
CA LEU A 805 3.25 0.69 -40.56
C LEU A 805 2.40 1.95 -40.33
N PRO A 806 3.00 3.04 -39.75
CA PRO A 806 2.22 4.27 -39.54
C PRO A 806 2.03 5.06 -40.82
N ASP A 807 0.91 5.74 -40.95
CA ASP A 807 0.65 6.65 -42.06
C ASP A 807 1.69 7.79 -42.12
N ALA A 808 2.26 8.17 -40.97
CA ALA A 808 3.34 9.17 -40.95
C ALA A 808 4.56 8.78 -41.79
N TRP A 809 4.75 7.46 -42.01
CA TRP A 809 5.88 6.94 -42.80
C TRP A 809 5.37 6.35 -44.09
N ALA A 810 4.97 7.20 -45.04
CA ALA A 810 4.22 6.77 -46.23
C ALA A 810 5.10 6.01 -47.22
N GLY A 811 6.38 6.38 -47.23
CA GLY A 811 7.41 5.66 -47.97
C GLY A 811 8.71 5.52 -47.20
N GLY A 812 9.47 4.50 -47.54
CA GLY A 812 10.78 4.30 -46.98
C GLY A 812 11.35 2.96 -47.35
N SER A 813 12.44 2.60 -46.70
CA SER A 813 13.08 1.31 -46.90
C SER A 813 13.88 1.00 -45.65
N VAL A 814 14.06 -0.30 -45.41
CA VAL A 814 14.89 -0.78 -44.32
C VAL A 814 15.53 -2.05 -44.87
N SER A 815 16.75 -2.34 -44.49
CA SER A 815 17.38 -3.57 -44.89
C SER A 815 18.11 -4.16 -43.70
N GLY A 816 18.17 -5.49 -43.64
CA GLY A 816 19.06 -6.17 -42.69
C GLY A 816 18.41 -6.56 -41.38
N LEU A 817 17.09 -6.39 -41.25
CA LEU A 817 16.31 -6.93 -40.12
C LEU A 817 16.30 -8.48 -40.18
N VAL A 818 16.11 -9.13 -39.04
CA VAL A 818 16.10 -10.60 -39.02
C VAL A 818 14.75 -11.13 -38.51
N ALA A 819 14.23 -12.13 -39.23
CA ALA A 819 13.02 -12.87 -38.88
C ALA A 819 13.35 -14.23 -38.27
N ARG A 820 12.52 -14.70 -37.36
CA ARG A 820 12.65 -16.06 -36.84
C ARG A 820 12.70 -17.07 -38.00
N GLY A 821 13.47 -18.15 -37.80
CA GLY A 821 13.71 -19.13 -38.86
C GLY A 821 15.00 -18.77 -39.58
N ASN A 822 15.53 -17.59 -39.24
CA ASN A 822 16.81 -17.10 -39.77
C ASN A 822 16.68 -16.65 -41.23
N PHE A 823 15.91 -15.57 -41.44
CA PHE A 823 15.76 -14.92 -42.73
C PHE A 823 16.15 -13.47 -42.54
N THR A 824 17.01 -12.93 -43.38
CA THR A 824 17.32 -11.49 -43.33
C THR A 824 16.34 -10.80 -44.26
N VAL A 825 15.82 -9.65 -43.83
CA VAL A 825 14.68 -9.01 -44.51
C VAL A 825 14.96 -7.57 -44.83
N GLY A 826 14.75 -7.20 -46.08
CA GLY A 826 14.74 -5.82 -46.50
C GLY A 826 13.39 -5.53 -47.13
N THR A 827 12.88 -4.34 -46.93
CA THR A 827 11.62 -4.02 -47.57
C THR A 827 11.61 -2.53 -47.92
N THR A 828 11.02 -2.21 -49.08
CA THR A 828 10.82 -0.85 -49.52
C THR A 828 9.33 -0.66 -49.70
N TRP A 829 8.80 0.48 -49.28
CA TRP A 829 7.40 0.77 -49.49
C TRP A 829 7.23 2.20 -49.94
N LYS A 830 6.11 2.44 -50.62
CA LYS A 830 5.71 3.74 -51.15
C LYS A 830 4.22 3.80 -51.05
N ASN A 831 3.70 4.99 -50.75
CA ASN A 831 2.28 5.24 -50.62
C ASN A 831 1.64 4.25 -49.66
N GLY A 832 2.36 3.90 -48.59
CA GLY A 832 1.83 2.99 -47.59
C GLY A 832 1.77 1.52 -47.95
N LYS A 833 2.41 1.12 -49.06
CA LYS A 833 2.36 -0.29 -49.49
C LYS A 833 3.74 -0.72 -49.97
N ALA A 834 4.07 -1.97 -49.65
CA ALA A 834 5.35 -2.55 -50.02
C ALA A 834 5.45 -2.55 -51.55
N THR A 835 6.59 -2.08 -52.04
CA THR A 835 6.94 -2.16 -53.45
C THR A 835 7.96 -3.30 -53.68
N GLU A 836 8.72 -3.66 -52.65
CA GLU A 836 9.73 -4.71 -52.82
C GLU A 836 10.03 -5.34 -51.47
N VAL A 837 10.15 -6.66 -51.44
CA VAL A 837 10.67 -7.38 -50.29
C VAL A 837 11.87 -8.22 -50.74
N ARG A 838 12.95 -8.18 -49.95
CA ARG A 838 14.11 -9.00 -50.23
C ARG A 838 14.30 -9.93 -49.05
N LEU A 839 14.08 -11.22 -49.30
CA LEU A 839 14.14 -12.21 -48.25
C LEU A 839 15.34 -13.13 -48.48
N THR A 840 16.34 -13.05 -47.59
CA THR A 840 17.52 -13.90 -47.66
C THR A 840 17.33 -15.04 -46.66
N SER A 841 17.27 -16.26 -47.18
CA SER A 841 17.16 -17.44 -46.36
C SER A 841 18.56 -17.85 -45.93
N ASN A 842 18.85 -17.71 -44.65
CA ASN A 842 20.16 -18.08 -44.13
C ASN A 842 20.30 -19.55 -43.74
N LYS A 843 19.19 -20.25 -43.57
CA LYS A 843 19.24 -21.68 -43.19
C LYS A 843 18.46 -22.68 -44.08
N GLY A 844 17.81 -22.24 -45.15
CA GLY A 844 17.10 -23.17 -46.04
C GLY A 844 15.70 -23.54 -45.60
N LYS A 845 15.20 -22.84 -44.56
CA LYS A 845 13.87 -23.05 -44.02
C LYS A 845 12.81 -22.60 -45.01
N GLN A 846 11.70 -23.36 -45.09
CA GLN A 846 10.62 -22.98 -45.96
C GLN A 846 10.13 -21.57 -45.61
N ALA A 847 9.97 -20.73 -46.64
CA ALA A 847 9.44 -19.39 -46.46
C ALA A 847 7.89 -19.40 -46.39
N ALA A 848 7.35 -18.50 -45.57
CA ALA A 848 5.92 -18.23 -45.45
C ALA A 848 5.92 -16.73 -45.19
N VAL A 849 5.42 -15.95 -46.13
CA VAL A 849 5.55 -14.48 -46.10
C VAL A 849 4.20 -13.83 -46.20
N LYS A 850 3.81 -13.14 -45.14
CA LYS A 850 2.63 -12.26 -45.18
C LYS A 850 3.08 -10.84 -45.54
N ILE A 851 2.33 -10.12 -46.36
CA ILE A 851 2.60 -8.70 -46.60
C ILE A 851 1.39 -7.87 -46.11
N THR A 852 1.49 -7.34 -44.90
CA THR A 852 0.32 -6.68 -44.29
C THR A 852 0.00 -5.39 -45.04
N ALA A 853 1.03 -4.63 -45.39
CA ALA A 853 0.82 -3.43 -46.20
C ALA A 853 0.91 -3.80 -47.69
N GLY A 854 -0.13 -4.42 -48.22
CA GLY A 854 -0.22 -4.66 -49.67
C GLY A 854 -0.95 -5.94 -50.02
N GLY A 855 -0.81 -6.96 -49.17
CA GLY A 855 -1.48 -8.26 -49.35
C GLY A 855 -0.64 -9.16 -50.25
N ALA A 856 -0.11 -10.27 -49.71
CA ALA A 856 0.87 -11.11 -50.38
C ALA A 856 0.33 -11.73 -51.67
N GLN A 857 -0.97 -11.94 -51.72
CA GLN A 857 -1.64 -12.51 -52.91
C GLN A 857 -1.42 -11.64 -54.17
N ASN A 858 -1.07 -10.36 -53.97
CA ASN A 858 -0.82 -9.39 -55.04
C ASN A 858 0.64 -9.35 -55.51
N TYR A 859 1.49 -10.24 -54.99
CA TYR A 859 2.91 -10.20 -55.28
C TYR A 859 3.37 -11.52 -55.91
N GLU A 860 4.52 -11.48 -56.55
CA GLU A 860 5.14 -12.69 -57.04
C GLU A 860 6.58 -12.69 -56.58
N VAL A 861 7.19 -13.88 -56.53
CA VAL A 861 8.56 -14.02 -56.09
C VAL A 861 9.54 -14.54 -57.17
N LYS A 862 10.73 -13.93 -57.16
CA LYS A 862 11.79 -14.32 -58.08
C LYS A 862 13.07 -14.63 -57.33
N ASN A 863 13.85 -15.50 -57.91
CA ASN A 863 15.18 -15.74 -57.43
C ASN A 863 16.13 -15.36 -58.56
N VAL A 868 10.01 -18.64 -59.16
CA VAL A 868 9.98 -19.46 -57.93
C VAL A 868 8.59 -20.09 -57.77
N ASN A 869 8.55 -21.39 -57.46
CA ASN A 869 7.30 -22.14 -57.31
C ASN A 869 6.50 -21.79 -56.04
N ALA A 870 5.99 -20.55 -55.95
CA ALA A 870 5.38 -20.03 -54.71
C ALA A 870 3.88 -20.22 -54.68
N LYS A 871 3.36 -20.84 -53.63
CA LYS A 871 1.90 -20.92 -53.52
C LYS A 871 1.30 -19.84 -52.62
N VAL A 872 0.04 -19.47 -52.87
CA VAL A 872 -0.67 -18.53 -52.02
C VAL A 872 -1.64 -19.35 -51.19
N VAL A 873 -1.57 -19.23 -49.87
CA VAL A 873 -2.58 -19.82 -48.99
C VAL A 873 -3.27 -18.68 -48.24
N THR A 874 -4.52 -18.91 -47.84
CA THR A 874 -5.34 -17.89 -47.25
C THR A 874 -5.97 -18.44 -45.97
N ASN A 875 -6.22 -17.57 -45.00
CA ASN A 875 -6.88 -17.95 -43.75
C ASN A 875 -8.35 -17.52 -43.85
N ALA A 876 -9.14 -17.86 -42.84
CA ALA A 876 -10.53 -17.39 -42.76
C ALA A 876 -10.70 -15.83 -42.65
N ASP A 877 -9.73 -15.10 -42.07
CA ASP A 877 -9.68 -13.59 -42.07
C ASP A 877 -9.62 -13.03 -43.52
N GLY A 878 -9.27 -13.87 -44.49
CA GLY A 878 -8.93 -13.39 -45.82
C GLY A 878 -7.44 -12.96 -45.97
N ALA A 879 -6.62 -13.15 -44.94
CA ALA A 879 -5.18 -12.85 -45.02
C ALA A 879 -4.46 -13.93 -45.83
N SER A 880 -3.44 -13.54 -46.62
CA SER A 880 -2.70 -14.48 -47.47
C SER A 880 -1.24 -14.54 -47.13
N LEU A 881 -0.67 -15.76 -47.28
CA LEU A 881 0.80 -15.96 -47.28
C LEU A 881 1.31 -16.47 -48.60
N LEU A 882 2.54 -16.07 -48.90
CA LEU A 882 3.34 -16.67 -49.98
C LEU A 882 4.26 -17.75 -49.36
N VAL A 883 4.17 -18.96 -49.90
CA VAL A 883 4.86 -20.12 -49.35
C VAL A 883 5.75 -20.73 -50.44
N PHE A 884 7.02 -20.96 -50.14
CA PHE A 884 7.98 -21.49 -51.12
C PHE A 884 9.19 -22.07 -50.39
N ASP A 885 9.77 -23.12 -50.94
CA ASP A 885 11.03 -23.66 -50.49
C ASP A 885 12.13 -22.64 -50.71
N THR A 886 13.13 -22.70 -49.85
CA THR A 886 14.32 -21.85 -49.99
C THR A 886 15.61 -22.67 -49.87
N THR A 887 16.69 -22.04 -50.29
CA THR A 887 18.03 -22.60 -50.21
C THR A 887 18.85 -21.61 -49.38
N ALA A 888 19.62 -22.12 -48.41
CA ALA A 888 20.52 -21.30 -47.61
C ALA A 888 21.44 -20.48 -48.49
N GLY A 889 21.53 -19.16 -48.24
CA GLY A 889 22.39 -18.27 -49.03
C GLY A 889 21.68 -17.47 -50.11
N THR A 890 20.42 -17.82 -50.40
CA THR A 890 19.73 -17.27 -51.55
C THR A 890 18.80 -16.17 -51.09
N THR A 891 18.74 -15.07 -51.86
CA THR A 891 17.80 -13.98 -51.64
C THR A 891 16.68 -14.01 -52.67
N TYR A 892 15.44 -13.89 -52.19
CA TYR A 892 14.22 -13.93 -52.99
C TYR A 892 13.65 -12.50 -53.03
N THR A 893 13.31 -12.02 -54.21
CA THR A 893 12.78 -10.67 -54.41
C THR A 893 11.30 -10.80 -54.70
N ILE A 894 10.53 -10.11 -53.87
CA ILE A 894 9.09 -10.17 -53.93
C ILE A 894 8.59 -8.78 -54.35
N THR A 895 7.83 -8.71 -55.44
CA THR A 895 7.33 -7.46 -56.04
C THR A 895 5.87 -7.62 -56.50
N LYS A 896 5.17 -6.52 -56.69
CA LYS A 896 3.76 -6.56 -57.07
C LYS A 896 3.57 -7.05 -58.49
N LYS A 897 2.66 -8.00 -58.67
CA LYS A 897 2.19 -8.43 -60.01
C LYS A 897 1.72 -7.26 -60.87
N ASP B 11 -33.53 -23.15 27.79
CA ASP B 11 -32.21 -22.48 28.06
C ASP B 11 -31.03 -23.41 28.34
N GLY B 12 -31.33 -24.63 28.77
CA GLY B 12 -30.29 -25.57 29.12
C GLY B 12 -29.57 -25.10 30.37
N ASP B 13 -28.25 -25.25 30.36
CA ASP B 13 -27.41 -24.88 31.49
C ASP B 13 -26.98 -23.41 31.39
N THR B 14 -27.34 -22.63 32.40
CA THR B 14 -26.99 -21.21 32.45
C THR B 14 -26.07 -20.92 33.65
N SER B 15 -25.65 -21.96 34.38
CA SER B 15 -24.79 -21.79 35.56
C SER B 15 -23.46 -21.09 35.24
N LYS B 16 -22.97 -21.26 34.02
CA LYS B 16 -21.71 -20.61 33.55
C LYS B 16 -21.93 -19.24 32.88
N ASP B 17 -23.19 -18.83 32.68
CA ASP B 17 -23.51 -17.52 32.07
C ASP B 17 -23.25 -16.33 32.98
N ASP B 18 -22.99 -15.17 32.38
CA ASP B 18 -22.81 -13.93 33.15
C ASP B 18 -24.17 -13.27 33.32
N TRP B 19 -24.59 -13.06 34.57
CA TRP B 19 -25.86 -12.41 34.90
C TRP B 19 -25.70 -11.15 35.70
N LEU B 20 -26.48 -10.14 35.33
CA LEU B 20 -26.90 -9.14 36.32
C LEU B 20 -28.25 -9.70 36.82
N TRP B 21 -28.44 -9.77 38.13
CA TRP B 21 -29.69 -10.33 38.65
C TRP B 21 -30.17 -9.62 39.92
N TYR B 22 -31.49 -9.59 40.10
CA TYR B 22 -32.13 -8.79 41.16
C TYR B 22 -33.27 -9.61 41.78
N LYS B 23 -33.45 -9.46 43.08
CA LYS B 23 -34.51 -10.17 43.79
C LYS B 23 -35.83 -9.37 43.85
N GLN B 24 -35.88 -8.24 43.15
CA GLN B 24 -37.10 -7.43 43.11
C GLN B 24 -37.22 -6.70 41.76
N PRO B 25 -38.46 -6.28 41.39
CA PRO B 25 -38.73 -5.43 40.21
C PRO B 25 -38.04 -4.09 40.32
N ALA B 26 -37.94 -3.38 39.19
CA ALA B 26 -37.28 -2.08 39.10
C ALA B 26 -37.86 -1.07 40.06
N SER B 27 -39.20 -1.07 40.20
CA SER B 27 -39.89 -0.19 41.18
C SER B 27 -39.43 -0.42 42.64
N GLN B 28 -38.81 -1.56 42.92
CA GLN B 28 -38.38 -1.88 44.29
C GLN B 28 -36.84 -1.86 44.46
N THR B 29 -36.14 -1.53 43.36
CA THR B 29 -34.69 -1.46 43.33
C THR B 29 -34.22 -0.07 43.72
N ASP B 30 -33.09 0.00 44.41
CA ASP B 30 -32.51 1.25 44.91
C ASP B 30 -32.19 2.21 43.76
N ALA B 31 -32.72 3.43 43.86
CA ALA B 31 -32.52 4.45 42.85
C ALA B 31 -32.16 5.76 43.53
N THR B 32 -31.34 5.63 44.56
CA THR B 32 -31.01 6.72 45.45
C THR B 32 -29.75 7.47 45.08
N ALA B 33 -29.01 7.01 44.06
CA ALA B 33 -27.82 7.73 43.61
C ALA B 33 -28.16 9.09 42.95
N THR B 34 -27.20 10.00 42.86
CA THR B 34 -27.45 11.27 42.19
C THR B 34 -28.22 11.06 40.86
N ALA B 35 -29.33 11.78 40.71
CA ALA B 35 -30.20 11.67 39.52
C ALA B 35 -29.61 12.41 38.32
N GLY B 36 -29.12 13.62 38.55
CA GLY B 36 -28.67 14.55 37.52
C GLY B 36 -29.73 15.37 36.81
N GLY B 37 -29.26 16.35 36.04
CA GLY B 37 -30.11 17.14 35.14
C GLY B 37 -31.07 16.27 34.33
N ASN B 38 -32.30 16.81 34.17
CA ASN B 38 -33.41 16.21 33.36
C ASN B 38 -34.07 14.98 33.99
N TYR B 39 -33.68 14.66 35.22
CA TYR B 39 -34.22 13.49 35.85
C TYR B 39 -34.87 13.78 37.22
N GLY B 40 -35.51 14.95 37.32
CA GLY B 40 -36.30 15.32 38.48
C GLY B 40 -37.53 14.44 38.64
N ASN B 41 -38.07 13.95 37.53
CA ASN B 41 -39.21 13.03 37.54
C ASN B 41 -38.73 11.68 38.07
N PRO B 42 -39.23 11.28 39.27
CA PRO B 42 -38.88 10.04 39.95
C PRO B 42 -39.01 8.81 39.06
N ASP B 43 -40.01 8.77 38.20
CA ASP B 43 -40.12 7.67 37.26
C ASP B 43 -38.95 7.59 36.26
N ASN B 44 -38.57 8.73 35.70
CA ASN B 44 -37.43 8.81 34.76
C ASN B 44 -36.15 8.44 35.47
N ASN B 45 -35.94 9.00 36.66
CA ASN B 45 -34.79 8.60 37.48
C ASN B 45 -34.77 7.09 37.74
N ARG B 46 -35.92 6.52 38.09
CA ARG B 46 -35.96 5.10 38.34
C ARG B 46 -35.60 4.28 37.10
N TRP B 47 -36.11 4.68 35.94
CA TRP B 47 -35.76 4.04 34.66
C TRP B 47 -34.22 3.90 34.54
N GLN B 48 -33.52 5.01 34.74
CA GLN B 48 -32.08 5.04 34.42
C GLN B 48 -31.27 4.20 35.42
N GLN B 49 -31.81 3.98 36.63
CA GLN B 49 -30.99 3.41 37.70
C GLN B 49 -31.24 1.92 37.87
N THR B 50 -32.37 1.43 37.36
CA THR B 50 -32.82 0.09 37.70
C THR B 50 -33.21 -0.84 36.58
N THR B 51 -33.44 -0.33 35.34
CA THR B 51 -33.92 -1.17 34.23
C THR B 51 -32.76 -1.87 33.50
N LEU B 52 -33.03 -3.01 32.87
CA LEU B 52 -32.02 -3.85 32.24
C LEU B 52 -32.15 -3.76 30.74
N PRO B 53 -31.08 -3.26 30.03
CA PRO B 53 -31.15 -3.00 28.56
C PRO B 53 -30.81 -4.21 27.69
N PHE B 54 -31.47 -4.29 26.54
CA PHE B 54 -31.09 -5.23 25.49
C PHE B 54 -31.35 -4.54 24.16
N GLY B 55 -30.75 -5.05 23.08
CA GLY B 55 -30.90 -4.45 21.77
C GLY B 55 -30.26 -5.27 20.68
N ASN B 56 -30.54 -4.90 19.44
CA ASN B 56 -29.95 -5.56 18.29
C ASN B 56 -29.14 -4.55 17.49
N GLY B 57 -28.80 -3.44 18.14
CA GLY B 57 -28.04 -2.40 17.51
C GLY B 57 -28.97 -1.37 16.88
N LYS B 58 -30.25 -1.71 16.71
CA LYS B 58 -31.21 -0.80 16.06
C LYS B 58 -32.46 -0.50 16.94
N ILE B 59 -33.16 -1.56 17.38
CA ILE B 59 -34.21 -1.43 18.40
C ILE B 59 -33.67 -1.92 19.74
N GLY B 60 -34.18 -1.35 20.83
CA GLY B 60 -33.76 -1.74 22.14
C GLY B 60 -34.92 -1.65 23.10
N GLY B 61 -34.79 -2.37 24.20
CA GLY B 61 -35.76 -2.39 25.27
C GLY B 61 -34.99 -2.24 26.55
N THR B 62 -35.64 -1.66 27.54
CA THR B 62 -35.12 -1.69 28.91
C THR B 62 -36.24 -2.21 29.79
N VAL B 63 -35.98 -3.34 30.44
CA VAL B 63 -36.98 -4.16 31.13
C VAL B 63 -37.14 -3.75 32.61
N TRP B 64 -38.37 -3.46 33.02
CA TRP B 64 -38.67 -3.15 34.44
C TRP B 64 -38.92 -4.44 35.27
N GLY B 65 -39.52 -5.46 34.67
CA GLY B 65 -39.82 -6.70 35.38
C GLY B 65 -40.91 -6.53 36.44
N GLU B 66 -41.80 -5.56 36.23
CA GLU B 66 -42.91 -5.37 37.18
C GLU B 66 -43.80 -6.60 37.17
N VAL B 67 -44.40 -6.90 38.33
CA VAL B 67 -45.19 -8.10 38.50
C VAL B 67 -46.46 -8.03 37.67
N SER B 68 -47.26 -6.98 37.85
CA SER B 68 -48.57 -6.89 37.15
C SER B 68 -48.56 -6.01 35.90
N ARG B 69 -48.27 -4.74 36.05
CA ARG B 69 -48.18 -3.85 34.89
C ARG B 69 -46.74 -3.85 34.39
N GLU B 70 -46.41 -4.89 33.61
CA GLU B 70 -45.03 -5.06 33.17
C GLU B 70 -44.72 -3.99 32.11
N ARG B 71 -43.46 -3.57 32.05
CA ARG B 71 -43.09 -2.42 31.23
C ARG B 71 -41.73 -2.63 30.59
N VAL B 72 -41.67 -2.45 29.27
CA VAL B 72 -40.38 -2.46 28.54
C VAL B 72 -40.25 -1.14 27.79
N THR B 73 -39.38 -0.26 28.25
CA THR B 73 -39.18 1.02 27.59
C THR B 73 -38.52 0.77 26.24
N PHE B 74 -39.04 1.43 25.21
CA PHE B 74 -38.75 1.01 23.82
C PHE B 74 -38.03 2.12 23.05
N ASN B 75 -37.03 1.72 22.26
CA ASN B 75 -36.24 2.66 21.46
C ASN B 75 -36.00 2.09 20.08
N GLU B 76 -35.95 2.98 19.10
CA GLU B 76 -35.31 2.71 17.79
C GLU B 76 -34.30 3.83 17.49
N GLU B 77 -33.12 3.45 16.98
CA GLU B 77 -31.95 4.32 16.90
C GLU B 77 -32.10 5.57 16.03
N THR B 78 -33.06 5.57 15.09
CA THR B 78 -33.14 6.67 14.10
C THR B 78 -34.27 7.63 14.45
N LEU B 79 -34.88 7.44 15.64
CA LEU B 79 -35.98 8.34 16.02
C LEU B 79 -35.39 9.66 16.51
N TRP B 80 -35.11 10.54 15.55
CA TRP B 80 -34.40 11.78 15.81
C TRP B 80 -35.23 12.92 15.30
N THR B 81 -35.45 13.94 16.13
CA THR B 81 -36.01 15.18 15.62
C THR B 81 -34.88 16.00 15.01
N GLY B 82 -35.23 17.11 14.36
CA GLY B 82 -34.21 17.98 13.76
C GLY B 82 -34.02 17.69 12.29
N GLY B 83 -33.07 18.39 11.67
CA GLY B 83 -32.66 18.08 10.29
C GLY B 83 -33.57 18.63 9.23
N PRO B 84 -33.42 18.14 8.01
CA PRO B 84 -34.29 18.71 6.93
C PRO B 84 -35.81 18.50 7.21
N GLY B 85 -36.64 19.50 6.93
CA GLY B 85 -38.08 19.41 7.25
C GLY B 85 -38.45 20.08 8.57
N SER B 86 -37.48 20.31 9.47
CA SER B 86 -37.70 21.01 10.75
C SER B 86 -37.81 22.53 10.54
N SER B 87 -37.37 22.99 9.37
CA SER B 87 -37.55 24.38 8.95
C SER B 87 -37.49 24.35 7.43
N THR B 88 -37.68 25.52 6.82
CA THR B 88 -37.62 25.61 5.37
C THR B 88 -36.24 25.99 4.89
N SER B 89 -35.30 26.14 5.83
CA SER B 89 -33.98 26.59 5.48
C SER B 89 -32.87 25.79 6.18
N TYR B 90 -33.11 24.52 6.51
CA TYR B 90 -32.11 23.69 7.22
C TYR B 90 -30.81 23.62 6.43
N ASN B 91 -29.72 23.99 7.09
CA ASN B 91 -28.39 23.98 6.50
C ASN B 91 -27.32 23.52 7.51
N GLY B 92 -27.64 22.48 8.28
CA GLY B 92 -26.73 21.87 9.23
C GLY B 92 -26.24 22.82 10.32
N GLY B 93 -26.97 23.92 10.51
CA GLY B 93 -26.67 24.92 11.53
C GLY B 93 -25.72 26.03 11.12
N ASN B 94 -25.26 25.98 9.87
CA ASN B 94 -24.26 26.90 9.37
C ASN B 94 -24.80 28.33 9.27
N ASN B 95 -24.08 29.25 9.89
CA ASN B 95 -24.40 30.68 9.84
C ASN B 95 -23.44 31.47 8.97
N GLU B 96 -23.89 31.80 7.77
CA GLU B 96 -23.09 32.49 6.80
C GLU B 96 -22.64 33.87 7.27
N THR B 97 -23.50 34.56 8.01
CA THR B 97 -23.17 35.90 8.49
C THR B 97 -22.06 35.84 9.56
N LYS B 98 -21.99 34.71 10.27
CA LYS B 98 -20.97 34.47 11.29
C LYS B 98 -19.63 34.09 10.66
N GLY B 99 -19.65 33.12 9.76
CA GLY B 99 -18.42 32.56 9.19
C GLY B 99 -17.76 33.47 8.18
N GLN B 100 -18.58 34.13 7.35
CA GLN B 100 -18.10 35.04 6.28
C GLN B 100 -17.06 34.37 5.42
N ASN B 101 -17.31 33.12 5.04
CA ASN B 101 -16.42 32.32 4.17
C ASN B 101 -14.95 32.31 4.65
N GLY B 102 -14.77 32.16 5.96
CA GLY B 102 -13.42 32.09 6.55
C GLY B 102 -12.85 33.41 7.06
N ALA B 103 -13.47 34.55 6.74
CA ALA B 103 -12.91 35.86 7.10
C ALA B 103 -12.91 36.13 8.60
N THR B 104 -13.97 35.67 9.28
CA THR B 104 -14.07 35.92 10.71
C THR B 104 -12.90 35.20 11.40
N LEU B 105 -12.73 33.91 11.13
CA LEU B 105 -11.63 33.12 11.66
C LEU B 105 -10.23 33.71 11.29
N ARG B 106 -10.07 34.12 10.03
CA ARG B 106 -8.82 34.71 9.52
C ARG B 106 -8.45 35.97 10.31
N ALA B 107 -9.40 36.88 10.54
CA ALA B 107 -9.11 38.12 11.28
C ALA B 107 -8.72 37.83 12.72
N LEU B 108 -9.39 36.86 13.33
CA LEU B 108 -9.06 36.43 14.69
C LEU B 108 -7.66 35.83 14.78
N ASN B 109 -7.33 34.91 13.87
CA ASN B 109 -5.97 34.36 13.79
C ASN B 109 -4.88 35.41 13.53
N LYS B 110 -5.17 36.39 12.67
CA LYS B 110 -4.22 37.50 12.42
C LYS B 110 -3.99 38.26 13.75
N GLN B 111 -5.04 38.40 14.56
CA GLN B 111 -4.87 39.09 15.83
C GLN B 111 -3.94 38.33 16.77
N LEU B 112 -4.07 37.00 16.80
CA LEU B 112 -3.20 36.14 17.61
C LEU B 112 -1.76 36.16 17.08
N ALA B 113 -1.60 35.98 15.76
CA ALA B 113 -0.31 36.03 15.09
C ALA B 113 0.47 37.31 15.42
N ASN B 114 -0.26 38.41 15.53
CA ASN B 114 0.31 39.69 15.89
C ASN B 114 0.63 39.87 17.38
N GLY B 115 0.40 38.85 18.20
CA GLY B 115 0.81 38.96 19.60
C GLY B 115 -0.25 38.90 20.70
N ALA B 116 -1.53 39.06 20.36
CA ALA B 116 -2.59 38.81 21.33
C ALA B 116 -2.46 37.43 21.99
N GLU B 117 -2.69 37.36 23.31
CA GLU B 117 -2.73 36.07 23.98
C GLU B 117 -4.09 35.42 23.87
N THR B 118 -5.11 36.25 23.80
CA THR B 118 -6.49 35.80 23.61
C THR B 118 -7.18 36.78 22.63
N VAL B 119 -8.26 36.30 22.02
CA VAL B 119 -9.11 37.06 21.13
C VAL B 119 -10.53 36.69 21.51
N ASN B 120 -11.50 37.47 21.04
CA ASN B 120 -12.88 37.17 21.38
C ASN B 120 -13.44 36.37 20.25
N PRO B 121 -13.68 35.05 20.47
CA PRO B 121 -14.09 34.22 19.34
C PRO B 121 -15.63 34.11 19.29
N GLY B 122 -16.28 35.04 20.00
CA GLY B 122 -17.74 35.06 20.14
C GLY B 122 -18.56 35.02 18.86
N ASN B 123 -18.03 35.53 17.74
CA ASN B 123 -18.70 35.42 16.42
C ASN B 123 -18.58 34.05 15.71
N LEU B 124 -17.77 33.13 16.24
CA LEU B 124 -17.55 31.86 15.55
C LEU B 124 -18.57 30.82 16.05
N THR B 125 -19.82 31.04 15.69
CA THR B 125 -20.95 30.28 16.22
C THR B 125 -21.93 29.92 15.12
N GLY B 126 -22.85 29.05 15.44
CA GLY B 126 -23.95 28.70 14.55
C GLY B 126 -24.91 27.85 15.38
N GLY B 127 -25.78 27.10 14.70
CA GLY B 127 -26.69 26.19 15.38
C GLY B 127 -27.69 26.82 16.34
N GLU B 128 -28.25 27.97 15.97
CA GLU B 128 -29.15 28.69 16.89
C GLU B 128 -30.55 28.11 17.09
N ASN B 129 -31.06 27.37 16.11
CA ASN B 129 -32.43 26.91 16.13
C ASN B 129 -32.45 25.52 16.74
N ALA B 130 -32.95 25.42 17.96
CA ALA B 130 -32.96 24.14 18.67
C ALA B 130 -33.88 23.07 18.03
N ALA B 131 -34.88 23.53 17.27
CA ALA B 131 -35.78 22.67 16.47
C ALA B 131 -35.06 22.03 15.27
N GLU B 132 -34.08 22.73 14.70
CA GLU B 132 -33.22 22.20 13.63
C GLU B 132 -32.18 21.26 14.18
N GLN B 133 -31.63 21.60 15.36
CA GLN B 133 -30.62 20.71 15.94
C GLN B 133 -31.30 19.37 16.24
N GLY B 134 -32.43 19.43 16.94
CA GLY B 134 -33.13 18.20 17.31
C GLY B 134 -32.39 17.37 18.36
N ASN B 135 -32.86 16.14 18.57
CA ASN B 135 -32.28 15.26 19.59
C ASN B 135 -32.81 13.86 19.42
N TYR B 136 -32.19 12.91 20.11
CA TYR B 136 -32.68 11.55 20.12
C TYR B 136 -33.94 11.43 20.99
N LEU B 137 -34.94 10.70 20.51
CA LEU B 137 -36.21 10.52 21.25
C LEU B 137 -36.37 9.15 21.83
N ASN B 138 -36.85 9.10 23.08
CA ASN B 138 -37.45 7.84 23.54
C ASN B 138 -38.63 7.55 22.61
N TRP B 139 -38.76 6.32 22.08
CA TRP B 139 -39.87 6.00 21.17
C TRP B 139 -41.18 5.93 21.95
N GLY B 140 -41.17 5.09 23.00
CA GLY B 140 -42.32 4.89 23.90
C GLY B 140 -42.06 3.74 24.85
N ASP B 141 -43.11 2.96 25.11
CA ASP B 141 -43.00 1.78 26.01
C ASP B 141 -43.89 0.65 25.51
N ILE B 142 -43.51 -0.61 25.78
CA ILE B 142 -44.43 -1.76 25.60
C ILE B 142 -45.00 -2.03 27.00
N TYR B 143 -46.32 -2.04 27.11
CA TYR B 143 -46.97 -2.41 28.37
C TYR B 143 -47.63 -3.78 28.26
N LEU B 144 -47.39 -4.61 29.27
CA LEU B 144 -47.99 -5.95 29.34
C LEU B 144 -48.72 -6.07 30.66
N ASP B 145 -50.01 -5.72 30.66
CA ASP B 145 -50.72 -5.55 31.92
C ASP B 145 -51.44 -6.85 32.31
N TYR B 146 -50.97 -7.45 33.41
CA TYR B 146 -51.45 -8.78 33.85
C TYR B 146 -52.72 -8.64 34.69
N GLY B 147 -53.01 -7.42 35.15
CA GLY B 147 -54.24 -7.17 35.88
C GLY B 147 -54.42 -8.05 37.10
N PHE B 148 -53.32 -8.26 37.82
CA PHE B 148 -53.32 -8.96 39.10
C PHE B 148 -53.97 -8.06 40.15
N ASN B 149 -54.83 -8.63 41.00
CA ASN B 149 -55.45 -7.87 42.11
C ASN B 149 -54.44 -7.36 43.14
N ASP B 150 -53.45 -8.19 43.43
CA ASP B 150 -52.35 -7.80 44.29
C ASP B 150 -51.05 -8.40 43.76
N THR B 151 -49.98 -7.64 43.92
CA THR B 151 -48.68 -7.97 43.33
C THR B 151 -47.79 -8.81 44.24
N THR B 152 -48.35 -9.26 45.37
CA THR B 152 -47.63 -10.11 46.29
C THR B 152 -47.14 -11.40 45.59
N VAL B 153 -45.83 -11.65 45.68
CA VAL B 153 -45.21 -12.78 45.01
C VAL B 153 -44.11 -13.45 45.84
N THR B 154 -43.78 -14.68 45.44
CA THR B 154 -42.58 -15.39 45.89
C THR B 154 -41.73 -15.86 44.70
N GLU B 155 -40.49 -16.27 44.99
CA GLU B 155 -39.59 -16.85 43.99
C GLU B 155 -39.34 -15.88 42.81
N TYR B 156 -39.32 -14.60 43.15
CA TYR B 156 -39.14 -13.55 42.16
C TYR B 156 -37.65 -13.45 41.77
N ARG B 157 -37.37 -13.43 40.47
CA ARG B 157 -36.04 -13.02 40.00
C ARG B 157 -36.20 -12.29 38.67
N ARG B 158 -35.44 -11.22 38.48
CA ARG B 158 -35.24 -10.69 37.14
C ARG B 158 -33.73 -10.69 36.87
N ASP B 159 -33.37 -10.91 35.61
CA ASP B 159 -31.98 -10.88 35.25
C ASP B 159 -31.73 -10.46 33.81
N LEU B 160 -30.48 -10.08 33.59
CA LEU B 160 -29.93 -9.91 32.26
C LEU B 160 -28.79 -10.91 32.09
N ASN B 161 -29.00 -11.84 31.17
CA ASN B 161 -27.99 -12.80 30.78
C ASN B 161 -27.13 -12.19 29.68
N LEU B 162 -25.96 -11.69 30.07
CA LEU B 162 -25.00 -11.13 29.14
C LEU B 162 -24.51 -12.18 28.13
N SER B 163 -24.42 -13.44 28.53
CA SER B 163 -23.92 -14.49 27.66
C SER B 163 -24.85 -14.89 26.49
N LYS B 164 -26.16 -14.82 26.76
CA LYS B 164 -27.19 -15.25 25.82
C LYS B 164 -27.94 -14.04 25.20
N GLY B 165 -27.64 -12.86 25.73
CA GLY B 165 -28.16 -11.61 25.19
C GLY B 165 -29.66 -11.56 25.36
N LYS B 166 -30.15 -11.91 26.56
CA LYS B 166 -31.58 -11.83 26.87
C LYS B 166 -31.88 -11.41 28.29
N ALA B 167 -33.05 -10.78 28.47
CA ALA B 167 -33.54 -10.42 29.81
C ALA B 167 -34.62 -11.40 30.23
N ASP B 168 -34.58 -11.81 31.49
CA ASP B 168 -35.50 -12.79 32.04
C ASP B 168 -36.24 -12.22 33.23
N VAL B 169 -37.50 -12.65 33.38
CA VAL B 169 -38.29 -12.37 34.61
C VAL B 169 -39.00 -13.68 35.05
N THR B 170 -38.99 -13.94 36.36
CA THR B 170 -39.77 -15.04 36.92
C THR B 170 -40.33 -14.66 38.29
N PHE B 171 -41.54 -15.15 38.60
CA PHE B 171 -42.12 -15.00 39.94
C PHE B 171 -43.25 -16.04 40.13
N LYS B 172 -43.68 -16.23 41.38
CA LYS B 172 -44.78 -17.13 41.67
C LYS B 172 -45.92 -16.28 42.20
N HIS B 173 -47.06 -16.33 41.53
CA HIS B 173 -48.21 -15.55 41.95
C HIS B 173 -49.38 -16.50 42.21
N ASP B 174 -49.84 -16.53 43.47
CA ASP B 174 -51.02 -17.31 43.86
C ASP B 174 -50.92 -18.73 43.28
N GLY B 175 -49.74 -19.32 43.48
CA GLY B 175 -49.43 -20.65 43.01
C GLY B 175 -48.98 -20.86 41.58
N VAL B 176 -49.11 -19.83 40.74
CA VAL B 176 -48.69 -19.94 39.35
C VAL B 176 -47.34 -19.26 39.12
N THR B 177 -46.44 -19.99 38.46
CA THR B 177 -45.16 -19.44 38.05
C THR B 177 -45.35 -18.74 36.68
N TYR B 178 -45.00 -17.46 36.66
CA TYR B 178 -45.02 -16.65 35.43
C TYR B 178 -43.60 -16.36 35.00
N THR B 179 -43.29 -16.55 33.72
CA THR B 179 -41.96 -16.22 33.20
C THR B 179 -42.05 -15.32 31.99
N ARG B 180 -41.08 -14.43 31.87
CA ARG B 180 -40.92 -13.60 30.69
C ARG B 180 -39.46 -13.70 30.22
N GLU B 181 -39.28 -13.65 28.91
CA GLU B 181 -37.97 -13.61 28.31
C GLU B 181 -38.03 -12.58 27.21
N TYR B 182 -37.00 -11.73 27.15
CA TYR B 182 -36.91 -10.70 26.12
C TYR B 182 -35.54 -10.65 25.45
N PHE B 183 -35.55 -10.57 24.12
CA PHE B 183 -34.34 -10.32 23.36
C PHE B 183 -34.60 -9.62 22.05
N ALA B 184 -33.55 -9.05 21.45
CA ALA B 184 -33.71 -8.37 20.17
C ALA B 184 -32.72 -8.99 19.21
N SER B 185 -33.23 -9.62 18.17
CA SER B 185 -32.40 -10.44 17.30
C SER B 185 -31.86 -9.54 16.23
N ASN B 186 -30.54 -9.59 16.02
CA ASN B 186 -29.97 -8.95 14.86
C ASN B 186 -30.28 -9.74 13.56
N PRO B 187 -30.01 -11.08 13.49
CA PRO B 187 -30.35 -11.84 12.24
C PRO B 187 -31.76 -11.66 11.70
N ASP B 188 -32.77 -11.70 12.58
CA ASP B 188 -34.15 -11.58 12.13
C ASP B 188 -34.76 -10.19 12.42
N ASN B 189 -33.93 -9.31 12.96
CA ASN B 189 -34.22 -7.85 13.06
C ASN B 189 -35.51 -7.58 13.79
N VAL B 190 -35.66 -8.28 14.93
CA VAL B 190 -36.96 -8.37 15.58
C VAL B 190 -36.75 -8.50 17.10
N MET B 191 -37.59 -7.83 17.87
CA MET B 191 -37.62 -8.02 19.29
C MET B 191 -38.67 -9.09 19.64
N VAL B 192 -38.31 -9.96 20.58
CA VAL B 192 -39.14 -11.09 20.96
C VAL B 192 -39.41 -11.03 22.43
N ALA B 193 -40.66 -11.34 22.78
CA ALA B 193 -41.10 -11.45 24.17
C ALA B 193 -41.78 -12.81 24.27
N ARG B 194 -41.21 -13.69 25.10
CA ARG B 194 -41.75 -15.05 25.29
C ARG B 194 -42.42 -15.05 26.63
N LEU B 195 -43.73 -15.22 26.63
CA LEU B 195 -44.49 -15.06 27.88
C LEU B 195 -45.19 -16.37 28.20
N THR B 196 -45.16 -16.74 29.48
CA THR B 196 -45.47 -18.09 29.93
C THR B 196 -46.20 -18.07 31.29
N ALA B 197 -47.15 -18.99 31.47
CA ALA B 197 -47.67 -19.33 32.80
C ALA B 197 -47.64 -20.85 32.99
N SER B 198 -47.38 -21.30 34.22
CA SER B 198 -47.18 -22.75 34.53
C SER B 198 -48.45 -23.62 34.54
N LYS B 199 -49.61 -22.99 34.49
CA LYS B 199 -50.88 -23.72 34.41
C LYS B 199 -51.69 -23.15 33.24
N ALA B 200 -52.10 -24.04 32.33
CA ALA B 200 -52.93 -23.67 31.19
C ALA B 200 -54.16 -22.82 31.58
N GLY B 201 -54.49 -21.85 30.73
CA GLY B 201 -55.57 -20.92 30.99
C GLY B 201 -55.24 -19.77 31.90
N LYS B 202 -54.03 -19.77 32.48
CA LYS B 202 -53.63 -18.72 33.44
C LYS B 202 -52.88 -17.49 32.88
N LEU B 203 -52.52 -17.52 31.60
CA LEU B 203 -51.89 -16.34 30.99
C LEU B 203 -52.94 -15.38 30.37
N ASN B 204 -53.14 -14.25 31.05
CA ASN B 204 -54.06 -13.19 30.63
C ASN B 204 -53.35 -11.87 30.82
N PHE B 205 -53.25 -11.10 29.74
CA PHE B 205 -52.65 -9.77 29.81
C PHE B 205 -53.14 -8.92 28.65
N ASN B 206 -53.06 -7.62 28.84
CA ASN B 206 -53.30 -6.65 27.78
C ASN B 206 -51.97 -6.11 27.25
N VAL B 207 -51.75 -6.21 25.94
CA VAL B 207 -50.55 -5.61 25.33
C VAL B 207 -50.82 -4.27 24.64
N SER B 208 -50.04 -3.26 24.99
CA SER B 208 -50.10 -1.99 24.31
C SER B 208 -48.69 -1.41 24.09
N MET B 209 -48.63 -0.42 23.21
CA MET B 209 -47.37 0.23 22.84
C MET B 209 -47.52 1.77 22.67
N PRO B 210 -47.83 2.50 23.77
CA PRO B 210 -47.94 3.96 23.62
C PRO B 210 -46.59 4.64 23.31
N THR B 211 -46.60 5.55 22.35
CA THR B 211 -45.44 6.42 22.07
C THR B 211 -45.29 7.47 23.18
N ASN B 212 -44.05 7.93 23.39
CA ASN B 212 -43.79 8.92 24.41
C ASN B 212 -44.71 10.13 24.16
N THR B 213 -45.32 10.68 25.21
CA THR B 213 -46.32 11.76 25.07
C THR B 213 -45.74 13.14 24.89
N ASN B 214 -44.42 13.27 24.96
CA ASN B 214 -43.81 14.59 25.08
C ASN B 214 -43.29 15.21 23.79
N TYR B 215 -43.18 14.39 22.74
CA TYR B 215 -42.82 14.91 21.43
C TYR B 215 -44.06 15.15 20.56
N SER B 216 -44.01 16.19 19.71
CA SER B 216 -45.15 16.46 18.81
C SER B 216 -45.31 15.42 17.70
N LYS B 217 -46.56 15.18 17.30
CA LYS B 217 -46.91 14.14 16.35
C LYS B 217 -47.92 14.70 15.35
N THR B 218 -47.88 14.14 14.14
CA THR B 218 -48.79 14.44 13.06
C THR B 218 -49.42 13.13 12.64
N GLY B 219 -50.75 13.05 12.65
CA GLY B 219 -51.48 11.92 12.10
C GLY B 219 -51.21 10.54 12.69
N GLU B 220 -50.92 10.47 13.99
CA GLU B 220 -50.58 9.17 14.59
C GLU B 220 -51.87 8.41 14.78
N THR B 221 -51.89 7.14 14.41
CA THR B 221 -52.99 6.24 14.79
C THR B 221 -52.45 4.96 15.42
N THR B 222 -53.29 4.33 16.25
CA THR B 222 -53.03 3.00 16.78
C THR B 222 -54.19 2.12 16.37
N THR B 223 -53.92 1.00 15.74
CA THR B 223 -55.02 0.15 15.29
C THR B 223 -54.65 -1.31 15.46
N VAL B 224 -55.66 -2.17 15.56
CA VAL B 224 -55.48 -3.61 15.62
C VAL B 224 -56.09 -4.21 14.38
N LYS B 225 -55.38 -5.14 13.76
CA LYS B 225 -55.94 -5.98 12.69
C LYS B 225 -55.45 -7.40 12.90
N GLY B 226 -56.37 -8.29 13.22
CA GLY B 226 -56.05 -9.68 13.48
C GLY B 226 -55.13 -9.75 14.67
N ASP B 227 -54.05 -10.53 14.54
CA ASP B 227 -53.12 -10.69 15.64
C ASP B 227 -52.09 -9.55 15.83
N THR B 228 -52.25 -8.43 15.12
CA THR B 228 -51.22 -7.34 15.13
C THR B 228 -51.74 -5.96 15.56
N LEU B 229 -51.00 -5.33 16.47
CA LEU B 229 -51.20 -3.96 16.89
C LEU B 229 -50.17 -3.07 16.17
N THR B 230 -50.65 -1.97 15.58
CA THR B 230 -49.78 -1.02 14.84
C THR B 230 -49.92 0.39 15.39
N VAL B 231 -48.79 1.01 15.69
CA VAL B 231 -48.76 2.39 16.01
C VAL B 231 -47.96 3.04 14.88
N LYS B 232 -48.52 4.07 14.24
CA LYS B 232 -47.78 4.78 13.19
C LYS B 232 -48.16 6.25 13.13
N GLY B 233 -47.22 7.06 12.65
CA GLY B 233 -47.43 8.49 12.45
C GLY B 233 -46.19 9.14 11.91
N ALA B 234 -46.10 10.46 12.08
CA ALA B 234 -44.95 11.23 11.63
C ALA B 234 -44.60 12.15 12.78
N LEU B 235 -43.31 12.39 13.01
CA LEU B 235 -42.89 13.38 14.01
C LEU B 235 -43.38 14.77 13.63
N GLY B 236 -43.95 15.48 14.60
CA GLY B 236 -44.42 16.86 14.35
C GLY B 236 -43.23 17.74 13.99
N ASN B 237 -42.07 17.51 14.62
CA ASN B 237 -40.94 18.46 14.41
C ASN B 237 -40.39 18.44 12.96
N ASN B 238 -40.36 17.25 12.32
CA ASN B 238 -39.70 17.18 11.05
C ASN B 238 -40.35 16.26 10.02
N GLY B 239 -41.53 15.67 10.30
CA GLY B 239 -42.20 14.79 9.32
C GLY B 239 -41.60 13.39 9.16
N LEU B 240 -40.68 13.02 10.05
CA LEU B 240 -40.09 11.70 9.98
C LEU B 240 -41.17 10.66 10.27
N LEU B 241 -41.30 9.64 9.42
CA LEU B 241 -42.30 8.58 9.57
C LEU B 241 -41.80 7.52 10.50
N TYR B 242 -42.70 7.00 11.32
CA TYR B 242 -42.39 5.93 12.25
C TYR B 242 -43.55 4.96 12.30
N ASN B 243 -43.22 3.71 12.62
CA ASN B 243 -44.13 2.57 12.57
C ASN B 243 -43.53 1.46 13.44
N SER B 244 -44.31 1.00 14.44
CA SER B 244 -43.95 -0.18 15.21
C SER B 244 -45.15 -1.11 15.24
N GLN B 245 -44.89 -2.41 15.29
CA GLN B 245 -45.95 -3.40 15.31
C GLN B 245 -45.63 -4.49 16.29
N ILE B 246 -46.66 -4.99 16.97
CA ILE B 246 -46.55 -6.16 17.81
C ILE B 246 -47.46 -7.25 17.27
N LYS B 247 -46.86 -8.35 16.84
CA LYS B 247 -47.59 -9.54 16.39
C LYS B 247 -47.66 -10.55 17.55
N VAL B 248 -48.88 -10.93 17.96
CA VAL B 248 -49.11 -11.78 19.15
C VAL B 248 -49.47 -13.19 18.69
N VAL B 249 -48.55 -14.14 18.91
CA VAL B 249 -48.73 -15.51 18.41
C VAL B 249 -48.95 -16.48 19.60
N LEU B 250 -50.18 -17.00 19.73
CA LEU B 250 -50.54 -17.98 20.77
C LEU B 250 -50.00 -19.36 20.43
N ASP B 251 -49.53 -20.09 21.45
CA ASP B 251 -49.11 -21.48 21.25
C ASP B 251 -50.29 -22.38 20.87
N ASN B 252 -50.12 -23.20 19.83
CA ASN B 252 -51.18 -24.09 19.28
C ASN B 252 -52.56 -24.09 19.97
N GLY B 255 -54.89 -20.34 23.71
CA GLY B 255 -56.04 -19.58 24.24
C GLY B 255 -56.79 -18.73 23.23
N THR B 256 -57.08 -17.47 23.61
CA THR B 256 -57.92 -16.54 22.83
C THR B 256 -57.36 -15.11 22.73
N LEU B 257 -57.34 -14.58 21.51
CA LEU B 257 -56.86 -13.24 21.23
C LEU B 257 -58.01 -12.36 20.77
N SER B 258 -58.13 -11.18 21.36
CA SER B 258 -59.18 -10.23 21.01
C SER B 258 -58.70 -8.75 21.13
N GLU B 259 -59.40 -7.85 20.46
CA GLU B 259 -59.06 -6.42 20.45
C GLU B 259 -59.41 -5.84 21.79
N GLY B 260 -58.52 -5.00 22.33
CA GLY B 260 -58.72 -4.41 23.65
C GLY B 260 -59.90 -3.48 23.65
N SER B 261 -60.46 -3.26 24.84
CA SER B 261 -61.61 -2.34 25.06
C SER B 261 -61.34 -0.92 24.54
N ASP B 262 -60.12 -0.43 24.72
CA ASP B 262 -59.71 0.91 24.25
C ASP B 262 -59.43 1.04 22.73
N GLY B 263 -59.49 -0.07 22.00
CA GLY B 263 -59.22 -0.07 20.56
C GLY B 263 -57.77 0.14 20.19
N ALA B 264 -56.91 0.21 21.20
CA ALA B 264 -55.51 0.61 21.05
C ALA B 264 -54.59 -0.38 21.77
N SER B 265 -55.02 -1.64 21.80
CA SER B 265 -54.34 -2.75 22.49
C SER B 265 -54.94 -4.10 22.10
N LEU B 266 -54.19 -5.15 22.44
CA LEU B 266 -54.63 -6.53 22.22
C LEU B 266 -54.75 -7.26 23.55
N LYS B 267 -55.81 -8.06 23.69
CA LYS B 267 -56.13 -8.78 24.92
C LYS B 267 -55.89 -10.27 24.68
N VAL B 268 -54.97 -10.82 25.46
CA VAL B 268 -54.67 -12.25 25.43
C VAL B 268 -55.42 -12.81 26.63
N SER B 269 -56.18 -13.88 26.44
CA SER B 269 -56.89 -14.46 27.57
C SER B 269 -56.90 -15.99 27.53
N ASP B 270 -56.90 -16.61 28.71
CA ASP B 270 -57.02 -18.06 28.81
C ASP B 270 -55.91 -18.79 28.05
N ALA B 271 -54.69 -18.25 28.09
CA ALA B 271 -53.58 -18.85 27.35
C ALA B 271 -52.63 -19.60 28.30
N LYS B 272 -51.59 -20.24 27.75
CA LYS B 272 -50.51 -20.79 28.57
C LYS B 272 -49.13 -20.21 28.22
N ALA B 273 -48.84 -20.10 26.92
CA ALA B 273 -47.63 -19.49 26.40
C ALA B 273 -47.91 -18.72 25.14
N VAL B 274 -47.30 -17.54 25.05
CA VAL B 274 -47.34 -16.71 23.83
C VAL B 274 -45.98 -16.16 23.46
N THR B 275 -45.73 -16.03 22.16
CA THR B 275 -44.61 -15.21 21.66
C THR B 275 -45.11 -13.89 21.02
N LEU B 276 -44.49 -12.79 21.44
CA LEU B 276 -44.73 -11.50 20.75
C LEU B 276 -43.57 -11.19 19.81
N TYR B 277 -43.89 -10.81 18.58
CA TYR B 277 -42.85 -10.33 17.64
C TYR B 277 -43.04 -8.85 17.48
N ILE B 278 -41.99 -8.09 17.85
CA ILE B 278 -42.03 -6.61 17.83
C ILE B 278 -41.01 -6.05 16.84
N ALA B 279 -41.50 -5.23 15.92
CA ALA B 279 -40.62 -4.53 14.98
C ALA B 279 -40.94 -3.04 14.96
N ALA B 280 -39.95 -2.23 14.54
CA ALA B 280 -40.14 -0.77 14.38
C ALA B 280 -39.18 -0.23 13.34
N ALA B 281 -39.54 0.88 12.73
CA ALA B 281 -38.66 1.51 11.75
C ALA B 281 -39.16 2.92 11.48
N THR B 282 -38.27 3.74 10.94
CA THR B 282 -38.59 5.06 10.43
C THR B 282 -38.15 5.09 8.95
N ASP B 283 -38.41 6.21 8.28
CA ASP B 283 -37.87 6.41 6.92
C ASP B 283 -36.59 7.23 6.92
N TYR B 284 -35.92 7.32 8.08
CA TYR B 284 -34.57 7.91 8.19
C TYR B 284 -33.62 7.22 7.21
N LYS B 285 -32.70 8.00 6.64
CA LYS B 285 -31.57 7.41 5.94
C LYS B 285 -30.41 8.34 6.12
N GLN B 286 -29.24 7.79 6.40
CA GLN B 286 -28.07 8.65 6.49
C GLN B 286 -27.58 8.99 5.06
N LYS B 287 -28.22 9.99 4.46
CA LYS B 287 -28.03 10.35 3.08
C LYS B 287 -28.21 11.85 2.94
N TYR B 288 -27.11 12.57 2.80
CA TYR B 288 -27.15 14.02 2.70
C TYR B 288 -27.72 14.35 1.32
N PRO B 289 -28.56 15.41 1.18
CA PRO B 289 -29.10 16.31 2.18
C PRO B 289 -30.50 15.98 2.71
N SER B 290 -31.23 15.01 2.15
CA SER B 290 -32.63 14.81 2.52
C SER B 290 -32.82 13.95 3.77
N TYR B 291 -31.86 13.06 4.04
CA TYR B 291 -31.89 12.14 5.19
C TYR B 291 -33.16 11.29 5.27
N ARG B 292 -33.71 10.88 4.11
CA ARG B 292 -34.90 10.01 4.09
C ARG B 292 -34.71 8.89 3.08
N THR B 293 -35.39 7.76 3.29
CA THR B 293 -35.34 6.68 2.29
C THR B 293 -36.15 7.02 1.00
N GLY B 294 -37.13 7.93 1.09
CA GLY B 294 -38.04 8.16 -0.04
C GLY B 294 -39.32 7.33 0.09
N GLU B 295 -39.39 6.48 1.12
CA GLU B 295 -40.54 5.62 1.28
C GLU B 295 -41.75 6.43 1.71
N THR B 296 -42.93 5.95 1.34
CA THR B 296 -44.18 6.51 1.88
C THR B 296 -44.47 5.80 3.21
N ALA B 297 -45.42 6.35 3.98
CA ALA B 297 -45.91 5.70 5.19
C ALA B 297 -46.40 4.28 4.92
N ALA B 298 -47.09 4.07 3.78
CA ALA B 298 -47.54 2.70 3.39
C ALA B 298 -46.40 1.72 3.12
N GLU B 299 -45.34 2.22 2.48
CA GLU B 299 -44.14 1.41 2.30
C GLU B 299 -43.43 1.06 3.60
N VAL B 300 -43.31 2.00 4.55
CA VAL B 300 -42.73 1.65 5.87
C VAL B 300 -43.62 0.62 6.63
N ASN B 301 -44.93 0.82 6.53
CA ASN B 301 -45.85 -0.09 7.14
C ASN B 301 -45.66 -1.51 6.63
N THR B 302 -45.57 -1.62 5.31
CA THR B 302 -45.45 -2.93 4.67
C THR B 302 -44.14 -3.57 5.08
N ARG B 303 -43.10 -2.74 5.19
CA ARG B 303 -41.78 -3.25 5.51
C ARG B 303 -41.75 -3.84 6.92
N VAL B 304 -42.33 -3.10 7.86
CA VAL B 304 -42.34 -3.51 9.28
C VAL B 304 -43.22 -4.76 9.49
N ALA B 305 -44.37 -4.80 8.82
CA ALA B 305 -45.22 -6.01 8.81
C ALA B 305 -44.46 -7.24 8.35
N LYS B 306 -43.69 -7.12 7.29
CA LYS B 306 -42.90 -8.26 6.82
C LYS B 306 -41.88 -8.77 7.84
N VAL B 307 -41.33 -7.86 8.65
CA VAL B 307 -40.36 -8.28 9.71
C VAL B 307 -41.01 -9.21 10.75
N VAL B 308 -42.16 -8.79 11.27
CA VAL B 308 -42.83 -9.63 12.28
C VAL B 308 -43.39 -10.92 11.65
N GLN B 309 -43.89 -10.84 10.41
CA GLN B 309 -44.41 -12.04 9.72
C GLN B 309 -43.31 -13.07 9.43
N ASP B 310 -42.18 -12.63 8.84
CA ASP B 310 -41.05 -13.51 8.60
C ASP B 310 -40.54 -14.18 9.88
N ALA B 311 -40.47 -13.42 10.97
CA ALA B 311 -40.02 -13.94 12.25
C ALA B 311 -41.03 -14.97 12.79
N ALA B 312 -42.32 -14.62 12.76
CA ALA B 312 -43.40 -15.56 13.12
C ALA B 312 -43.25 -16.86 12.31
N ASN B 313 -42.99 -16.73 11.01
CA ASN B 313 -42.91 -17.90 10.12
C ASN B 313 -41.78 -18.85 10.48
N LYS B 314 -40.64 -18.28 10.90
CA LYS B 314 -39.47 -19.03 11.40
C LYS B 314 -39.80 -19.72 12.71
N GLY B 315 -40.60 -19.04 13.54
CA GLY B 315 -41.05 -19.55 14.83
C GLY B 315 -40.05 -19.26 15.93
N TYR B 316 -40.52 -19.34 17.17
CA TYR B 316 -39.75 -18.92 18.33
C TYR B 316 -38.45 -19.67 18.52
N THR B 317 -38.52 -20.98 18.38
CA THR B 317 -37.37 -21.82 18.63
C THR B 317 -36.21 -21.44 17.67
N ALA B 318 -36.52 -21.35 16.38
CA ALA B 318 -35.51 -21.05 15.39
C ALA B 318 -35.00 -19.60 15.53
N VAL B 319 -35.89 -18.66 15.84
CA VAL B 319 -35.52 -17.24 16.04
C VAL B 319 -34.59 -17.09 17.24
N LYS B 320 -34.99 -17.68 18.35
CA LYS B 320 -34.16 -17.68 19.53
C LYS B 320 -32.76 -18.31 19.31
N LYS B 321 -32.67 -19.42 18.59
CA LYS B 321 -31.39 -20.09 18.31
C LYS B 321 -30.46 -19.22 17.45
N ALA B 322 -30.99 -18.71 16.33
CA ALA B 322 -30.23 -17.76 15.48
C ALA B 322 -29.75 -16.52 16.28
N HIS B 323 -30.60 -16.05 17.19
CA HIS B 323 -30.22 -14.92 18.05
C HIS B 323 -29.10 -15.27 19.02
N ILE B 324 -29.24 -16.38 19.76
CA ILE B 324 -28.21 -16.72 20.75
C ILE B 324 -26.85 -17.00 20.10
N ASP B 325 -26.84 -17.75 18.99
CA ASP B 325 -25.67 -17.97 18.16
C ASP B 325 -24.98 -16.67 17.70
N ASP B 326 -25.77 -15.73 17.19
CA ASP B 326 -25.24 -14.45 16.73
C ASP B 326 -24.68 -13.62 17.90
N HIS B 327 -25.43 -13.50 18.99
CA HIS B 327 -24.97 -12.73 20.16
C HIS B 327 -23.73 -13.35 20.81
N SER B 328 -23.79 -14.66 21.11
CA SER B 328 -22.66 -15.36 21.75
C SER B 328 -21.40 -15.50 20.89
N ALA B 329 -21.52 -15.53 19.57
CA ALA B 329 -20.35 -15.52 18.72
C ALA B 329 -19.44 -14.30 19.01
N ILE B 330 -20.04 -13.14 19.31
CA ILE B 330 -19.28 -11.92 19.61
C ILE B 330 -18.94 -11.86 21.08
N TYR B 331 -19.95 -12.09 21.91
CA TYR B 331 -19.79 -11.98 23.34
C TYR B 331 -18.72 -12.94 23.86
N ASP B 332 -18.74 -14.17 23.36
CA ASP B 332 -17.85 -15.21 23.90
C ASP B 332 -16.39 -15.13 23.40
N ARG B 333 -16.07 -14.15 22.54
CA ARG B 333 -14.69 -13.92 22.06
C ARG B 333 -13.66 -13.66 23.17
N VAL B 334 -14.11 -13.06 24.25
CA VAL B 334 -13.24 -12.63 25.34
C VAL B 334 -13.67 -13.31 26.63
N LYS B 335 -12.73 -13.92 27.35
CA LYS B 335 -13.00 -14.48 28.68
C LYS B 335 -12.04 -13.85 29.64
N ILE B 336 -12.50 -13.61 30.85
CA ILE B 336 -11.62 -13.02 31.85
C ILE B 336 -11.88 -13.68 33.21
N ASP B 337 -10.79 -14.10 33.85
CA ASP B 337 -10.93 -14.72 35.16
C ASP B 337 -9.95 -14.13 36.16
N LEU B 338 -10.51 -13.29 37.05
CA LEU B 338 -9.73 -12.64 38.12
C LEU B 338 -10.05 -13.26 39.49
N GLY B 339 -10.82 -14.35 39.49
CA GLY B 339 -11.17 -15.04 40.71
C GLY B 339 -12.55 -14.70 41.25
N GLN B 340 -13.40 -14.20 40.34
CA GLN B 340 -14.72 -13.69 40.67
C GLN B 340 -15.68 -14.79 41.10
N SER B 341 -16.58 -14.44 42.01
CA SER B 341 -17.80 -15.24 42.20
C SER B 341 -18.69 -15.00 40.96
N GLY B 342 -19.85 -15.65 40.92
CA GLY B 342 -20.85 -15.41 39.89
C GLY B 342 -22.21 -15.80 40.44
N HIS B 343 -23.24 -15.77 39.59
CA HIS B 343 -24.63 -15.99 40.05
C HIS B 343 -24.92 -17.39 40.58
N SER B 344 -24.17 -18.38 40.12
CA SER B 344 -24.38 -19.72 40.60
C SER B 344 -23.40 -20.16 41.72
N SER B 345 -22.61 -19.21 42.23
CA SER B 345 -21.73 -19.44 43.38
C SER B 345 -22.53 -19.70 44.67
N ASP B 346 -21.99 -20.56 45.54
CA ASP B 346 -22.55 -20.69 46.90
C ASP B 346 -22.55 -19.30 47.51
N GLY B 347 -23.71 -18.86 48.00
CA GLY B 347 -23.84 -17.56 48.64
C GLY B 347 -23.77 -16.37 47.68
N ALA B 348 -24.14 -16.61 46.41
CA ALA B 348 -24.19 -15.55 45.38
C ALA B 348 -25.05 -14.37 45.79
N VAL B 349 -24.58 -13.17 45.55
CA VAL B 349 -25.39 -11.99 45.85
C VAL B 349 -25.93 -11.33 44.57
N ALA B 350 -27.11 -10.71 44.73
CA ALA B 350 -27.75 -9.95 43.65
C ALA B 350 -26.84 -8.77 43.28
N THR B 351 -26.98 -8.29 42.06
CA THR B 351 -26.08 -7.25 41.56
C THR B 351 -26.25 -5.92 42.29
N ASP B 352 -27.46 -5.59 42.71
CA ASP B 352 -27.62 -4.38 43.53
C ASP B 352 -26.98 -4.54 44.91
N ALA B 353 -27.14 -5.73 45.52
CA ALA B 353 -26.47 -6.05 46.80
C ALA B 353 -24.96 -6.09 46.62
N LEU B 354 -24.49 -6.76 45.55
CA LEU B 354 -23.05 -6.70 45.21
C LEU B 354 -22.46 -5.26 45.17
N LEU B 355 -23.16 -4.34 44.49
CA LEU B 355 -22.68 -2.96 44.35
C LEU B 355 -22.66 -2.19 45.68
N LYS B 356 -23.71 -2.38 46.46
CA LYS B 356 -23.81 -1.78 47.81
C LYS B 356 -22.67 -2.30 48.71
N ALA B 357 -22.43 -3.62 48.70
CA ALA B 357 -21.28 -4.20 49.43
C ALA B 357 -19.94 -3.58 49.00
N TYR B 358 -19.74 -3.47 47.68
CA TYR B 358 -18.56 -2.82 47.12
C TYR B 358 -18.42 -1.37 47.62
N GLN B 359 -19.47 -0.57 47.49
CA GLN B 359 -19.45 0.83 47.92
C GLN B 359 -19.17 0.99 49.42
N ARG B 360 -19.70 0.04 50.22
CA ARG B 360 -19.60 0.10 51.70
C ARG B 360 -18.28 -0.49 52.19
N GLY B 361 -17.62 -1.26 51.33
CA GLY B 361 -16.29 -1.80 51.66
C GLY B 361 -16.37 -3.15 52.35
N SER B 362 -17.51 -3.81 52.22
CA SER B 362 -17.72 -5.08 52.87
C SER B 362 -17.65 -6.23 51.88
N ALA B 363 -17.42 -5.91 50.61
CA ALA B 363 -17.40 -6.96 49.58
C ALA B 363 -16.14 -7.80 49.80
N THR B 364 -16.26 -9.11 49.68
CA THR B 364 -15.09 -9.96 49.73
C THR B 364 -14.27 -9.84 48.44
N THR B 365 -13.07 -10.40 48.45
CA THR B 365 -12.21 -10.36 47.27
C THR B 365 -12.93 -10.93 46.06
N ALA B 366 -13.57 -12.09 46.22
CA ALA B 366 -14.29 -12.70 45.13
C ALA B 366 -15.45 -11.81 44.64
N GLN B 367 -16.04 -11.07 45.57
CA GLN B 367 -17.17 -10.19 45.22
C GLN B 367 -16.71 -8.91 44.51
N LYS B 368 -15.58 -8.38 44.94
CA LYS B 368 -14.93 -7.29 44.22
C LYS B 368 -14.56 -7.71 42.79
N ARG B 369 -13.95 -8.86 42.63
CA ARG B 369 -13.67 -9.41 41.31
C ARG B 369 -14.92 -9.69 40.47
N GLU B 370 -16.01 -10.09 41.11
CA GLU B 370 -17.27 -10.25 40.40
C GLU B 370 -17.75 -8.91 39.85
N LEU B 371 -17.73 -7.85 40.66
CA LEU B 371 -18.26 -6.58 40.21
C LEU B 371 -17.35 -5.99 39.13
N GLU B 372 -16.05 -6.07 39.36
CA GLU B 372 -15.06 -5.58 38.39
C GLU B 372 -15.16 -6.29 37.05
N THR B 373 -15.28 -7.61 37.08
CA THR B 373 -15.44 -8.37 35.83
C THR B 373 -16.83 -8.18 35.19
N LEU B 374 -17.88 -8.05 35.98
CA LEU B 374 -19.22 -7.75 35.42
C LEU B 374 -19.29 -6.41 34.70
N VAL B 375 -18.72 -5.36 35.29
CA VAL B 375 -18.72 -4.03 34.67
C VAL B 375 -17.91 -4.07 33.36
N TYR B 376 -16.73 -4.68 33.40
CA TYR B 376 -15.92 -4.90 32.22
C TYR B 376 -16.78 -5.56 31.13
N LYS B 377 -17.38 -6.69 31.46
CA LYS B 377 -18.15 -7.48 30.51
C LYS B 377 -19.37 -6.72 29.96
N TYR B 378 -19.91 -5.84 30.78
CA TYR B 378 -21.13 -5.10 30.42
C TYR B 378 -20.85 -4.11 29.33
N GLY B 379 -19.67 -3.45 29.35
CA GLY B 379 -19.22 -2.57 28.25
C GLY B 379 -19.18 -3.29 26.90
N ARG B 380 -18.70 -4.55 26.89
CA ARG B 380 -18.73 -5.36 25.69
C ARG B 380 -20.17 -5.74 25.30
N TYR B 381 -20.97 -6.17 26.28
CA TYR B 381 -22.38 -6.46 26.06
C TYR B 381 -23.11 -5.25 25.48
N LEU B 382 -22.90 -4.08 26.09
CA LEU B 382 -23.57 -2.85 25.64
C LEU B 382 -23.17 -2.39 24.25
N THR B 383 -21.95 -2.70 23.81
CA THR B 383 -21.54 -2.48 22.44
C THR B 383 -22.37 -3.33 21.50
N ILE B 384 -22.55 -4.62 21.81
CA ILE B 384 -23.36 -5.48 20.98
C ILE B 384 -24.83 -5.02 20.90
N GLY B 385 -25.40 -4.60 22.04
CA GLY B 385 -26.77 -4.10 22.02
C GLY B 385 -27.01 -2.79 21.25
N SER B 386 -26.01 -1.90 21.17
CA SER B 386 -26.22 -0.54 20.61
C SER B 386 -25.54 -0.25 19.31
N SER B 387 -24.62 -1.11 18.89
CA SER B 387 -23.73 -0.78 17.78
C SER B 387 -23.35 -2.03 16.99
N ARG B 388 -24.19 -2.40 16.03
CA ARG B 388 -23.91 -3.58 15.24
C ARG B 388 -23.42 -3.13 13.86
N GLU B 389 -22.82 -4.07 13.13
CA GLU B 389 -22.31 -3.78 11.80
C GLU B 389 -23.36 -3.20 10.89
N ASN B 390 -24.64 -3.59 11.06
CA ASN B 390 -25.69 -3.05 10.23
C ASN B 390 -26.56 -1.96 10.93
N SER B 391 -26.11 -1.42 12.07
CA SER B 391 -26.83 -0.29 12.67
C SER B 391 -26.69 0.87 11.69
N GLN B 392 -27.70 1.75 11.64
CA GLN B 392 -27.63 2.90 10.76
C GLN B 392 -26.86 4.04 11.39
N LEU B 393 -26.71 4.01 12.71
CA LEU B 393 -26.02 5.06 13.48
C LEU B 393 -25.13 4.45 14.55
N PRO B 394 -24.05 5.16 14.94
CA PRO B 394 -23.24 4.62 16.03
C PRO B 394 -23.99 4.78 17.35
N SER B 395 -23.44 4.22 18.41
CA SER B 395 -23.95 4.44 19.75
C SER B 395 -23.92 5.98 20.08
N ASN B 396 -25.00 6.51 20.66
CA ASN B 396 -25.04 7.91 21.05
C ASN B 396 -24.66 8.06 22.54
N LEU B 397 -24.93 9.21 23.16
CA LEU B 397 -24.60 9.41 24.58
C LEU B 397 -25.21 8.36 25.51
N GLN B 398 -26.29 7.72 25.07
CA GLN B 398 -27.01 6.71 25.84
C GLN B 398 -27.03 5.32 25.18
N GLY B 399 -26.14 5.12 24.22
CA GLY B 399 -26.13 3.89 23.43
C GLY B 399 -27.27 3.94 22.45
N ILE B 400 -28.35 3.25 22.76
CA ILE B 400 -29.63 3.46 22.07
C ILE B 400 -30.77 3.59 23.10
N TRP B 401 -30.45 3.54 24.40
CA TRP B 401 -31.49 3.44 25.42
C TRP B 401 -31.84 4.79 26.09
N SER B 402 -33.14 5.10 26.12
CA SER B 402 -33.57 6.40 26.63
C SER B 402 -35.05 6.32 27.03
N VAL B 403 -35.43 7.07 28.06
CA VAL B 403 -36.84 7.14 28.52
C VAL B 403 -37.39 8.56 28.29
N THR B 404 -36.51 9.52 28.06
CA THR B 404 -36.93 10.91 27.95
C THR B 404 -37.15 11.28 26.47
N ALA B 405 -38.01 12.27 26.21
CA ALA B 405 -38.32 12.72 24.84
C ALA B 405 -38.85 14.14 24.88
N GLY B 406 -38.50 14.90 23.84
CA GLY B 406 -38.91 16.29 23.61
C GLY B 406 -38.52 16.62 22.18
N ASP B 407 -39.05 17.71 21.60
CA ASP B 407 -38.82 18.00 20.18
C ASP B 407 -37.43 18.63 19.96
N ASN B 408 -37.02 19.50 20.88
CA ASN B 408 -35.90 20.38 20.62
C ASN B 408 -34.63 19.99 21.39
N ALA B 409 -33.50 20.40 20.85
CA ALA B 409 -32.21 20.22 21.48
C ALA B 409 -32.18 20.97 22.80
N HIS B 410 -31.34 20.48 23.72
CA HIS B 410 -31.17 21.07 25.03
C HIS B 410 -32.52 21.18 25.75
N GLY B 411 -33.36 20.13 25.61
CA GLY B 411 -34.72 20.15 26.14
C GLY B 411 -34.93 19.13 27.25
N ASN B 412 -35.76 18.12 26.98
CA ASN B 412 -36.15 17.12 27.97
C ASN B 412 -35.12 16.00 28.16
N THR B 413 -34.15 15.92 27.23
CA THR B 413 -33.13 14.85 27.22
C THR B 413 -31.74 15.48 27.37
N PRO B 414 -30.93 14.99 28.35
CA PRO B 414 -29.68 15.70 28.65
C PRO B 414 -28.72 15.60 27.49
N TRP B 415 -28.25 16.76 27.06
CA TRP B 415 -27.39 16.92 25.89
C TRP B 415 -27.97 16.24 24.64
N GLY B 416 -29.29 16.16 24.57
CA GLY B 416 -29.99 15.58 23.43
C GLY B 416 -29.74 14.08 23.19
N SER B 417 -29.01 13.42 24.10
CA SER B 417 -28.54 12.00 23.93
C SER B 417 -27.86 11.86 22.54
N ASP B 418 -26.99 12.83 22.26
CA ASP B 418 -26.55 13.09 20.90
C ASP B 418 -25.20 12.40 20.61
N PHE B 419 -24.49 12.87 19.58
CA PHE B 419 -23.15 12.35 19.25
C PHE B 419 -22.19 13.49 19.65
N HIS B 420 -21.51 13.31 20.77
CA HIS B 420 -20.75 14.40 21.36
C HIS B 420 -19.27 14.11 21.15
N MET B 421 -18.61 14.93 20.35
CA MET B 421 -17.32 14.54 19.76
C MET B 421 -16.13 15.22 20.40
N ASN B 422 -16.28 15.72 21.63
CA ASN B 422 -15.15 16.33 22.32
C ASN B 422 -14.72 15.47 23.51
N VAL B 423 -15.01 14.16 23.40
CA VAL B 423 -14.53 13.02 24.25
C VAL B 423 -15.52 11.86 24.28
N ASN B 424 -16.82 12.17 24.25
CA ASN B 424 -17.80 11.15 24.62
C ASN B 424 -17.97 10.06 23.54
N LEU B 425 -18.18 10.45 22.30
CA LEU B 425 -18.33 9.47 21.21
C LEU B 425 -17.01 8.69 21.01
N GLN B 426 -15.89 9.38 21.18
CA GLN B 426 -14.59 8.73 21.12
C GLN B 426 -14.52 7.60 22.17
N MET B 427 -14.90 7.93 23.41
CA MET B 427 -14.96 6.93 24.50
C MET B 427 -15.82 5.72 24.18
N ASN B 428 -16.98 5.93 23.55
CA ASN B 428 -17.83 4.82 23.11
C ASN B 428 -17.11 3.76 22.27
N TYR B 429 -16.12 4.20 21.48
CA TYR B 429 -15.40 3.29 20.56
C TYR B 429 -13.95 3.07 21.02
N TRP B 430 -13.66 3.30 22.31
CA TRP B 430 -12.33 2.92 22.87
C TRP B 430 -12.12 1.43 23.09
N PRO B 431 -13.15 0.66 23.55
CA PRO B 431 -12.85 -0.78 23.72
C PRO B 431 -13.18 -1.61 22.50
N THR B 432 -13.72 -1.00 21.45
CA THR B 432 -14.33 -1.74 20.37
C THR B 432 -13.36 -2.69 19.69
N TYR B 433 -12.09 -2.30 19.54
CA TYR B 433 -11.14 -3.18 18.86
C TYR B 433 -10.42 -4.11 19.81
N SER B 434 -9.83 -3.51 20.85
CA SER B 434 -9.04 -4.26 21.88
C SER B 434 -9.88 -5.34 22.57
N ALA B 435 -11.20 -5.14 22.69
CA ALA B 435 -12.09 -6.15 23.27
C ALA B 435 -12.76 -7.06 22.22
N ASN B 436 -12.17 -7.14 21.03
CA ASN B 436 -12.57 -8.14 20.02
C ASN B 436 -14.01 -7.93 19.52
N MET B 437 -14.34 -6.67 19.25
CA MET B 437 -15.61 -6.36 18.61
C MET B 437 -15.43 -5.43 17.41
N GLY B 438 -14.32 -5.60 16.69
CA GLY B 438 -13.94 -4.70 15.62
C GLY B 438 -14.99 -4.41 14.56
N GLU B 439 -15.75 -5.42 14.13
CA GLU B 439 -16.80 -5.17 13.16
C GLU B 439 -17.90 -4.22 13.66
N LEU B 440 -18.01 -4.08 14.98
CA LEU B 440 -19.03 -3.20 15.58
C LEU B 440 -18.66 -1.73 15.50
N ALA B 441 -17.47 -1.43 14.99
CA ALA B 441 -17.05 -0.03 14.72
C ALA B 441 -17.57 0.50 13.39
N GLU B 442 -18.04 -0.39 12.54
CA GLU B 442 -18.56 -0.01 11.22
C GLU B 442 -19.53 1.19 11.24
N PRO B 443 -20.55 1.18 12.11
CA PRO B 443 -21.43 2.36 12.08
C PRO B 443 -20.71 3.69 12.40
N LEU B 444 -19.66 3.66 13.22
CA LEU B 444 -18.87 4.88 13.44
C LEU B 444 -18.11 5.32 12.17
N ILE B 445 -17.51 4.37 11.44
CA ILE B 445 -16.79 4.70 10.22
C ILE B 445 -17.75 5.32 9.22
N GLU B 446 -18.92 4.71 9.02
CA GLU B 446 -19.91 5.27 8.13
C GLU B 446 -20.43 6.65 8.62
N TYR B 447 -20.60 6.83 9.92
CA TYR B 447 -21.04 8.13 10.49
C TYR B 447 -20.05 9.24 10.15
N VAL B 448 -18.75 8.96 10.35
CA VAL B 448 -17.71 9.93 10.08
C VAL B 448 -17.64 10.23 8.59
N GLU B 449 -17.71 9.19 7.75
CA GLU B 449 -17.89 9.41 6.32
C GLU B 449 -19.11 10.30 6.02
N GLY B 450 -20.20 10.08 6.77
CA GLY B 450 -21.43 10.91 6.64
C GLY B 450 -21.26 12.37 6.98
N LEU B 451 -20.24 12.71 7.76
CA LEU B 451 -19.93 14.11 8.08
C LEU B 451 -19.19 14.87 6.95
N VAL B 452 -18.63 14.16 5.99
CA VAL B 452 -17.88 14.82 4.90
C VAL B 452 -18.73 15.80 4.08
N LYS B 453 -19.85 15.35 3.49
CA LYS B 453 -20.64 16.30 2.71
C LYS B 453 -21.19 17.50 3.51
N PRO B 454 -21.90 17.28 4.64
CA PRO B 454 -22.30 18.51 5.37
C PRO B 454 -21.10 19.28 5.94
N GLY B 455 -20.06 18.55 6.32
CA GLY B 455 -18.84 19.14 6.89
C GLY B 455 -18.12 20.04 5.92
N ARG B 456 -18.24 19.73 4.63
CA ARG B 456 -17.66 20.63 3.59
C ARG B 456 -18.39 21.97 3.51
N VAL B 457 -19.68 21.97 3.81
CA VAL B 457 -20.41 23.24 3.88
C VAL B 457 -19.87 24.10 5.04
N THR B 458 -19.79 23.48 6.22
CA THR B 458 -19.22 24.11 7.41
C THR B 458 -17.77 24.59 7.10
N ALA B 459 -16.95 23.72 6.50
CA ALA B 459 -15.58 24.10 6.12
C ALA B 459 -15.56 25.35 5.23
N LYS B 460 -16.44 25.41 4.25
CA LYS B 460 -16.53 26.57 3.39
C LYS B 460 -16.92 27.86 4.18
N VAL B 461 -17.94 27.74 5.02
CA VAL B 461 -18.49 28.92 5.71
C VAL B 461 -17.53 29.50 6.74
N TYR B 462 -16.93 28.63 7.55
CA TYR B 462 -16.15 29.09 8.69
C TYR B 462 -14.64 29.16 8.41
N ALA B 463 -14.16 28.40 7.42
CA ALA B 463 -12.73 28.38 7.18
C ALA B 463 -12.37 28.79 5.75
N GLY B 464 -13.38 29.07 4.92
CA GLY B 464 -13.16 29.40 3.48
C GLY B 464 -12.61 28.25 2.62
N ALA B 465 -12.88 27.02 3.02
CA ALA B 465 -12.44 25.84 2.28
C ALA B 465 -13.58 25.32 1.41
N GLU B 466 -13.62 25.75 0.16
CA GLU B 466 -14.75 25.37 -0.70
C GLU B 466 -14.42 24.18 -1.60
N THR B 467 -15.19 23.11 -1.47
CA THR B 467 -15.04 21.94 -2.36
C THR B 467 -16.01 22.16 -3.53
N THR B 468 -15.49 22.14 -4.76
CA THR B 468 -16.34 22.30 -5.92
C THR B 468 -16.82 20.91 -6.33
N ASN B 469 -17.95 20.87 -7.03
CA ASN B 469 -18.63 19.60 -7.35
C ASN B 469 -18.81 18.76 -6.09
N PRO B 470 -19.33 19.36 -5.01
CA PRO B 470 -19.37 18.59 -3.76
C PRO B 470 -20.20 17.29 -3.81
N GLU B 471 -20.96 17.06 -4.88
CA GLU B 471 -21.83 15.89 -4.87
C GLU B 471 -21.07 14.67 -5.37
N THR B 472 -20.15 14.93 -6.29
CA THR B 472 -19.37 13.91 -6.96
C THR B 472 -17.91 13.84 -6.50
N THR B 473 -17.47 14.76 -5.65
CA THR B 473 -16.07 14.76 -5.25
C THR B 473 -15.86 13.73 -4.14
N PRO B 474 -15.11 12.64 -4.44
CA PRO B 474 -14.91 11.59 -3.46
C PRO B 474 -14.29 12.07 -2.18
N ILE B 475 -14.61 11.40 -1.07
CA ILE B 475 -13.92 11.68 0.21
C ILE B 475 -12.42 11.56 -0.06
N GLY B 476 -11.66 12.55 0.34
CA GLY B 476 -10.20 12.49 0.12
C GLY B 476 -9.76 13.48 -0.92
N GLU B 477 -10.68 13.84 -1.81
CA GLU B 477 -10.35 14.74 -2.91
C GLU B 477 -10.95 16.14 -2.75
N GLY B 478 -11.64 16.38 -1.64
CA GLY B 478 -12.17 17.67 -1.36
C GLY B 478 -11.22 18.57 -0.60
N GLU B 479 -11.67 19.81 -0.33
CA GLU B 479 -10.85 20.80 0.34
C GLU B 479 -10.90 20.70 1.85
N GLY B 480 -11.82 19.90 2.37
CA GLY B 480 -11.87 19.77 3.83
C GLY B 480 -13.28 19.72 4.38
N TYR B 481 -13.46 18.93 5.43
CA TYR B 481 -14.75 18.83 6.10
C TYR B 481 -14.56 19.17 7.58
N MET B 482 -15.43 20.02 8.09
CA MET B 482 -15.28 20.58 9.44
C MET B 482 -16.52 20.21 10.26
N ALA B 483 -16.33 19.69 11.47
CA ALA B 483 -17.45 19.52 12.37
C ALA B 483 -16.95 19.85 13.76
N HIS B 484 -17.89 20.00 14.71
CA HIS B 484 -17.54 20.43 16.04
C HIS B 484 -18.05 19.44 17.08
N THR B 485 -18.36 19.92 18.27
CA THR B 485 -18.68 19.00 19.40
C THR B 485 -20.03 18.31 19.23
N GLU B 486 -21.09 19.12 19.09
CA GLU B 486 -22.43 18.60 19.14
C GLU B 486 -22.84 18.19 17.75
N ASN B 487 -23.07 16.89 17.59
CA ASN B 487 -23.54 16.34 16.36
C ASN B 487 -24.85 15.54 16.51
N THR B 488 -25.47 15.20 15.35
CA THR B 488 -26.83 14.63 15.28
C THR B 488 -26.91 13.57 14.18
N ALA B 489 -28.13 13.10 13.89
CA ALA B 489 -28.35 12.17 12.80
C ALA B 489 -28.34 12.88 11.44
N TYR B 490 -28.24 14.21 11.45
CA TYR B 490 -28.57 15.04 10.30
C TYR B 490 -27.50 16.00 9.81
N GLY B 491 -26.21 15.70 10.04
CA GLY B 491 -25.13 16.55 9.46
C GLY B 491 -25.08 17.96 10.07
N TRP B 492 -25.28 18.00 11.39
CA TRP B 492 -25.25 19.22 12.19
C TRP B 492 -23.76 19.46 12.55
N THR B 493 -23.01 19.94 11.54
CA THR B 493 -21.57 19.99 11.63
C THR B 493 -21.13 21.41 11.96
N ALA B 494 -22.09 22.33 12.07
CA ALA B 494 -21.80 23.70 12.47
C ALA B 494 -21.28 23.78 13.91
N PRO B 495 -20.52 24.82 14.22
CA PRO B 495 -20.19 25.07 15.63
C PRO B 495 -21.47 25.45 16.38
N GLY B 496 -21.50 25.26 17.70
CA GLY B 496 -22.67 25.59 18.51
C GLY B 496 -22.86 27.09 18.72
N GLN B 497 -23.95 27.44 19.42
CA GLN B 497 -24.35 28.85 19.56
C GLN B 497 -23.53 29.60 20.60
N SER B 498 -22.71 28.87 21.36
CA SER B 498 -21.69 29.41 22.24
C SER B 498 -20.33 28.73 22.06
N PHE B 499 -19.32 29.56 21.84
CA PHE B 499 -17.96 29.12 21.52
C PHE B 499 -17.33 28.21 22.59
N SER B 500 -17.57 28.50 23.87
CA SER B 500 -16.96 27.68 24.94
C SER B 500 -17.24 26.17 24.81
N TRP B 501 -18.49 25.79 24.65
CA TRP B 501 -18.75 24.38 24.41
C TRP B 501 -18.80 24.00 22.92
N GLY B 502 -19.23 24.95 22.09
CA GLY B 502 -19.57 24.72 20.70
C GLY B 502 -18.47 24.61 19.66
N TRP B 503 -17.42 25.44 19.77
CA TRP B 503 -16.35 25.52 18.77
C TRP B 503 -15.27 24.56 19.15
N SER B 504 -15.10 23.56 18.31
CA SER B 504 -14.12 22.55 18.58
C SER B 504 -13.85 21.76 17.32
N PRO B 505 -13.19 22.37 16.33
CA PRO B 505 -13.00 21.68 15.06
C PRO B 505 -12.06 20.46 15.13
N ALA B 506 -11.28 20.34 16.20
CA ALA B 506 -10.40 19.18 16.39
C ALA B 506 -11.16 17.91 16.78
N ALA B 507 -12.47 18.05 17.06
CA ALA B 507 -13.34 16.89 17.21
C ALA B 507 -13.15 15.89 16.04
N VAL B 508 -12.96 16.41 14.82
CA VAL B 508 -12.87 15.54 13.64
C VAL B 508 -11.53 14.81 13.63
N PRO B 509 -10.39 15.52 13.68
CA PRO B 509 -9.14 14.81 13.95
C PRO B 509 -9.25 13.73 15.04
N TRP B 510 -9.82 14.06 16.21
CA TRP B 510 -9.93 13.07 17.29
C TRP B 510 -10.77 11.84 16.93
N ILE B 511 -12.00 12.03 16.41
CA ILE B 511 -12.80 10.86 16.03
C ILE B 511 -12.11 10.04 14.91
N LEU B 512 -11.22 10.66 14.14
CA LEU B 512 -10.48 9.91 13.12
C LEU B 512 -9.45 8.96 13.73
N GLN B 513 -9.04 9.17 14.99
CA GLN B 513 -8.22 8.14 15.64
C GLN B 513 -9.04 6.89 15.81
N ASN B 514 -10.28 7.01 16.31
CA ASN B 514 -11.15 5.81 16.46
C ASN B 514 -11.29 5.09 15.12
N VAL B 515 -11.46 5.87 14.05
CA VAL B 515 -11.62 5.32 12.68
C VAL B 515 -10.32 4.65 12.20
N TYR B 516 -9.20 5.37 12.28
CA TYR B 516 -7.93 4.83 11.87
C TYR B 516 -7.62 3.50 12.61
N GLU B 517 -8.00 3.42 13.87
CA GLU B 517 -7.71 2.21 14.64
C GLU B 517 -8.39 0.96 14.05
N ALA B 518 -9.50 1.11 13.34
CA ALA B 518 -10.13 -0.03 12.62
C ALA B 518 -9.13 -0.74 11.69
N TYR B 519 -8.36 0.07 10.98
CA TYR B 519 -7.24 -0.43 10.18
C TYR B 519 -6.08 -0.92 11.06
N GLU B 520 -5.67 -0.09 12.03
CA GLU B 520 -4.54 -0.46 12.92
C GLU B 520 -4.68 -1.83 13.54
N TYR B 521 -5.90 -2.15 13.99
CA TYR B 521 -6.14 -3.43 14.62
C TYR B 521 -6.41 -4.56 13.63
N SER B 522 -6.80 -4.26 12.38
CA SER B 522 -7.18 -5.35 11.49
C SER B 522 -6.15 -5.64 10.39
N GLY B 523 -5.47 -4.60 9.92
CA GLY B 523 -4.66 -4.71 8.67
C GLY B 523 -5.47 -4.92 7.39
N ASP B 524 -6.76 -4.56 7.39
CA ASP B 524 -7.65 -4.84 6.26
C ASP B 524 -7.45 -3.78 5.18
N PRO B 525 -7.06 -4.20 3.95
CA PRO B 525 -6.77 -3.20 2.94
C PRO B 525 -7.99 -2.36 2.51
N ALA B 526 -9.19 -2.91 2.60
CA ALA B 526 -10.41 -2.14 2.28
C ALA B 526 -10.65 -1.02 3.35
N LEU B 527 -10.37 -1.33 4.61
CA LEU B 527 -10.35 -0.32 5.66
C LEU B 527 -9.22 0.70 5.46
N LEU B 528 -8.03 0.22 5.09
CA LEU B 528 -6.92 1.15 4.82
C LEU B 528 -7.32 2.24 3.85
N ASP B 529 -7.99 1.86 2.76
CA ASP B 529 -8.39 2.85 1.74
C ASP B 529 -9.37 3.88 2.32
N ARG B 530 -10.31 3.41 3.14
CA ARG B 530 -11.38 4.25 3.69
C ARG B 530 -10.82 5.24 4.68
N VAL B 531 -9.94 4.75 5.56
CA VAL B 531 -9.37 5.64 6.57
C VAL B 531 -8.37 6.58 5.90
N TYR B 532 -7.62 6.07 4.92
CA TYR B 532 -6.70 6.96 4.17
C TYR B 532 -7.47 8.13 3.54
N ALA B 533 -8.56 7.84 2.84
CA ALA B 533 -9.35 8.91 2.22
C ALA B 533 -9.80 9.98 3.25
N LEU B 534 -10.27 9.54 4.41
CA LEU B 534 -10.70 10.46 5.44
C LEU B 534 -9.52 11.32 5.99
N LEU B 535 -8.38 10.68 6.24
CA LEU B 535 -7.23 11.37 6.84
C LEU B 535 -6.59 12.34 5.88
N LYS B 536 -6.53 11.92 4.63
CA LYS B 536 -6.01 12.74 3.56
C LYS B 536 -6.73 14.08 3.46
N GLU B 537 -8.07 14.04 3.43
CA GLU B 537 -8.79 15.28 3.20
C GLU B 537 -8.82 16.15 4.47
N GLU B 538 -8.86 15.53 5.64
CA GLU B 538 -8.81 16.31 6.90
C GLU B 538 -7.42 16.94 7.17
N SER B 539 -6.36 16.22 6.83
CA SER B 539 -4.98 16.77 6.90
C SER B 539 -4.80 17.90 5.88
N HIS B 540 -5.24 17.68 4.64
CA HIS B 540 -5.32 18.77 3.66
C HIS B 540 -5.97 20.04 4.26
N PHE B 541 -7.13 19.85 4.89
CA PHE B 541 -7.89 20.91 5.52
C PHE B 541 -7.09 21.66 6.58
N TYR B 542 -6.54 20.94 7.55
CA TYR B 542 -5.72 21.61 8.59
C TYR B 542 -4.47 22.28 8.01
N VAL B 543 -3.71 21.56 7.20
CA VAL B 543 -2.48 22.11 6.62
C VAL B 543 -2.78 23.43 5.87
N ASN B 544 -3.77 23.40 4.97
CA ASN B 544 -4.08 24.53 4.08
C ASN B 544 -4.99 25.62 4.65
N TYR B 545 -5.90 25.27 5.57
CA TYR B 545 -6.82 26.29 6.13
C TYR B 545 -6.70 26.59 7.61
N MET B 546 -6.19 25.68 8.42
CA MET B 546 -6.28 25.87 9.88
C MET B 546 -4.97 26.27 10.56
N LEU B 547 -3.86 25.67 10.14
CA LEU B 547 -2.58 25.96 10.78
C LEU B 547 -2.04 27.37 10.45
N HIS B 548 -1.40 27.99 11.42
CA HIS B 548 -0.66 29.21 11.13
C HIS B 548 0.56 29.24 12.01
N LYS B 549 1.57 30.03 11.60
CA LYS B 549 2.69 30.37 12.51
C LYS B 549 2.15 31.11 13.75
N ALA B 550 2.51 30.66 14.94
CA ALA B 550 1.98 31.27 16.14
C ALA B 550 2.54 32.68 16.36
N GLY B 551 1.75 33.50 17.05
CA GLY B 551 2.22 34.77 17.54
C GLY B 551 3.07 34.54 18.78
N SER B 552 3.61 35.63 19.31
CA SER B 552 4.51 35.59 20.48
C SER B 552 3.96 34.84 21.71
N SER B 553 2.64 34.75 21.86
CA SER B 553 2.08 34.12 23.06
C SER B 553 2.25 32.59 23.11
N SER B 554 2.49 31.96 21.96
CA SER B 554 2.63 30.50 21.92
C SER B 554 3.99 30.00 21.43
N GLY B 555 4.96 30.90 21.27
CA GLY B 555 6.34 30.50 21.00
C GLY B 555 6.65 30.27 19.55
N ASP B 556 7.62 29.39 19.31
CA ASP B 556 8.08 29.13 17.95
C ASP B 556 7.50 27.82 17.45
N ARG B 557 6.42 27.91 16.68
CA ARG B 557 5.65 26.72 16.28
C ARG B 557 4.48 27.07 15.36
N LEU B 558 4.02 26.07 14.59
CA LEU B 558 2.68 26.12 14.00
C LEU B 558 1.65 25.82 15.08
N THR B 559 0.54 26.57 15.07
CA THR B 559 -0.60 26.22 15.93
C THR B 559 -1.86 26.18 15.10
N THR B 560 -2.95 25.80 15.71
CA THR B 560 -4.23 25.66 15.00
C THR B 560 -5.03 26.94 15.15
N GLY B 561 -4.44 27.98 15.75
CA GLY B 561 -5.11 29.28 15.83
C GLY B 561 -6.15 29.34 16.93
N VAL B 562 -7.16 30.18 16.75
CA VAL B 562 -8.13 30.46 17.82
C VAL B 562 -8.70 29.17 18.40
N ALA B 563 -8.55 28.98 19.71
CA ALA B 563 -8.85 27.69 20.32
C ALA B 563 -9.38 27.81 21.73
N TYR B 564 -10.12 26.78 22.12
CA TYR B 564 -10.61 26.65 23.46
C TYR B 564 -10.26 25.23 23.92
N SER B 565 -9.77 25.10 25.15
CA SER B 565 -9.43 23.77 25.68
C SER B 565 -10.64 23.23 26.43
N PRO B 566 -11.31 22.18 25.90
CA PRO B 566 -12.50 21.67 26.59
C PRO B 566 -12.20 21.25 28.04
N GLU B 567 -13.04 21.70 29.00
CA GLU B 567 -13.99 22.81 28.82
C GLU B 567 -13.69 23.78 29.97
N GLN B 568 -12.49 24.37 29.93
CA GLN B 568 -12.03 25.31 30.98
C GLN B 568 -11.02 26.32 30.41
N GLY B 569 -10.67 27.31 31.22
CA GLY B 569 -9.59 28.20 30.83
C GLY B 569 -10.13 29.28 29.93
N PRO B 570 -9.23 30.05 29.30
CA PRO B 570 -9.57 31.15 28.41
C PRO B 570 -10.18 30.78 27.07
N LEU B 571 -10.99 31.69 26.53
CA LEU B 571 -11.58 31.53 25.22
C LEU B 571 -10.68 32.20 24.22
N GLY B 572 -10.35 31.46 23.16
CA GLY B 572 -9.62 32.01 22.02
C GLY B 572 -8.13 32.26 22.21
N THR B 573 -7.38 31.23 22.60
CA THR B 573 -5.90 31.34 22.71
C THR B 573 -5.26 31.01 21.35
N ASP B 574 -3.95 31.24 21.22
CA ASP B 574 -3.23 30.88 20.02
C ASP B 574 -2.86 29.39 20.07
N GLY B 575 -3.81 28.55 19.65
CA GLY B 575 -3.67 27.11 19.78
C GLY B 575 -3.71 26.65 21.23
N ASN B 576 -3.59 25.34 21.44
CA ASN B 576 -3.40 24.76 22.76
C ASN B 576 -2.89 23.34 22.58
N THR B 577 -2.57 22.68 23.68
CA THR B 577 -2.00 21.33 23.66
C THR B 577 -2.98 20.27 23.13
N TYR B 578 -4.26 20.38 23.53
CA TYR B 578 -5.37 19.61 22.96
C TYR B 578 -5.35 19.53 21.44
N GLU B 579 -5.51 20.70 20.82
CA GLU B 579 -5.58 20.77 19.35
C GLU B 579 -4.30 20.36 18.66
N SER B 580 -3.17 20.75 19.24
CA SER B 580 -1.88 20.43 18.63
C SER B 580 -1.56 18.93 18.74
N SER B 581 -1.89 18.33 19.87
CA SER B 581 -1.70 16.88 20.10
C SER B 581 -2.58 16.03 19.16
N LEU B 582 -3.81 16.50 18.94
CA LEU B 582 -4.75 15.84 18.03
C LEU B 582 -4.32 15.99 16.56
N VAL B 583 -3.83 17.16 16.18
CA VAL B 583 -3.40 17.38 14.79
C VAL B 583 -2.09 16.64 14.54
N TRP B 584 -1.22 16.61 15.55
CA TRP B 584 0.01 15.79 15.48
C TRP B 584 -0.34 14.32 15.21
N GLN B 585 -1.28 13.79 15.98
CA GLN B 585 -1.68 12.38 15.83
C GLN B 585 -2.31 12.12 14.48
N MET B 586 -3.18 13.05 14.06
CA MET B 586 -3.80 12.93 12.76
C MET B 586 -2.77 12.85 11.60
N LEU B 587 -1.81 13.75 11.62
CA LEU B 587 -0.77 13.78 10.60
C LEU B 587 0.07 12.54 10.71
N ASN B 588 0.39 12.14 11.95
CA ASN B 588 1.06 10.89 12.18
C ASN B 588 0.38 9.72 11.48
N ASP B 589 -0.93 9.54 11.73
CA ASP B 589 -1.70 8.44 11.18
C ASP B 589 -1.89 8.56 9.65
N ALA B 590 -2.13 9.77 9.18
CA ALA B 590 -2.21 10.04 7.72
C ALA B 590 -0.92 9.57 7.00
N ILE B 591 0.22 9.85 7.60
CA ILE B 591 1.52 9.50 7.06
C ILE B 591 1.65 8.00 7.09
N GLU B 592 1.31 7.37 8.22
CA GLU B 592 1.28 5.88 8.31
C GLU B 592 0.39 5.25 7.24
N ALA B 593 -0.81 5.81 7.06
CA ALA B 593 -1.74 5.34 6.07
C ALA B 593 -1.18 5.55 4.65
N ALA B 594 -0.56 6.70 4.40
CA ALA B 594 0.06 6.96 3.10
C ALA B 594 1.16 5.93 2.81
N LYS B 595 2.05 5.71 3.78
CA LYS B 595 3.12 4.72 3.64
C LYS B 595 2.67 3.30 3.34
N ALA B 596 1.62 2.84 4.04
CA ALA B 596 1.06 1.52 3.80
C ALA B 596 0.51 1.35 2.39
N LYS B 597 0.20 2.47 1.74
CA LYS B 597 -0.31 2.49 0.36
C LYS B 597 0.77 2.84 -0.69
N GLY B 598 1.99 3.08 -0.24
CA GLY B 598 3.07 3.44 -1.17
C GLY B 598 3.12 4.92 -1.46
N ASP B 599 2.43 5.72 -0.63
CA ASP B 599 2.32 7.18 -0.84
C ASP B 599 2.00 7.56 -2.28
N PRO B 600 0.86 7.05 -2.80
CA PRO B 600 0.51 7.26 -4.19
C PRO B 600 0.29 8.75 -4.52
N ASP B 601 -0.03 9.56 -3.52
CA ASP B 601 -0.28 10.97 -3.73
C ASP B 601 0.95 11.87 -3.50
N GLY B 602 2.05 11.32 -2.99
CA GLY B 602 3.24 12.13 -2.69
C GLY B 602 3.00 13.20 -1.63
N LEU B 603 2.30 12.80 -0.55
CA LEU B 603 1.85 13.78 0.47
C LEU B 603 2.67 13.70 1.76
N VAL B 604 3.44 12.61 1.92
CA VAL B 604 4.27 12.46 3.14
C VAL B 604 5.34 13.58 3.22
N GLY B 605 5.98 13.86 2.09
CA GLY B 605 7.01 14.90 2.04
C GLY B 605 8.12 14.60 2.99
N ASN B 606 8.70 15.64 3.57
CA ASN B 606 9.89 15.52 4.45
C ASN B 606 10.05 16.80 5.24
N THR B 607 11.13 16.93 5.99
CA THR B 607 11.40 18.17 6.74
C THR B 607 12.52 19.05 6.12
N THR B 608 12.69 18.99 4.81
CA THR B 608 13.70 19.77 4.08
C THR B 608 13.13 21.16 3.84
N ASP B 609 13.89 22.20 4.22
CA ASP B 609 13.45 23.59 4.10
C ASP B 609 12.06 23.73 4.72
N CYS B 610 11.96 23.21 5.94
CA CYS B 610 10.73 23.18 6.68
C CYS B 610 10.73 24.27 7.72
N SER B 611 9.72 25.13 7.69
CA SER B 611 9.69 26.29 8.59
C SER B 611 8.23 26.76 8.76
N ALA B 612 7.89 27.33 9.92
CA ALA B 612 6.53 27.85 10.12
C ALA B 612 6.25 29.05 9.18
N ASP B 613 7.33 29.70 8.70
CA ASP B 613 7.28 30.75 7.65
C ASP B 613 6.70 30.28 6.31
N ASN B 614 6.76 28.98 6.05
CA ASN B 614 6.18 28.42 4.86
C ASN B 614 4.67 28.58 4.79
N TRP B 615 4.06 28.98 5.90
CA TRP B 615 2.57 29.11 5.98
C TRP B 615 2.04 30.53 5.77
N ALA B 616 2.93 31.46 5.40
CA ALA B 616 2.58 32.88 5.23
C ALA B 616 1.50 32.99 4.19
N LYS B 617 0.52 33.85 4.43
CA LYS B 617 -0.60 34.03 3.53
C LYS B 617 -0.83 35.50 3.25
N ASN B 618 -1.35 35.81 2.06
CA ASN B 618 -1.82 37.19 1.83
C ASN B 618 -3.16 37.55 2.52
N ASP B 619 -3.61 38.78 2.27
CA ASP B 619 -4.86 39.32 2.85
C ASP B 619 -6.12 38.52 2.49
N SER B 620 -6.09 37.87 1.33
CA SER B 620 -7.20 37.01 0.94
C SER B 620 -6.99 35.53 1.32
N GLY B 621 -6.00 35.26 2.16
CA GLY B 621 -5.81 33.93 2.75
C GLY B 621 -5.21 32.86 1.87
N ASN B 622 -4.50 33.30 0.82
CA ASN B 622 -3.80 32.38 -0.06
C ASN B 622 -2.32 32.36 0.31
N PHE B 623 -1.69 31.19 0.20
CA PHE B 623 -0.27 31.07 0.50
C PHE B 623 0.52 31.94 -0.45
N THR B 624 1.38 32.75 0.14
CA THR B 624 2.19 33.68 -0.60
C THR B 624 3.33 32.97 -1.39
N ASP B 625 3.75 31.79 -0.92
CA ASP B 625 4.73 30.97 -1.64
C ASP B 625 4.12 29.63 -2.01
N ALA B 626 3.76 29.47 -3.28
CA ALA B 626 3.07 28.28 -3.78
C ALA B 626 3.90 27.01 -3.66
N ASN B 627 5.22 27.15 -3.59
CA ASN B 627 6.08 25.99 -3.67
C ASN B 627 6.79 25.61 -2.36
N ALA B 628 6.52 26.37 -1.30
CA ALA B 628 7.12 26.10 0.00
C ALA B 628 6.74 24.70 0.53
N ASN B 629 7.61 24.12 1.35
CA ASN B 629 7.35 22.80 1.93
C ASN B 629 6.26 22.99 2.99
N ARG B 630 5.07 22.49 2.68
CA ARG B 630 4.00 22.41 3.67
C ARG B 630 3.52 20.97 3.77
N SER B 631 4.43 20.01 3.62
CA SER B 631 4.01 18.59 3.57
C SER B 631 3.60 18.10 4.96
N TRP B 632 2.95 16.93 5.02
CA TRP B 632 2.50 16.38 6.29
C TRP B 632 3.66 16.21 7.29
N SER B 633 4.82 15.76 6.81
CA SER B 633 6.00 15.61 7.66
C SER B 633 6.47 16.92 8.18
N CYS B 634 6.48 17.94 7.32
CA CYS B 634 6.92 19.25 7.73
C CYS B 634 5.97 19.81 8.76
N ALA B 635 4.68 19.90 8.43
CA ALA B 635 3.68 20.43 9.39
C ALA B 635 3.78 19.69 10.74
N LYS B 636 3.77 18.37 10.71
CA LYS B 636 3.85 17.59 11.95
C LYS B 636 5.05 17.95 12.85
N SER B 637 6.22 18.16 12.23
CA SER B 637 7.46 18.51 12.98
C SER B 637 7.46 19.90 13.58
N LEU B 638 6.52 20.75 13.14
CA LEU B 638 6.50 22.15 13.56
C LEU B 638 5.54 22.38 14.71
N LEU B 639 4.75 21.35 15.01
CA LEU B 639 3.71 21.54 16.03
C LEU B 639 4.29 21.65 17.42
N LYS B 640 5.29 20.80 17.69
CA LYS B 640 5.91 20.64 19.02
C LYS B 640 4.86 20.70 20.14
N PRO B 641 3.94 19.71 20.15
CA PRO B 641 2.71 19.86 20.96
C PRO B 641 2.93 19.91 22.46
N ILE B 642 4.01 19.28 22.95
CA ILE B 642 4.28 19.09 24.40
C ILE B 642 5.37 20.00 24.96
N GLU B 643 5.01 20.78 25.98
CA GLU B 643 5.97 21.51 26.82
C GLU B 643 5.69 21.25 28.29
N VAL B 644 6.75 21.24 29.10
CA VAL B 644 6.67 21.01 30.53
C VAL B 644 6.69 22.36 31.23
N GLY B 645 5.78 22.55 32.18
CA GLY B 645 5.62 23.83 32.84
C GLY B 645 6.46 23.96 34.12
N ASP B 646 6.23 25.06 34.82
CA ASP B 646 6.98 25.40 36.03
C ASP B 646 6.70 24.47 37.22
N SER B 647 5.57 23.76 37.19
CA SER B 647 5.25 22.73 38.17
C SER B 647 5.62 21.29 37.74
N GLY B 648 6.44 21.14 36.70
CA GLY B 648 6.73 19.84 36.12
C GLY B 648 5.55 19.17 35.40
N GLN B 649 4.53 19.95 35.05
CA GLN B 649 3.29 19.43 34.44
C GLN B 649 3.32 19.53 32.89
N ILE B 650 2.50 18.75 32.18
CA ILE B 650 2.30 19.03 30.75
C ILE B 650 1.49 20.34 30.70
N LYS B 651 1.98 21.34 29.97
CA LYS B 651 1.23 22.58 29.82
C LYS B 651 -0.06 22.31 29.04
N GLU B 652 -1.15 22.91 29.48
CA GLU B 652 -2.41 22.85 28.76
C GLU B 652 -2.53 24.00 27.76
N TRP B 653 -1.87 25.14 28.05
CA TRP B 653 -1.80 26.30 27.11
C TRP B 653 -0.34 26.73 26.94
N TYR B 654 0.06 27.18 25.76
CA TYR B 654 1.49 27.48 25.55
C TYR B 654 2.01 28.70 26.31
N PHE B 655 1.10 29.51 26.87
CA PHE B 655 1.51 30.61 27.73
C PHE B 655 1.49 30.23 29.22
N GLU B 656 1.26 28.95 29.51
CA GLU B 656 1.22 28.46 30.89
C GLU B 656 2.62 28.53 31.53
N GLY B 657 2.62 28.81 32.84
CA GLY B 657 3.84 28.85 33.65
C GLY B 657 3.74 27.67 34.60
N ALA B 658 3.43 27.97 35.86
CA ALA B 658 3.08 26.96 36.86
C ALA B 658 1.69 26.45 36.53
N LEU B 659 1.28 25.35 37.16
CA LEU B 659 -0.05 24.80 36.94
C LEU B 659 -1.11 25.91 37.16
N GLY B 660 -2.08 26.00 36.24
CA GLY B 660 -3.18 26.93 36.39
C GLY B 660 -2.78 28.39 36.40
N LYS B 661 -1.50 28.67 36.19
CA LYS B 661 -1.02 30.06 36.18
C LYS B 661 -0.26 30.43 34.91
N LYS B 662 -0.09 31.73 34.68
CA LYS B 662 0.68 32.22 33.55
C LYS B 662 2.13 32.56 33.96
N LYS B 663 2.96 32.93 32.99
CA LYS B 663 4.42 33.06 33.21
C LYS B 663 4.78 34.17 34.19
N ASP B 664 4.06 35.28 34.13
CA ASP B 664 4.22 36.39 35.08
C ASP B 664 3.69 36.04 36.48
N GLY B 665 2.86 34.99 36.59
CA GLY B 665 2.39 34.54 37.89
C GLY B 665 0.91 34.72 38.07
N SER B 666 0.32 35.56 37.21
CA SER B 666 -1.14 35.79 37.20
C SER B 666 -1.90 34.49 36.89
N THR B 667 -3.03 34.27 37.55
CA THR B 667 -3.81 33.07 37.27
C THR B 667 -4.41 33.06 35.83
N ILE B 668 -4.64 31.85 35.32
CA ILE B 668 -5.26 31.61 34.01
C ILE B 668 -6.78 31.69 34.17
N SER B 669 -7.40 32.68 33.54
CA SER B 669 -8.84 32.91 33.65
C SER B 669 -9.58 31.65 33.28
N GLY B 670 -10.46 31.20 34.16
CA GLY B 670 -11.36 30.09 33.81
C GLY B 670 -10.80 28.72 34.10
N TYR B 671 -9.54 28.63 34.51
CA TYR B 671 -8.98 27.37 35.01
C TYR B 671 -9.76 26.93 36.26
N GLN B 672 -10.20 25.67 36.30
CA GLN B 672 -10.93 25.15 37.44
C GLN B 672 -9.98 25.06 38.61
N ALA B 673 -10.22 25.91 39.62
CA ALA B 673 -9.22 26.25 40.66
C ALA B 673 -8.82 25.11 41.60
N ASP B 674 -9.75 24.20 41.91
CA ASP B 674 -9.35 22.95 42.55
C ASP B 674 -8.62 22.27 41.40
N ASN B 675 -7.90 21.19 41.53
CA ASN B 675 -7.26 20.88 40.18
C ASN B 675 -7.97 19.80 39.34
N GLN B 676 -9.27 19.72 39.53
CA GLN B 676 -10.02 18.51 39.25
C GLN B 676 -10.85 18.58 38.00
N HIS B 677 -10.47 19.46 37.08
CA HIS B 677 -11.28 19.62 35.89
C HIS B 677 -11.53 18.26 35.22
N ARG B 678 -12.78 17.97 34.87
CA ARG B 678 -13.13 16.65 34.35
C ARG B 678 -12.37 16.26 33.09
N HIS B 679 -12.24 17.21 32.14
CA HIS B 679 -11.52 17.02 30.88
C HIS B 679 -10.01 17.04 31.18
N MET B 680 -9.25 16.27 30.42
CA MET B 680 -7.80 16.39 30.48
C MET B 680 -7.36 16.46 29.04
N SER B 681 -7.84 17.53 28.41
CA SER B 681 -7.75 17.70 26.96
C SER B 681 -6.30 17.81 26.49
N HIS B 682 -5.40 18.17 27.40
CA HIS B 682 -3.96 18.31 27.08
C HIS B 682 -3.16 17.03 27.20
N LEU B 683 -3.79 15.94 27.63
CA LEU B 683 -3.13 14.64 27.85
C LEU B 683 -3.52 13.61 26.79
N LEU B 684 -4.20 14.04 25.74
CA LEU B 684 -4.62 13.10 24.68
C LEU B 684 -3.43 12.41 23.95
N GLY B 685 -2.25 13.06 23.98
CA GLY B 685 -1.00 12.46 23.50
C GLY B 685 -0.59 11.22 24.29
N LEU B 686 -0.97 11.17 25.56
CA LEU B 686 -0.74 9.99 26.40
C LEU B 686 -1.76 8.88 26.18
N PHE B 687 -3.03 9.28 26.17
CA PHE B 687 -4.13 8.41 25.84
C PHE B 687 -5.22 9.26 25.18
N PRO B 688 -5.79 8.80 24.05
CA PRO B 688 -5.56 7.52 23.33
C PRO B 688 -4.31 7.48 22.41
N GLY B 689 -3.60 8.59 22.31
CA GLY B 689 -2.60 8.75 21.27
C GLY B 689 -1.25 8.09 21.55
N ASP B 690 -0.25 8.45 20.75
CA ASP B 690 1.03 7.75 20.75
C ASP B 690 2.18 8.72 20.93
N LEU B 691 1.85 9.93 21.41
CA LEU B 691 2.83 10.98 21.55
C LEU B 691 3.67 10.82 22.84
N ILE B 692 3.04 10.39 23.92
CA ILE B 692 3.77 10.13 25.16
C ILE B 692 3.52 8.68 25.47
N THR B 693 4.58 7.88 25.50
CA THR B 693 4.42 6.47 25.74
C THR B 693 5.47 5.95 26.71
N ILE B 694 5.31 4.70 27.13
CA ILE B 694 6.28 4.06 28.01
C ILE B 694 7.69 4.03 27.37
N ASP B 695 7.75 4.05 26.05
CA ASP B 695 9.02 4.04 25.36
C ASP B 695 9.54 5.44 25.07
N ASN B 696 8.66 6.27 24.52
CA ASN B 696 8.98 7.64 24.19
C ASN B 696 8.58 8.52 25.39
N SER B 697 9.37 8.39 26.45
CA SER B 697 8.95 8.77 27.78
C SER B 697 9.58 10.04 28.31
N GLU B 698 10.08 10.89 27.41
CA GLU B 698 10.64 12.19 27.80
C GLU B 698 9.67 12.97 28.71
N TYR B 699 8.38 12.82 28.40
CA TYR B 699 7.31 13.60 29.02
C TYR B 699 6.36 12.71 29.85
N MET B 700 6.75 11.46 30.09
CA MET B 700 5.95 10.57 30.95
C MET B 700 5.85 11.05 32.42
N ASP B 701 6.97 11.51 33.01
CA ASP B 701 6.95 12.05 34.36
C ASP B 701 6.06 13.28 34.42
N ALA B 702 6.16 14.15 33.43
CA ALA B 702 5.31 15.32 33.34
C ALA B 702 3.83 14.93 33.21
N ALA B 703 3.53 13.91 32.41
CA ALA B 703 2.17 13.39 32.25
C ALA B 703 1.66 12.86 33.56
N LYS B 704 2.47 12.03 34.22
CA LYS B 704 2.12 11.51 35.52
C LYS B 704 1.89 12.66 36.52
N THR B 705 2.72 13.70 36.45
CA THR B 705 2.52 14.89 37.30
C THR B 705 1.15 15.54 37.00
N SER B 706 0.85 15.75 35.71
CA SER B 706 -0.43 16.32 35.32
C SER B 706 -1.59 15.46 35.83
N LEU B 707 -1.49 14.14 35.64
CA LEU B 707 -2.51 13.23 36.12
C LEU B 707 -2.73 13.34 37.63
N ARG B 708 -1.65 13.31 38.42
CA ARG B 708 -1.76 13.37 39.89
C ARG B 708 -2.58 14.59 40.31
N TYR B 709 -2.25 15.76 39.77
CA TYR B 709 -3.04 16.96 40.05
C TYR B 709 -4.50 16.90 39.61
N ARG B 710 -4.80 16.15 38.55
CA ARG B 710 -6.16 16.05 38.02
C ARG B 710 -6.98 15.03 38.77
N CYS B 711 -6.32 14.26 39.63
CA CYS B 711 -7.00 13.18 40.34
C CYS B 711 -6.90 13.23 41.87
N PHE B 712 -5.94 14.02 42.35
CA PHE B 712 -5.47 13.99 43.74
C PHE B 712 -5.41 15.35 44.39
N LYS B 713 -5.82 15.38 45.66
CA LYS B 713 -5.55 16.51 46.57
C LYS B 713 -4.68 15.95 47.69
N GLY B 714 -3.40 16.29 47.65
CA GLY B 714 -2.39 15.56 48.42
C GLY B 714 -2.39 14.09 48.04
N ASN B 715 -2.67 13.25 49.02
CA ASN B 715 -2.72 11.81 48.83
C ASN B 715 -4.16 11.32 48.78
N VAL B 716 -5.11 12.27 48.70
CA VAL B 716 -6.55 11.95 48.68
C VAL B 716 -7.08 11.97 47.24
N LEU B 717 -7.44 10.78 46.74
CA LEU B 717 -8.00 10.58 45.40
C LEU B 717 -9.37 11.21 45.33
N GLN B 718 -9.60 12.00 44.29
CA GLN B 718 -10.88 12.70 44.16
C GLN B 718 -11.80 11.99 43.16
N SER B 719 -13.10 12.17 43.34
CA SER B 719 -14.07 11.55 42.48
C SER B 719 -14.30 12.48 41.29
N ASN B 720 -15.06 11.99 40.31
CA ASN B 720 -15.37 12.79 39.12
C ASN B 720 -16.56 12.18 38.38
N THR B 721 -16.98 12.76 37.26
CA THR B 721 -18.03 12.15 36.43
C THR B 721 -17.57 10.74 35.94
N GLY B 722 -18.50 9.87 35.59
CA GLY B 722 -18.17 8.51 35.13
C GLY B 722 -17.14 8.47 34.00
N TRP B 723 -17.34 9.31 32.98
CA TRP B 723 -16.44 9.34 31.84
C TRP B 723 -15.08 9.92 32.21
N ALA B 724 -15.06 10.93 33.08
CA ALA B 724 -13.82 11.58 33.49
C ALA B 724 -12.94 10.56 34.25
N ILE B 725 -13.58 9.73 35.06
CA ILE B 725 -12.91 8.62 35.71
C ILE B 725 -12.48 7.56 34.66
N GLY B 726 -13.33 7.27 33.66
CA GLY B 726 -13.00 6.32 32.58
C GLY B 726 -11.81 6.79 31.74
N GLN B 727 -11.71 8.08 31.48
CA GLN B 727 -10.51 8.60 30.79
C GLN B 727 -9.27 8.46 31.70
N ARG B 728 -9.46 8.71 32.99
CA ARG B 728 -8.36 8.57 33.97
C ARG B 728 -7.88 7.12 34.09
N ILE B 729 -8.80 6.15 34.03
CA ILE B 729 -8.42 4.73 34.08
C ILE B 729 -7.51 4.44 32.89
N ASN B 730 -7.99 4.73 31.69
CA ASN B 730 -7.17 4.62 30.48
C ASN B 730 -5.82 5.35 30.47
N SER B 731 -5.81 6.60 30.90
CA SER B 731 -4.61 7.43 30.93
C SER B 731 -3.57 6.88 31.92
N TRP B 732 -4.01 6.50 33.12
CA TRP B 732 -3.10 5.91 34.09
C TRP B 732 -2.56 4.57 33.59
N ALA B 733 -3.41 3.78 32.92
CA ALA B 733 -2.95 2.49 32.35
C ALA B 733 -1.75 2.68 31.42
N ARG B 734 -1.79 3.73 30.60
CA ARG B 734 -0.70 4.03 29.65
C ARG B 734 0.65 4.35 30.32
N THR B 735 0.59 4.88 31.55
CA THR B 735 1.78 5.22 32.33
C THR B 735 2.45 3.98 32.88
N GLY B 736 1.72 2.87 32.96
CA GLY B 736 2.24 1.61 33.49
C GLY B 736 2.03 1.44 34.99
N ASP B 737 1.54 2.50 35.64
CA ASP B 737 1.20 2.44 37.06
C ASP B 737 -0.14 1.66 37.29
N GLY B 738 -0.05 0.35 37.35
CA GLY B 738 -1.22 -0.50 37.56
C GLY B 738 -1.96 -0.25 38.87
N ASN B 739 -1.20 0.05 39.93
CA ASN B 739 -1.81 0.33 41.24
C ASN B 739 -2.69 1.57 41.27
N THR B 740 -2.19 2.69 40.76
CA THR B 740 -3.03 3.89 40.63
C THR B 740 -4.21 3.66 39.71
N THR B 741 -3.97 3.04 38.56
CA THR B 741 -5.05 2.73 37.60
C THR B 741 -6.19 1.95 38.30
N TYR B 742 -5.84 0.99 39.15
CA TYR B 742 -6.85 0.19 39.79
C TYR B 742 -7.65 1.04 40.79
N GLN B 743 -6.98 2.00 41.43
CA GLN B 743 -7.63 2.91 42.36
C GLN B 743 -8.77 3.59 41.59
N LEU B 744 -8.48 4.00 40.36
CA LEU B 744 -9.47 4.67 39.51
C LEU B 744 -10.59 3.72 39.08
N VAL B 745 -10.27 2.46 38.79
CA VAL B 745 -11.30 1.45 38.52
C VAL B 745 -12.29 1.35 39.72
N GLU B 746 -11.72 1.17 40.90
CA GLU B 746 -12.43 1.13 42.16
C GLU B 746 -13.27 2.39 42.39
N LEU B 747 -12.65 3.57 42.23
CA LEU B 747 -13.39 4.84 42.28
C LEU B 747 -14.63 4.89 41.35
N GLN B 748 -14.48 4.40 40.12
CA GLN B 748 -15.59 4.41 39.16
C GLN B 748 -16.73 3.56 39.61
N LEU B 749 -16.43 2.33 40.07
CA LEU B 749 -17.44 1.40 40.52
C LEU B 749 -18.21 1.92 41.74
N LYS B 750 -17.49 2.57 42.65
CA LYS B 750 -18.08 3.11 43.89
C LYS B 750 -18.92 4.39 43.64
N ASN B 751 -18.48 5.23 42.69
CA ASN B 751 -19.01 6.59 42.55
C ASN B 751 -19.73 6.93 41.23
N ALA B 752 -19.80 5.97 40.32
CA ALA B 752 -20.33 6.28 38.99
C ALA B 752 -21.13 5.20 38.31
N MET B 753 -21.57 4.21 39.10
CA MET B 753 -22.39 3.11 38.60
C MET B 753 -23.74 2.97 39.35
N TYR B 754 -24.85 3.01 38.62
CA TYR B 754 -26.17 2.78 39.17
C TYR B 754 -26.35 1.29 39.43
N ALA B 755 -27.49 0.89 40.04
CA ALA B 755 -27.74 -0.52 40.40
C ALA B 755 -27.83 -1.46 39.21
N ASN B 756 -28.21 -0.91 38.05
CA ASN B 756 -28.26 -1.70 36.82
C ASN B 756 -26.90 -1.62 36.07
N LEU B 757 -25.88 -1.11 36.76
CA LEU B 757 -24.51 -0.98 36.23
C LEU B 757 -24.37 0.02 35.05
N PHE B 758 -25.41 0.85 34.83
CA PHE B 758 -25.30 1.96 33.93
C PHE B 758 -24.33 2.97 34.55
N ASP B 759 -23.38 3.45 33.74
CA ASP B 759 -22.47 4.53 34.12
C ASP B 759 -23.23 5.87 34.25
N TYR B 760 -22.77 6.74 35.13
CA TYR B 760 -23.44 8.01 35.31
C TYR B 760 -22.51 9.19 35.46
N HIS B 761 -22.99 10.34 35.02
CA HIS B 761 -22.28 11.61 35.04
C HIS B 761 -22.40 12.41 36.37
N ALA B 762 -23.59 12.53 37.03
CA ALA B 762 -24.89 12.05 36.62
C ALA B 762 -25.50 13.04 35.58
N PRO B 763 -26.52 12.64 34.81
CA PRO B 763 -27.34 11.41 34.75
C PRO B 763 -26.65 10.25 34.02
N PHE B 764 -27.37 9.15 33.80
CA PHE B 764 -26.88 8.03 32.95
C PHE B 764 -26.20 8.57 31.71
N GLN B 765 -24.92 8.20 31.56
CA GLN B 765 -24.19 8.42 30.31
C GLN B 765 -23.40 7.14 30.01
N ILE B 766 -23.53 6.60 28.81
CA ILE B 766 -22.95 5.29 28.51
C ILE B 766 -21.41 5.33 28.33
N ASP B 767 -20.89 6.50 28.02
CA ASP B 767 -19.48 6.67 27.72
C ASP B 767 -18.59 5.95 28.74
N GLY B 768 -18.86 6.15 30.04
CA GLY B 768 -18.01 5.58 31.12
C GLY B 768 -18.06 4.06 31.18
N ASN B 769 -19.18 3.47 30.75
CA ASN B 769 -19.24 2.01 30.61
C ASN B 769 -18.20 1.51 29.62
N PHE B 770 -18.10 2.20 28.49
CA PHE B 770 -17.18 1.78 27.43
C PHE B 770 -15.75 2.16 27.82
N GLY B 771 -15.61 3.29 28.49
CA GLY B 771 -14.30 3.69 29.03
C GLY B 771 -13.74 2.69 30.03
N ASN B 772 -14.60 2.11 30.86
CA ASN B 772 -14.19 1.08 31.80
C ASN B 772 -13.63 -0.17 31.10
N THR B 773 -14.36 -0.70 30.12
CA THR B 773 -13.92 -1.88 29.37
C THR B 773 -12.55 -1.63 28.70
N SER B 774 -12.42 -0.50 27.99
CA SER B 774 -11.15 -0.01 27.42
C SER B 774 -10.02 0.10 28.47
N GLY B 775 -10.30 0.77 29.61
CA GLY B 775 -9.34 0.89 30.73
C GLY B 775 -8.77 -0.44 31.21
N VAL B 776 -9.63 -1.43 31.40
CA VAL B 776 -9.20 -2.77 31.84
C VAL B 776 -8.35 -3.47 30.75
N ASP B 777 -8.78 -3.36 29.49
CA ASP B 777 -7.99 -3.84 28.34
C ASP B 777 -6.58 -3.24 28.34
N GLU B 778 -6.47 -1.92 28.60
CA GLU B 778 -5.17 -1.22 28.61
C GLU B 778 -4.30 -1.62 29.82
N MET B 779 -4.91 -2.15 30.87
CA MET B 779 -4.15 -2.70 31.98
C MET B 779 -3.50 -4.04 31.59
N LEU B 780 -4.21 -4.83 30.78
CA LEU B 780 -3.78 -6.18 30.48
C LEU B 780 -2.97 -6.31 29.19
N LEU B 781 -3.20 -5.36 28.29
CA LEU B 781 -2.61 -5.38 26.98
C LEU B 781 -2.57 -3.97 26.46
N GLN B 782 -1.37 -3.56 26.01
CA GLN B 782 -1.21 -2.38 25.20
C GLN B 782 -0.57 -2.74 23.87
N SER B 783 -0.81 -1.93 22.84
CA SER B 783 -0.25 -2.21 21.53
C SER B 783 -0.03 -0.97 20.67
N ASN B 784 0.02 0.20 21.28
CA ASN B 784 0.05 1.47 20.55
C ASN B 784 1.43 2.10 20.45
N SER B 785 2.37 1.57 21.22
CA SER B 785 3.68 2.22 21.37
C SER B 785 4.74 1.70 20.36
N THR B 786 5.88 2.41 20.30
CA THR B 786 6.96 2.05 19.39
C THR B 786 8.19 1.80 20.23
N PHE B 787 8.76 0.59 20.09
CA PHE B 787 9.99 0.16 20.79
C PHE B 787 11.18 0.54 19.93
N THR B 788 12.23 1.10 20.55
CA THR B 788 13.51 1.37 19.85
C THR B 788 14.66 0.58 20.53
N ASP B 789 15.24 -0.42 19.85
CA ASP B 789 16.32 -1.18 20.45
C ASP B 789 17.63 -0.34 20.42
N THR B 790 18.66 -0.81 21.10
CA THR B 790 19.89 0.00 21.26
C THR B 790 20.60 0.18 19.92
N ALA B 791 20.29 -0.68 18.94
CA ALA B 791 20.80 -0.53 17.56
C ALA B 791 20.06 0.54 16.74
N GLY B 792 18.95 1.04 17.27
CA GLY B 792 18.15 2.07 16.61
C GLY B 792 17.00 1.48 15.82
N LYS B 793 16.84 0.16 15.87
CA LYS B 793 15.75 -0.50 15.15
C LYS B 793 14.40 -0.26 15.86
N LYS B 794 13.38 0.06 15.08
CA LYS B 794 12.02 0.43 15.58
C LYS B 794 11.07 -0.74 15.42
N TYR B 795 10.20 -0.94 16.42
CA TYR B 795 9.17 -1.98 16.40
C TYR B 795 7.86 -1.25 16.73
N VAL B 796 7.08 -0.97 15.69
CA VAL B 796 5.87 -0.16 15.79
C VAL B 796 4.70 -1.02 16.21
N ASN B 797 3.94 -0.54 17.19
CA ASN B 797 2.75 -1.24 17.66
C ASN B 797 3.12 -2.64 18.16
N TYR B 798 4.16 -2.72 18.98
CA TYR B 798 4.52 -4.01 19.56
C TYR B 798 3.45 -4.40 20.60
N THR B 799 3.34 -5.71 20.82
CA THR B 799 2.36 -6.31 21.74
C THR B 799 2.95 -6.26 23.14
N ASN B 800 2.28 -5.58 24.05
CA ASN B 800 2.77 -5.38 25.40
C ASN B 800 1.85 -6.08 26.39
N ILE B 801 2.37 -7.16 26.97
CA ILE B 801 1.60 -8.04 27.85
C ILE B 801 1.64 -7.53 29.27
N LEU B 802 0.47 -7.41 29.93
CA LEU B 802 0.33 -6.93 31.34
C LEU B 802 1.13 -5.66 31.66
N PRO B 803 0.86 -4.60 30.90
CA PRO B 803 1.61 -3.35 31.02
C PRO B 803 1.29 -2.51 32.29
N ALA B 804 0.13 -2.71 32.90
CA ALA B 804 -0.22 -1.98 34.13
C ALA B 804 -1.09 -2.89 35.01
N LEU B 805 -0.48 -4.01 35.43
CA LEU B 805 -1.16 -5.02 36.18
C LEU B 805 -1.13 -4.58 37.65
N PRO B 806 -2.34 -4.44 38.28
CA PRO B 806 -2.45 -4.02 39.67
C PRO B 806 -2.02 -5.15 40.57
N ASP B 807 -1.36 -4.81 41.68
CA ASP B 807 -1.04 -5.82 42.74
C ASP B 807 -2.28 -6.48 43.30
N ALA B 808 -3.43 -5.80 43.26
CA ALA B 808 -4.73 -6.39 43.62
C ALA B 808 -5.14 -7.62 42.79
N TRP B 809 -4.62 -7.75 41.56
CA TRP B 809 -4.94 -8.90 40.73
C TRP B 809 -3.68 -9.71 40.59
N ALA B 810 -3.34 -10.49 41.64
CA ALA B 810 -2.04 -11.18 41.69
C ALA B 810 -1.98 -12.35 40.72
N GLY B 811 -3.13 -13.01 40.52
CA GLY B 811 -3.28 -14.12 39.59
C GLY B 811 -4.56 -13.96 38.76
N GLY B 812 -4.54 -14.52 37.55
CA GLY B 812 -5.68 -14.41 36.67
C GLY B 812 -5.35 -14.90 35.28
N SER B 813 -6.38 -14.86 34.44
CA SER B 813 -6.23 -15.09 33.02
C SER B 813 -7.23 -14.27 32.24
N VAL B 814 -6.88 -14.01 30.98
CA VAL B 814 -7.77 -13.31 30.03
C VAL B 814 -7.46 -13.95 28.69
N SER B 815 -8.47 -14.09 27.85
CA SER B 815 -8.29 -14.60 26.52
C SER B 815 -9.12 -13.80 25.53
N GLY B 816 -8.61 -13.63 24.32
CA GLY B 816 -9.41 -13.05 23.25
C GLY B 816 -9.28 -11.55 23.03
N LEU B 817 -8.42 -10.87 23.77
CA LEU B 817 -8.14 -9.44 23.48
C LEU B 817 -7.40 -9.32 22.14
N VAL B 818 -7.49 -8.17 21.51
CA VAL B 818 -6.82 -7.94 20.22
C VAL B 818 -5.74 -6.86 20.34
N ALA B 819 -4.57 -7.15 19.76
CA ALA B 819 -3.53 -6.12 19.66
C ALA B 819 -3.43 -5.60 18.25
N ARG B 820 -2.99 -4.35 18.11
CA ARG B 820 -2.68 -3.78 16.80
C ARG B 820 -1.77 -4.72 15.98
N GLY B 821 -2.06 -4.80 14.68
CA GLY B 821 -1.38 -5.68 13.74
C GLY B 821 -2.14 -6.98 13.58
N ASN B 822 -3.19 -7.09 14.40
CA ASN B 822 -4.16 -8.17 14.34
C ASN B 822 -3.64 -9.47 14.94
N PHE B 823 -3.35 -9.39 16.24
CA PHE B 823 -2.98 -10.56 17.02
C PHE B 823 -4.02 -10.72 18.09
N THR B 824 -4.52 -11.94 18.24
CA THR B 824 -5.40 -12.25 19.36
C THR B 824 -4.53 -12.70 20.52
N VAL B 825 -4.87 -12.20 21.71
CA VAL B 825 -3.97 -12.30 22.86
C VAL B 825 -4.66 -12.90 24.05
N GLY B 826 -4.07 -13.95 24.61
CA GLY B 826 -4.51 -14.49 25.90
C GLY B 826 -3.29 -14.55 26.80
N THR B 827 -3.49 -14.34 28.09
CA THR B 827 -2.37 -14.39 29.02
C THR B 827 -2.83 -14.92 30.37
N THR B 828 -2.02 -15.76 31.00
CA THR B 828 -2.24 -16.20 32.38
C THR B 828 -1.10 -15.71 33.24
N TRP B 829 -1.40 -15.30 34.47
CA TRP B 829 -0.37 -14.79 35.37
C TRP B 829 -0.61 -15.30 36.78
N LYS B 830 0.47 -15.44 37.54
CA LYS B 830 0.40 -15.86 38.93
C LYS B 830 1.44 -15.10 39.70
N ASN B 831 1.08 -14.70 40.91
CA ASN B 831 2.00 -13.97 41.77
C ASN B 831 2.57 -12.76 41.05
N GLY B 832 1.72 -12.10 40.26
CA GLY B 832 2.13 -10.85 39.62
C GLY B 832 2.96 -10.94 38.36
N LYS B 833 3.17 -12.15 37.82
CA LYS B 833 4.02 -12.36 36.64
C LYS B 833 3.36 -13.31 35.67
N ALA B 834 3.52 -13.04 34.38
CA ALA B 834 2.91 -13.87 33.36
C ALA B 834 3.52 -15.26 33.42
N THR B 835 2.65 -16.26 33.31
CA THR B 835 3.06 -17.67 33.24
C THR B 835 2.87 -18.25 31.85
N GLU B 836 2.01 -17.61 31.04
CA GLU B 836 1.75 -18.06 29.67
C GLU B 836 1.15 -16.92 28.87
N VAL B 837 1.59 -16.75 27.63
CA VAL B 837 0.96 -15.87 26.67
C VAL B 837 0.59 -16.78 25.49
N ARG B 838 -0.62 -16.59 24.95
CA ARG B 838 -0.98 -17.27 23.74
C ARG B 838 -1.21 -16.18 22.70
N LEU B 839 -0.37 -16.15 21.67
CA LEU B 839 -0.46 -15.11 20.66
C LEU B 839 -0.89 -15.77 19.37
N THR B 840 -2.08 -15.44 18.90
CA THR B 840 -2.59 -15.92 17.62
C THR B 840 -2.37 -14.81 16.63
N SER B 841 -1.61 -15.11 15.60
CA SER B 841 -1.36 -14.16 14.52
C SER B 841 -2.44 -14.34 13.49
N ASN B 842 -3.25 -13.31 13.29
CA ASN B 842 -4.35 -13.42 12.33
C ASN B 842 -3.99 -12.98 10.94
N LYS B 843 -2.89 -12.24 10.80
CA LYS B 843 -2.50 -11.72 9.48
C LYS B 843 -1.05 -12.04 9.04
N GLY B 844 -0.29 -12.80 9.84
CA GLY B 844 1.09 -13.18 9.45
C GLY B 844 2.12 -12.09 9.73
N LYS B 845 1.70 -11.04 10.46
CA LYS B 845 2.60 -9.94 10.78
C LYS B 845 3.73 -10.39 11.73
N GLN B 846 4.95 -9.89 11.52
CA GLN B 846 6.00 -10.23 12.45
C GLN B 846 5.60 -9.84 13.88
N ALA B 847 5.86 -10.76 14.82
CA ALA B 847 5.58 -10.51 16.22
C ALA B 847 6.72 -9.75 16.91
N ALA B 848 6.36 -8.86 17.82
CA ALA B 848 7.30 -8.21 18.71
C ALA B 848 6.57 -8.10 20.02
N VAL B 849 7.03 -8.84 21.02
CA VAL B 849 6.30 -9.02 22.29
C VAL B 849 7.08 -8.56 23.50
N LYS B 850 6.54 -7.57 24.21
CA LYS B 850 7.07 -7.18 25.53
C LYS B 850 6.25 -7.89 26.60
N ILE B 851 6.90 -8.37 27.65
CA ILE B 851 6.16 -8.90 28.77
C ILE B 851 6.55 -8.04 29.97
N THR B 852 5.72 -7.04 30.24
CA THR B 852 6.03 -6.09 31.31
C THR B 852 6.01 -6.80 32.66
N ALA B 853 5.09 -7.74 32.88
CA ALA B 853 5.09 -8.46 34.14
C ALA B 853 5.85 -9.77 33.97
N GLY B 854 7.18 -9.73 34.00
CA GLY B 854 7.97 -10.96 33.91
C GLY B 854 9.28 -10.72 33.21
N GLY B 855 9.26 -9.87 32.18
CA GLY B 855 10.43 -9.59 31.36
C GLY B 855 10.54 -10.60 30.24
N ALA B 856 10.33 -10.17 28.99
CA ALA B 856 10.28 -11.06 27.82
C ALA B 856 11.54 -11.89 27.64
N GLN B 857 12.67 -11.36 28.11
CA GLN B 857 13.97 -12.06 28.02
C GLN B 857 14.03 -13.37 28.80
N ASN B 858 13.07 -13.54 29.72
CA ASN B 858 12.98 -14.74 30.56
C ASN B 858 12.07 -15.84 30.00
N TYR B 859 11.56 -15.66 28.77
CA TYR B 859 10.54 -16.54 28.19
C TYR B 859 10.99 -17.15 26.85
N GLU B 860 10.35 -18.23 26.44
CA GLU B 860 10.65 -18.78 25.13
C GLU B 860 9.34 -19.03 24.42
N VAL B 861 9.40 -19.11 23.10
CA VAL B 861 8.22 -19.31 22.29
C VAL B 861 8.17 -20.62 21.51
N LYS B 862 6.96 -21.18 21.49
CA LYS B 862 6.70 -22.42 20.77
C LYS B 862 5.47 -22.29 19.89
N ASN B 863 5.51 -23.08 18.81
CA ASN B 863 4.38 -23.31 17.97
C ASN B 863 3.98 -24.73 18.27
N GLY B 864 3.06 -24.93 19.20
CA GLY B 864 2.72 -26.30 19.63
C GLY B 864 3.91 -26.91 20.35
N ASP B 865 4.43 -28.03 19.83
CA ASP B 865 5.61 -28.66 20.44
C ASP B 865 6.95 -28.22 19.84
N THR B 866 6.88 -27.54 18.70
CA THR B 866 8.05 -27.05 17.98
C THR B 866 8.59 -25.74 18.55
N ALA B 867 9.91 -25.67 18.73
CA ALA B 867 10.56 -24.44 19.16
C ALA B 867 10.55 -23.37 18.05
N VAL B 868 10.28 -22.12 18.44
CA VAL B 868 10.25 -21.03 17.48
C VAL B 868 11.57 -20.23 17.60
N ASN B 869 12.11 -19.84 16.45
CA ASN B 869 13.36 -19.10 16.37
C ASN B 869 13.15 -17.62 16.76
N ALA B 870 12.99 -17.32 18.07
CA ALA B 870 12.68 -15.96 18.49
C ALA B 870 13.91 -15.25 19.01
N LYS B 871 14.19 -14.08 18.48
CA LYS B 871 15.29 -13.34 19.05
C LYS B 871 14.84 -12.32 20.10
N VAL B 872 15.77 -11.96 20.98
CA VAL B 872 15.50 -11.03 22.05
C VAL B 872 16.23 -9.73 21.71
N VAL B 873 15.53 -8.61 21.71
CA VAL B 873 16.18 -7.29 21.56
C VAL B 873 15.90 -6.44 22.78
N THR B 874 16.77 -5.47 23.07
CA THR B 874 16.73 -4.70 24.29
C THR B 874 16.91 -3.20 23.95
N ASN B 875 16.24 -2.32 24.69
CA ASN B 875 16.43 -0.87 24.53
C ASN B 875 17.38 -0.32 25.60
N ALA B 876 17.64 0.97 25.54
CA ALA B 876 18.54 1.62 26.48
C ALA B 876 18.02 1.52 27.96
N ASP B 877 16.69 1.58 28.17
CA ASP B 877 15.96 1.44 29.48
C ASP B 877 16.17 0.05 30.14
N GLY B 878 16.67 -0.92 29.36
CA GLY B 878 16.76 -2.32 29.80
C GLY B 878 15.54 -3.22 29.52
N ALA B 879 14.55 -2.70 28.79
CA ALA B 879 13.38 -3.50 28.40
C ALA B 879 13.69 -4.37 27.19
N SER B 880 13.10 -5.57 27.15
CA SER B 880 13.33 -6.54 26.07
C SER B 880 12.05 -6.88 25.33
N LEU B 881 12.19 -7.20 24.04
CA LEU B 881 11.12 -7.80 23.22
C LEU B 881 11.56 -9.16 22.70
N LEU B 882 10.61 -10.08 22.59
CA LEU B 882 10.75 -11.29 21.78
C LEU B 882 10.22 -10.97 20.38
N VAL B 883 11.07 -11.21 19.37
CA VAL B 883 10.76 -10.89 17.96
C VAL B 883 10.78 -12.19 17.13
N PHE B 884 9.69 -12.50 16.44
CA PHE B 884 9.63 -13.71 15.63
C PHE B 884 8.66 -13.57 14.48
N ASP B 885 8.92 -14.30 13.39
CA ASP B 885 8.00 -14.39 12.28
C ASP B 885 6.76 -15.17 12.71
N THR B 886 5.63 -14.87 12.07
CA THR B 886 4.43 -15.62 12.35
C THR B 886 3.75 -16.01 11.05
N THR B 887 2.79 -16.92 11.16
CA THR B 887 1.98 -17.36 10.06
C THR B 887 0.53 -17.11 10.44
N ALA B 888 -0.28 -16.61 9.53
CA ALA B 888 -1.69 -16.34 9.78
C ALA B 888 -2.41 -17.62 10.19
N GLY B 889 -3.13 -17.56 11.31
CA GLY B 889 -3.92 -18.66 11.81
C GLY B 889 -3.17 -19.47 12.84
N THR B 890 -1.90 -19.11 13.07
CA THR B 890 -1.10 -19.85 14.03
C THR B 890 -1.10 -19.18 15.37
N THR B 891 -1.16 -19.99 16.43
CA THR B 891 -1.07 -19.52 17.81
C THR B 891 0.28 -19.94 18.41
N TYR B 892 0.97 -18.97 18.98
CA TYR B 892 2.28 -19.16 19.60
C TYR B 892 2.14 -19.10 21.11
N THR B 893 2.75 -20.07 21.78
CA THR B 893 2.72 -20.13 23.24
C THR B 893 4.05 -19.66 23.82
N ILE B 894 3.97 -18.66 24.71
CA ILE B 894 5.14 -18.10 25.34
C ILE B 894 5.12 -18.45 26.82
N THR B 895 6.20 -19.05 27.32
CA THR B 895 6.29 -19.53 28.70
C THR B 895 7.66 -19.22 29.32
N LYS B 896 7.75 -19.24 30.64
CA LYS B 896 9.03 -18.94 31.27
C LYS B 896 10.02 -20.06 30.95
N LYS B 897 11.24 -19.67 30.60
CA LYS B 897 12.29 -20.67 30.41
C LYS B 897 12.57 -21.39 31.73
#